data_7T73
#
_entry.id   7T73
#
_cell.length_a   1.00
_cell.length_b   1.00
_cell.length_c   1.00
_cell.angle_alpha   90.00
_cell.angle_beta   90.00
_cell.angle_gamma   90.00
#
_symmetry.space_group_name_H-M   'P 1'
#
loop_
_entity.id
_entity.type
_entity.pdbx_description
1 polymer 'PCT64.LMCA Fab Heavy Chain'
2 polymer 'PCT64.LMCA Fab Light Chain'
3 polymer 'HIV Envelope ApexGT2.2MUT gp120'
4 polymer 'HIV Envelope ApexGT2.2MUT gp41'
5 branched 2-acetamido-2-deoxy-beta-D-glucopyranose-(1-4)-2-acetamido-2-deoxy-beta-D-glucopyranose
6 branched alpha-D-mannopyranose-(1-3)-beta-D-mannopyranose-(1-4)-2-acetamido-2-deoxy-beta-D-glucopyranose-(1-4)-2-acetamido-2-deoxy-beta-D-glucopyranose
7 branched beta-D-mannopyranose-(1-4)-2-acetamido-2-deoxy-beta-D-glucopyranose-(1-4)-2-acetamido-2-deoxy-beta-D-glucopyranose
8 branched alpha-D-mannopyranose-(1-3)-[alpha-D-mannopyranose-(1-6)]alpha-D-mannopyranose-(1-6)-[alpha-D-mannopyranose-(1-3)]beta-D-mannopyranose-(1-4)-2-acetamido-2-deoxy-beta-D-glucopyranose-(1-4)-2-acetamido-2-deoxy-beta-D-glucopyranose
9 non-polymer 2-acetamido-2-deoxy-beta-D-glucopyranose
#
loop_
_entity_poly.entity_id
_entity_poly.type
_entity_poly.pdbx_seq_one_letter_code
_entity_poly.pdbx_strand_id
1 'polypeptide(L)'
;EVQLVESGGGLVKPGGSLRLSCAASGFTFSNAWMSWVRQAPGKGLEWVGRIKSKTDGGTTDYAAPVKGRFTISRDDSKNT
LYLQMNSLKTEDTAVYYCTTGVETYDFWSG(TYS)DDH(TYS)YDYYFRDVWGKGTTVTVSSASTKGPSVFPLAPSSKST
SGGTAALGCLVKDYFPEPVTVSWNSGALTSGVHTFPAVLQSSGLYSLSSVVTVPSSSLGTQTYICNVNHKPSNTKVDKKV
EPKSCD
;
H
2 'polypeptide(L)'
;EIVLTQSPGTLSLSPGERATLSCRASQSVSSSYLAWYQQKPGQAPRLLIYGASSRATGIPDRFSGSGSGTDFTLTISRLE
PEDFAVYYCQQYGSSFTFGPGTKVDIKRTVAAPSVFIFPPSDEQLKSGTASVVCLLNNFYPREAKVQWKVDNALQSGNSQ
ESVTEQDSKDSTYSLSSTLTLSKADYEKHKVYACEVTHQGLSSPVTKSFNRGEC
;
L
3 'polypeptide(L)'
;MGILPSPGMPALLSLVSLLSVLLMGCVAETGAENLWVTVYYGVPVWKDAETTLFCASDAKAYETEKHNVWATHACVPTDP
NPQEIHLENVTEEFNMWKNNMVEQMHEDIISLWDQSLKPCVKLTPLCVTLQCTNVTNNITDDMRGELKNCSFNATTELRN
KRQKVYSLFYRLDIVPMGENSANYRLIDCNTSAITQACPKVSFEPIPIHYCAPAGFAILKCKDKKFNGTGPCPSVSTVQC
THGIKPVVSTQLLLNGSLAEEEVIIRSENITNNAKNILVQLNTPVQINCTRPNNNTVKSIRIGPGQAFYYTGDIIGDIRQ
AHCNVSKATWNETLGKVVKQLRKHFGNNTIIRFAQSSGGDLEVTTHSFNCGGEFFYCNTSGLFNSTWISNTSVQGSNSTG
SNDSITLPCRIKQIINMWQRIGQAMYAPPIQGVIRCVSNITGLILTRDGGSTNSTTETFRPGGGDMRDNWRSELYKYKVV
KIEPLGVAPTRCKRRVVGRRRRRR
;
A,C,E
4 'polypeptide(L)'
;AVGIGAVSLGFLGAAGSTMGAASMTLTVQARNLLSGIVQQQSNLLRAPEPQQHLLKDTHWGIKQLQARVLAVEHYLRDQQ
LLGIWGCSGKLICCTNVPWNSSWSNRNLSEIWDNMTWLQWDKEISNYTQIIYGLLEESQNQQEKNEQDLLALDGTKHHHH
HH
;
B,D,F
#
# COMPACT_ATOMS: atom_id res chain seq x y z
N GLU A 1 -21.66 -17.44 40.20
CA GLU A 1 -22.74 -17.29 41.20
C GLU A 1 -22.21 -16.39 42.33
N VAL A 2 -22.80 -15.21 42.52
CA VAL A 2 -22.21 -14.32 43.51
C VAL A 2 -22.64 -14.73 44.92
N GLN A 3 -22.01 -15.79 45.38
CA GLN A 3 -22.22 -16.38 46.68
C GLN A 3 -20.96 -17.05 47.16
N LEU A 4 -20.47 -16.63 48.31
CA LEU A 4 -19.25 -17.16 48.88
C LEU A 4 -19.54 -18.54 49.49
N VAL A 5 -18.61 -19.50 49.37
CA VAL A 5 -18.77 -20.79 49.99
C VAL A 5 -18.46 -20.67 51.46
N GLU A 6 -19.33 -21.24 52.27
CA GLU A 6 -19.17 -21.21 53.71
C GLU A 6 -18.47 -22.44 54.22
N SER A 7 -17.60 -22.23 55.19
CA SER A 7 -16.87 -23.31 55.85
C SER A 7 -16.41 -22.83 57.20
N GLY A 8 -15.54 -23.61 57.84
CA GLY A 8 -15.06 -23.23 59.17
C GLY A 8 -16.01 -23.62 60.31
N GLY A 9 -16.83 -24.65 60.12
CA GLY A 9 -17.72 -25.06 61.20
C GLY A 9 -16.98 -26.10 62.05
N GLY A 10 -17.69 -26.76 62.96
CA GLY A 10 -17.08 -27.78 63.82
C GLY A 10 -16.89 -27.32 65.26
N LEU A 11 -16.57 -28.27 66.14
CA LEU A 11 -16.39 -28.02 67.57
C LEU A 11 -14.92 -28.02 67.99
N VAL A 12 -14.53 -26.96 68.68
CA VAL A 12 -13.18 -26.80 69.22
C VAL A 12 -13.21 -26.40 70.69
N LYS A 13 -12.07 -26.48 71.35
CA LYS A 13 -11.94 -25.99 72.71
C LYS A 13 -11.05 -24.75 72.66
N PRO A 14 -11.17 -23.78 73.59
CA PRO A 14 -10.25 -22.65 73.73
C PRO A 14 -8.80 -23.07 73.80
N GLY A 15 -8.54 -24.22 74.45
CA GLY A 15 -7.21 -24.79 74.62
C GLY A 15 -6.84 -25.62 73.40
N GLY A 16 -6.85 -24.96 72.26
CA GLY A 16 -6.63 -25.57 70.97
C GLY A 16 -6.57 -24.53 69.87
N SER A 17 -6.97 -24.94 68.68
CA SER A 17 -6.94 -24.10 67.50
C SER A 17 -8.14 -24.38 66.61
N LEU A 18 -8.46 -23.38 65.79
CA LEU A 18 -9.54 -23.40 64.83
C LEU A 18 -9.16 -22.72 63.53
N ARG A 19 -9.49 -23.32 62.40
CA ARG A 19 -9.24 -22.62 61.16
C ARG A 19 -10.54 -22.46 60.39
N LEU A 20 -10.83 -21.23 60.03
CA LEU A 20 -12.04 -20.92 59.30
C LEU A 20 -11.65 -20.69 57.84
N SER A 21 -12.54 -21.01 56.92
CA SER A 21 -12.23 -20.75 55.52
C SER A 21 -13.50 -20.38 54.76
N CYS A 22 -13.35 -19.71 53.58
CA CYS A 22 -14.47 -19.24 52.76
C CYS A 22 -14.05 -18.79 51.36
N ALA A 23 -15.09 -18.47 50.54
CA ALA A 23 -14.99 -17.77 49.23
C ALA A 23 -15.51 -18.56 48.04
N ALA A 24 -15.62 -17.91 46.87
CA ALA A 24 -16.24 -18.54 45.71
C ALA A 24 -15.76 -17.96 44.38
N SER A 25 -16.18 -18.63 43.31
CA SER A 25 -15.89 -18.25 41.94
C SER A 25 -16.69 -17.00 41.56
N GLY A 26 -16.39 -16.42 40.39
CA GLY A 26 -17.06 -15.19 39.97
C GLY A 26 -16.36 -14.00 40.60
N PHE A 27 -16.55 -13.83 41.91
CA PHE A 27 -15.85 -12.77 42.65
C PHE A 27 -14.50 -13.30 43.09
N THR A 28 -13.63 -13.48 42.10
CA THR A 28 -12.32 -14.06 42.25
C THR A 28 -11.33 -13.05 42.77
N PHE A 29 -10.16 -13.54 43.20
CA PHE A 29 -9.16 -12.66 43.78
C PHE A 29 -8.59 -11.66 42.80
N SER A 30 -8.53 -11.97 41.53
CA SER A 30 -7.97 -11.01 40.59
C SER A 30 -8.79 -9.72 40.50
N ASN A 31 -10.04 -9.77 40.95
CA ASN A 31 -10.91 -8.61 40.94
C ASN A 31 -11.33 -8.18 42.35
N ALA A 32 -10.72 -8.70 43.42
CA ALA A 32 -11.24 -8.35 44.74
C ALA A 32 -10.28 -8.47 45.91
N TRP A 33 -10.45 -7.57 46.90
CA TRP A 33 -9.69 -7.68 48.18
C TRP A 33 -10.72 -8.14 49.22
N MET A 34 -10.39 -9.06 50.12
CA MET A 34 -11.41 -9.65 50.98
C MET A 34 -11.14 -9.49 52.47
N SER A 35 -12.20 -9.53 53.26
CA SER A 35 -12.06 -9.36 54.69
C SER A 35 -12.99 -10.21 55.55
N TRP A 36 -12.63 -10.25 56.84
CA TRP A 36 -13.42 -10.95 57.83
C TRP A 36 -14.01 -9.92 58.80
N VAL A 37 -15.26 -10.16 59.18
CA VAL A 37 -16.06 -9.39 60.14
C VAL A 37 -16.71 -10.34 61.15
N ARG A 38 -16.79 -9.97 62.41
CA ARG A 38 -17.43 -10.85 63.36
C ARG A 38 -18.53 -10.17 64.16
N GLN A 39 -19.49 -10.94 64.66
CA GLN A 39 -20.52 -10.37 65.51
C GLN A 39 -20.99 -11.25 66.64
N ALA A 40 -20.77 -10.82 67.87
CA ALA A 40 -21.23 -11.55 69.03
C ALA A 40 -22.73 -11.30 69.15
N PRO A 41 -23.55 -12.25 69.63
CA PRO A 41 -24.94 -12.02 69.86
C PRO A 41 -25.12 -10.83 70.78
N GLY A 42 -26.02 -9.93 70.42
CA GLY A 42 -26.29 -8.73 71.22
C GLY A 42 -25.36 -7.57 70.92
N LYS A 43 -24.38 -7.78 70.05
CA LYS A 43 -23.39 -6.78 69.69
C LYS A 43 -23.48 -6.36 68.23
N GLY A 44 -22.80 -5.26 67.91
CA GLY A 44 -22.76 -4.79 66.53
C GLY A 44 -21.64 -5.50 65.78
N LEU A 45 -21.33 -5.05 64.59
CA LEU A 45 -20.32 -5.71 63.77
C LEU A 45 -18.93 -5.27 64.19
N GLU A 46 -17.96 -6.18 64.18
CA GLU A 46 -16.58 -5.82 64.46
C GLU A 46 -15.68 -6.26 63.33
N TRP A 47 -14.80 -5.41 62.89
CA TRP A 47 -13.89 -5.80 61.84
C TRP A 47 -12.78 -6.67 62.40
N VAL A 48 -12.40 -7.73 61.68
CA VAL A 48 -11.33 -8.63 62.10
C VAL A 48 -10.03 -8.32 61.35
N GLY A 49 -10.14 -8.20 60.05
CA GLY A 49 -8.96 -7.95 59.25
C GLY A 49 -9.22 -8.04 57.76
N ARG A 50 -8.27 -7.55 56.96
CA ARG A 50 -8.42 -7.56 55.50
C ARG A 50 -7.14 -7.86 54.77
N ILE A 51 -7.27 -8.62 53.70
CA ILE A 51 -6.13 -8.96 52.87
C ILE A 51 -6.35 -8.51 51.43
N LYS A 52 -5.34 -7.88 50.86
CA LYS A 52 -5.39 -7.37 49.50
C LYS A 52 -5.12 -8.50 48.53
N SER A 53 -5.51 -8.31 47.28
CA SER A 53 -5.24 -9.28 46.22
C SER A 53 -3.76 -9.26 45.82
N LYS A 54 -3.38 -10.32 45.11
CA LYS A 54 -2.04 -10.64 44.51
C LYS A 54 -1.39 -9.37 43.95
N THR A 55 -1.96 -8.80 42.86
CA THR A 55 -1.37 -7.66 42.11
C THR A 55 -0.82 -6.58 43.04
N ASP A 56 -1.69 -5.89 43.79
CA ASP A 56 -1.27 -4.75 44.62
C ASP A 56 -0.40 -5.18 45.82
N GLY A 57 -0.10 -6.48 46.01
CA GLY A 57 0.88 -6.88 47.02
C GLY A 57 0.31 -7.91 47.95
N GLY A 58 -0.71 -7.53 48.71
CA GLY A 58 -1.34 -8.46 49.64
C GLY A 58 -1.15 -8.16 51.13
N THR A 59 -0.61 -7.00 51.49
CA THR A 59 -0.42 -6.68 52.90
C THR A 59 -1.75 -6.77 53.65
N THR A 60 -1.72 -7.45 54.80
CA THR A 60 -2.91 -7.66 55.60
C THR A 60 -2.96 -6.78 56.85
N ASP A 61 -4.08 -6.10 57.05
CA ASP A 61 -4.30 -5.28 58.24
C ASP A 61 -5.20 -6.03 59.20
N TYR A 62 -4.99 -5.83 60.51
CA TYR A 62 -5.81 -6.48 61.51
C TYR A 62 -6.32 -5.54 62.58
N ALA A 63 -7.47 -5.88 63.15
CA ALA A 63 -8.01 -5.19 64.31
C ALA A 63 -7.20 -5.59 65.55
N ALA A 64 -7.00 -4.67 66.49
CA ALA A 64 -6.22 -4.95 67.70
C ALA A 64 -6.54 -6.28 68.43
N PRO A 65 -7.79 -6.67 68.72
CA PRO A 65 -8.11 -7.88 69.47
C PRO A 65 -7.68 -9.19 68.81
N VAL A 66 -7.39 -9.14 67.52
CA VAL A 66 -7.00 -10.32 66.78
C VAL A 66 -5.59 -10.24 66.21
N LYS A 67 -4.77 -9.32 66.70
CA LYS A 67 -3.41 -9.24 66.17
C LYS A 67 -2.51 -10.36 66.68
N GLY A 68 -1.53 -10.70 65.85
CA GLY A 68 -0.46 -11.63 66.20
C GLY A 68 -0.77 -13.11 66.00
N ARG A 69 -1.74 -13.63 66.75
CA ARG A 69 -2.04 -15.07 66.62
C ARG A 69 -3.33 -15.42 65.91
N PHE A 70 -4.00 -14.45 65.33
CA PHE A 70 -5.24 -14.75 64.65
C PHE A 70 -5.15 -14.23 63.21
N THR A 71 -4.27 -14.81 62.41
CA THR A 71 -3.96 -14.26 61.11
C THR A 71 -4.86 -14.65 59.93
N ILE A 72 -4.72 -13.90 58.85
CA ILE A 72 -5.46 -14.05 57.60
C ILE A 72 -4.55 -14.32 56.42
N SER A 73 -4.98 -15.24 55.57
CA SER A 73 -4.21 -15.57 54.38
C SER A 73 -5.10 -15.74 53.16
N ARG A 74 -4.45 -15.68 51.99
CA ARG A 74 -5.07 -15.78 50.68
C ARG A 74 -4.42 -16.94 49.91
N ASP A 75 -5.25 -17.85 49.38
CA ASP A 75 -4.82 -19.06 48.64
C ASP A 75 -4.20 -18.87 47.23
N ASP A 76 -4.78 -17.97 46.44
CA ASP A 76 -4.42 -17.68 45.04
C ASP A 76 -4.63 -18.80 44.00
N SER A 77 -5.31 -19.91 44.35
CA SER A 77 -5.55 -20.98 43.37
C SER A 77 -7.05 -21.24 43.22
N LYS A 78 -7.70 -21.52 44.34
CA LYS A 78 -9.13 -21.86 44.38
C LYS A 78 -9.95 -20.68 44.86
N ASN A 79 -9.29 -19.52 44.93
CA ASN A 79 -9.86 -18.26 45.40
C ASN A 79 -10.38 -18.32 46.83
N THR A 80 -9.70 -19.03 47.75
CA THR A 80 -10.20 -19.05 49.12
C THR A 80 -9.34 -18.34 50.15
N LEU A 81 -10.02 -17.95 51.22
CA LEU A 81 -9.41 -17.30 52.36
C LEU A 81 -9.37 -18.17 53.55
N TYR A 82 -8.41 -17.89 54.41
CA TYR A 82 -8.34 -18.58 55.68
C TYR A 82 -8.18 -17.60 56.82
N LEU A 83 -8.80 -17.92 57.95
CA LEU A 83 -8.63 -17.20 59.21
C LEU A 83 -8.24 -18.18 60.29
N GLN A 84 -7.07 -17.97 60.84
CA GLN A 84 -6.49 -18.83 61.85
C GLN A 84 -6.83 -18.30 63.22
N MET A 85 -7.32 -19.14 64.12
CA MET A 85 -7.60 -18.70 65.48
C MET A 85 -6.96 -19.65 66.50
N ASN A 86 -6.39 -19.09 67.58
CA ASN A 86 -5.75 -19.90 68.62
C ASN A 86 -6.03 -19.35 70.03
N SER A 87 -5.99 -20.23 71.04
CA SER A 87 -6.13 -19.76 72.43
C SER A 87 -7.33 -18.82 72.52
N LEU A 88 -8.50 -19.39 72.31
CA LEU A 88 -9.70 -18.59 72.15
C LEU A 88 -10.04 -17.82 73.40
N LYS A 89 -10.50 -16.59 73.18
CA LYS A 89 -10.88 -15.65 74.24
C LYS A 89 -12.38 -15.51 74.35
N THR A 90 -12.88 -14.97 75.45
CA THR A 90 -14.33 -14.83 75.58
C THR A 90 -14.93 -13.83 74.60
N GLU A 91 -14.14 -12.86 74.13
CA GLU A 91 -14.66 -11.92 73.15
C GLU A 91 -14.80 -12.55 71.76
N ASP A 92 -14.31 -13.78 71.59
CA ASP A 92 -14.35 -14.45 70.30
C ASP A 92 -15.65 -15.22 70.13
N THR A 93 -16.58 -15.13 71.10
CA THR A 93 -17.87 -15.83 70.98
C THR A 93 -18.75 -15.04 70.03
N ALA A 94 -18.44 -15.19 68.75
CA ALA A 94 -19.04 -14.42 67.70
C ALA A 94 -19.20 -15.19 66.42
N VAL A 95 -20.11 -14.70 65.61
CA VAL A 95 -20.33 -15.22 64.28
C VAL A 95 -19.31 -14.60 63.36
N TYR A 96 -18.61 -15.42 62.60
CA TYR A 96 -17.58 -14.94 61.67
C TYR A 96 -18.01 -15.01 60.24
N TYR A 97 -18.09 -13.83 59.66
CA TYR A 97 -18.56 -13.64 58.32
C TYR A 97 -17.39 -13.40 57.38
N CYS A 98 -17.55 -13.91 56.15
CA CYS A 98 -16.65 -13.74 55.03
C CYS A 98 -17.32 -12.68 54.14
N THR A 99 -16.54 -11.67 53.75
CA THR A 99 -17.14 -10.59 52.91
C THR A 99 -16.12 -9.74 52.14
N THR A 100 -16.57 -9.22 50.98
CA THR A 100 -15.73 -8.44 50.03
C THR A 100 -16.70 -7.81 49.02
N GLY A 101 -16.21 -7.22 47.91
CA GLY A 101 -17.08 -6.57 46.90
C GLY A 101 -16.40 -6.38 45.56
N VAL A 102 -17.14 -6.41 44.44
CA VAL A 102 -16.49 -6.11 43.18
C VAL A 102 -17.02 -4.88 42.50
N GLU A 103 -16.08 -4.00 42.15
CA GLU A 103 -16.43 -2.81 41.33
C GLU A 103 -16.34 -3.25 39.88
N THR A 104 -17.46 -3.25 39.19
CA THR A 104 -17.54 -3.68 37.81
C THR A 104 -17.81 -2.54 36.88
N TYR A 105 -17.01 -2.58 35.83
CA TYR A 105 -17.13 -1.50 34.87
C TYR A 105 -17.59 -2.13 33.59
N ASP A 106 -18.39 -1.42 32.81
CA ASP A 106 -18.76 -1.88 31.49
C ASP A 106 -18.77 -0.68 30.57
N PHE A 107 -17.70 -0.57 29.79
CA PHE A 107 -17.46 0.59 28.95
C PHE A 107 -18.19 0.43 27.63
N TRP A 108 -18.76 1.52 27.14
CA TRP A 108 -19.52 1.45 25.91
C TRP A 108 -18.64 1.65 24.71
N SER A 109 -17.38 1.97 24.95
CA SER A 109 -16.46 2.23 23.88
C SER A 109 -15.02 1.91 24.23
N GLY A 110 -14.28 1.55 23.18
CA GLY A 110 -12.84 1.31 23.27
C GLY A 110 -11.97 2.56 22.98
N ASP A 112 -13.13 6.73 24.03
CA ASP A 112 -13.34 7.54 25.26
C ASP A 112 -13.83 6.61 26.36
N ASP A 113 -13.50 6.87 27.61
CA ASP A 113 -13.98 6.02 28.68
C ASP A 113 -14.92 6.63 29.73
N HIS A 114 -15.61 7.72 29.38
CA HIS A 114 -16.58 8.33 30.32
C HIS A 114 -18.06 8.00 30.08
N TYR A 116 -19.83 4.80 30.45
CA TYR A 116 -19.64 3.49 31.14
C TYR A 116 -20.67 3.17 32.21
N ASP A 117 -21.24 1.93 32.28
CA ASP A 117 -22.12 1.70 33.39
C ASP A 117 -21.19 1.40 34.52
N TYR A 118 -21.75 1.25 35.69
CA TYR A 118 -20.94 0.92 36.82
C TYR A 118 -21.76 0.23 37.85
N TYR A 119 -21.15 -0.77 38.46
CA TYR A 119 -21.90 -1.60 39.39
C TYR A 119 -21.02 -1.79 40.59
N PHE A 120 -21.52 -1.74 41.83
CA PHE A 120 -20.73 -2.05 43.04
C PHE A 120 -21.53 -2.97 43.96
N ARG A 121 -21.25 -4.27 43.88
CA ARG A 121 -21.96 -5.25 44.65
C ARG A 121 -21.09 -5.92 45.68
N ASP A 122 -21.57 -5.97 46.91
CA ASP A 122 -20.90 -6.68 48.02
C ASP A 122 -21.59 -8.02 48.20
N VAL A 123 -20.85 -9.03 48.59
CA VAL A 123 -21.37 -10.34 48.87
C VAL A 123 -20.96 -10.79 50.26
N TRP A 124 -21.91 -11.37 50.96
CA TRP A 124 -21.69 -11.87 52.30
C TRP A 124 -22.03 -13.33 52.43
N GLY A 125 -21.29 -13.99 53.30
CA GLY A 125 -21.57 -15.36 53.67
C GLY A 125 -22.66 -15.33 54.74
N LYS A 126 -22.89 -16.42 55.43
CA LYS A 126 -23.96 -16.46 56.40
C LYS A 126 -23.36 -16.35 57.79
N GLY A 127 -22.13 -16.84 57.91
CA GLY A 127 -21.40 -16.79 59.16
C GLY A 127 -21.31 -18.10 59.93
N THR A 128 -20.10 -18.40 60.40
CA THR A 128 -19.82 -19.60 61.19
C THR A 128 -19.60 -19.21 62.62
N THR A 129 -19.45 -20.16 63.52
CA THR A 129 -19.25 -19.77 64.91
C THR A 129 -18.01 -20.36 65.55
N VAL A 130 -17.56 -19.69 66.58
CA VAL A 130 -16.44 -20.13 67.35
C VAL A 130 -16.87 -20.63 68.71
N THR A 131 -16.64 -21.91 68.95
CA THR A 131 -17.10 -22.53 70.17
C THR A 131 -16.10 -22.32 71.31
N VAL A 132 -16.04 -21.09 71.86
CA VAL A 132 -15.07 -20.71 72.90
C VAL A 132 -15.39 -21.52 74.17
N GLU B 1 -7.55 3.19 64.37
CA GLU B 1 -8.89 2.69 64.66
C GLU B 1 -9.82 3.88 65.04
N ILE B 2 -10.75 4.21 64.13
CA ILE B 2 -11.73 5.30 64.26
C ILE B 2 -12.84 4.88 65.23
N VAL B 3 -13.17 5.73 66.18
CA VAL B 3 -14.16 5.33 67.15
C VAL B 3 -15.51 5.95 66.88
N LEU B 4 -16.45 5.10 66.54
CA LEU B 4 -17.79 5.51 66.24
C LEU B 4 -18.80 5.30 67.34
N THR B 5 -19.67 6.30 67.52
CA THR B 5 -20.77 6.17 68.53
C THR B 5 -22.06 6.64 67.85
N GLN B 6 -22.89 5.68 67.38
CA GLN B 6 -24.17 6.01 66.70
C GLN B 6 -25.10 6.73 67.69
N SER B 7 -25.42 8.00 67.42
CA SER B 7 -26.24 8.79 68.38
C SER B 7 -27.66 8.23 68.60
N PRO B 8 -28.47 7.87 67.57
CA PRO B 8 -29.84 7.40 67.83
C PRO B 8 -29.93 6.08 68.61
N GLY B 9 -29.16 5.06 68.20
CA GLY B 9 -29.18 3.73 68.85
C GLY B 9 -30.56 3.09 68.86
N THR B 10 -31.62 3.84 69.17
CA THR B 10 -32.96 3.31 69.31
C THR B 10 -33.94 4.24 68.61
N LEU B 11 -34.14 4.04 67.33
CA LEU B 11 -35.00 4.90 66.54
C LEU B 11 -36.30 4.14 66.36
N SER B 12 -37.44 4.78 66.55
CA SER B 12 -38.70 4.07 66.35
C SER B 12 -39.70 4.92 65.60
N LEU B 13 -40.02 4.47 64.40
CA LEU B 13 -40.93 5.18 63.52
C LEU B 13 -41.86 4.27 62.78
N SER B 14 -43.07 4.73 62.55
CA SER B 14 -44.01 3.97 61.76
C SER B 14 -43.49 3.85 60.32
N PRO B 15 -43.83 2.80 59.58
CA PRO B 15 -43.53 2.69 58.18
C PRO B 15 -44.11 3.93 57.52
N GLY B 16 -43.39 4.47 56.54
CA GLY B 16 -43.76 5.68 55.82
C GLY B 16 -43.05 6.93 56.36
N GLU B 17 -42.40 6.82 57.52
CA GLU B 17 -41.68 7.92 58.15
C GLU B 17 -40.20 7.96 57.74
N ARG B 18 -39.55 9.11 57.97
CA ARG B 18 -38.12 9.27 57.66
C ARG B 18 -37.17 8.88 58.78
N ALA B 19 -36.38 7.84 58.56
CA ALA B 19 -35.49 7.34 59.59
C ALA B 19 -34.17 8.04 59.55
N THR B 20 -34.06 9.17 60.22
CA THR B 20 -32.77 9.83 60.15
C THR B 20 -31.84 9.16 61.13
N LEU B 21 -30.73 8.68 60.60
CA LEU B 21 -29.69 7.98 61.34
C LEU B 21 -28.44 8.84 61.39
N SER B 22 -27.71 8.70 62.49
CA SER B 22 -26.47 9.52 62.68
C SER B 22 -25.37 8.75 63.39
N CYS B 23 -24.12 8.99 63.00
CA CYS B 23 -22.94 8.42 63.64
C CYS B 23 -21.84 9.47 63.73
N ARG B 24 -20.99 9.33 64.76
CA ARG B 24 -19.99 10.40 65.00
C ARG B 24 -18.64 9.80 65.42
N ALA B 25 -17.54 10.39 64.93
CA ALA B 25 -16.19 9.99 65.36
C ALA B 25 -15.29 11.20 65.56
N SER B 26 -14.39 11.11 66.53
CA SER B 26 -13.43 12.17 66.77
C SER B 26 -12.28 12.17 65.77
N GLN B 27 -12.00 11.03 65.15
CA GLN B 27 -10.92 10.99 64.19
C GLN B 27 -11.42 11.54 62.86
N SER B 28 -10.56 12.29 62.18
CA SER B 28 -10.91 12.84 60.88
C SER B 28 -10.37 11.99 59.74
N VAL B 29 -11.29 11.49 58.93
CA VAL B 29 -11.03 10.66 57.79
C VAL B 29 -11.84 11.26 56.65
N SER B 30 -11.38 11.17 55.43
CA SER B 30 -12.17 11.75 54.33
C SER B 30 -13.53 11.06 54.22
N SER B 31 -14.52 11.79 53.67
CA SER B 31 -15.90 11.30 53.50
C SER B 31 -16.00 10.10 52.59
N SER B 32 -14.93 9.90 51.81
CA SER B 32 -14.85 8.74 50.89
C SER B 32 -15.00 7.48 51.74
N TYR B 33 -14.45 7.51 52.96
CA TYR B 33 -14.44 6.29 53.79
C TYR B 33 -15.70 6.12 54.66
N LEU B 34 -16.81 6.81 54.34
CA LEU B 34 -18.04 6.53 55.07
C LEU B 34 -18.88 5.45 54.40
N ALA B 35 -19.37 4.51 55.21
CA ALA B 35 -20.18 3.38 54.67
C ALA B 35 -21.32 3.01 55.63
N TRP B 36 -22.51 2.73 55.09
CA TRP B 36 -23.62 2.26 55.88
C TRP B 36 -24.10 0.90 55.43
N TYR B 37 -24.40 0.06 56.44
CA TYR B 37 -24.98 -1.25 56.12
C TYR B 37 -26.37 -1.39 56.75
N GLN B 38 -27.13 -2.37 56.31
CA GLN B 38 -28.44 -2.75 56.85
C GLN B 38 -28.49 -4.22 57.23
N GLN B 39 -28.75 -4.53 58.49
CA GLN B 39 -28.80 -5.92 58.92
C GLN B 39 -30.14 -6.40 59.43
N LYS B 40 -30.76 -7.28 58.67
CA LYS B 40 -32.03 -7.81 59.08
C LYS B 40 -31.70 -8.82 60.17
N PRO B 41 -32.49 -8.96 61.24
CA PRO B 41 -32.24 -9.94 62.27
C PRO B 41 -32.15 -11.32 61.66
N GLY B 42 -31.15 -12.09 62.09
CA GLY B 42 -30.95 -13.46 61.62
C GLY B 42 -30.19 -13.54 60.29
N GLN B 43 -29.79 -12.40 59.74
CA GLN B 43 -29.11 -12.39 58.45
C GLN B 43 -27.77 -11.67 58.46
N ALA B 44 -26.90 -12.02 57.52
CA ALA B 44 -25.65 -11.29 57.34
C ALA B 44 -26.06 -9.89 56.87
N PRO B 45 -25.30 -8.84 57.20
CA PRO B 45 -25.57 -7.47 56.80
C PRO B 45 -25.30 -7.28 55.33
N ARG B 46 -25.90 -6.23 54.76
CA ARG B 46 -25.57 -5.85 53.38
C ARG B 46 -25.22 -4.38 53.30
N LEU B 47 -24.36 -4.03 52.35
CA LEU B 47 -23.93 -2.62 52.16
C LEU B 47 -25.02 -1.80 51.47
N LEU B 48 -25.39 -0.66 52.03
CA LEU B 48 -26.34 0.23 51.40
C LEU B 48 -25.60 1.28 50.58
N ILE B 49 -24.73 2.00 51.28
CA ILE B 49 -24.00 3.15 50.76
C ILE B 49 -22.54 3.15 51.16
N TYR B 50 -21.68 3.42 50.17
CA TYR B 50 -20.23 3.51 50.47
C TYR B 50 -19.82 4.91 50.03
N GLY B 51 -18.67 5.39 50.48
CA GLY B 51 -18.21 6.69 49.95
C GLY B 51 -19.18 7.81 50.26
N ALA B 52 -19.75 7.76 51.44
CA ALA B 52 -20.77 8.67 51.96
C ALA B 52 -22.00 8.76 51.05
N SER B 53 -21.82 9.09 49.78
CA SER B 53 -23.01 9.33 48.94
C SER B 53 -23.18 8.29 47.86
N SER B 54 -22.15 7.49 47.59
CA SER B 54 -22.35 6.57 46.45
C SER B 54 -23.17 5.35 46.87
N ARG B 55 -24.12 4.92 46.04
CA ARG B 55 -25.03 3.86 46.40
C ARG B 55 -24.64 2.50 45.83
N ALA B 56 -24.87 1.43 46.60
CA ALA B 56 -24.64 0.06 46.17
C ALA B 56 -25.80 -0.35 45.27
N THR B 57 -25.58 -1.36 44.45
CA THR B 57 -26.68 -1.84 43.60
C THR B 57 -27.74 -2.53 44.46
N GLY B 58 -28.98 -2.68 43.99
CA GLY B 58 -30.03 -3.44 44.70
C GLY B 58 -30.62 -2.66 45.84
N ILE B 59 -30.33 -1.38 45.89
CA ILE B 59 -30.76 -0.53 46.96
C ILE B 59 -31.81 0.48 46.45
N PRO B 60 -32.97 0.63 47.13
CA PRO B 60 -34.04 1.59 46.84
C PRO B 60 -33.55 3.04 46.87
N ASP B 61 -34.18 3.90 46.07
CA ASP B 61 -33.83 5.30 45.88
C ASP B 61 -34.02 6.19 47.09
N ARG B 62 -34.74 5.67 48.06
CA ARG B 62 -34.98 6.36 49.32
C ARG B 62 -33.75 6.43 50.21
N PHE B 63 -32.72 5.64 49.90
CA PHE B 63 -31.48 5.62 50.67
C PHE B 63 -30.41 6.56 50.12
N SER B 64 -29.97 7.51 50.96
CA SER B 64 -28.94 8.49 50.59
C SER B 64 -28.13 8.95 51.81
N GLY B 65 -26.80 9.11 51.65
CA GLY B 65 -25.99 9.57 52.78
C GLY B 65 -25.08 10.75 52.46
N SER B 66 -24.42 11.24 53.51
CA SER B 66 -23.48 12.35 53.44
C SER B 66 -22.60 12.40 54.70
N GLY B 67 -21.56 13.23 54.69
CA GLY B 67 -20.73 13.40 55.89
C GLY B 67 -19.43 14.11 55.58
N SER B 68 -18.65 14.45 56.63
CA SER B 68 -17.37 15.12 56.42
C SER B 68 -16.33 14.77 57.49
N GLY B 69 -16.30 15.54 58.58
CA GLY B 69 -15.33 15.40 59.66
C GLY B 69 -15.81 14.44 60.75
N THR B 70 -16.61 14.94 61.67
CA THR B 70 -17.13 14.12 62.76
C THR B 70 -18.55 13.67 62.59
N ASP B 71 -19.38 14.48 61.92
CA ASP B 71 -20.81 14.24 61.78
C ASP B 71 -21.17 13.53 60.45
N PHE B 72 -21.55 12.25 60.53
CA PHE B 72 -21.85 11.48 59.34
C PHE B 72 -23.33 11.03 59.38
N THR B 73 -24.01 11.00 58.24
CA THR B 73 -25.45 10.68 58.25
C THR B 73 -26.02 9.80 57.12
N LEU B 74 -27.13 9.12 57.47
CA LEU B 74 -27.94 8.33 56.55
C LEU B 74 -29.43 8.65 56.63
N THR B 75 -30.00 8.93 55.47
CA THR B 75 -31.40 9.19 55.35
C THR B 75 -32.14 8.12 54.58
N ILE B 76 -33.24 7.67 55.19
CA ILE B 76 -34.15 6.74 54.56
C ILE B 76 -35.43 7.56 54.48
N SER B 77 -35.76 8.05 53.30
CA SER B 77 -36.86 9.02 53.25
C SER B 77 -38.23 8.49 53.66
N ARG B 78 -38.48 7.20 53.41
CA ARG B 78 -39.73 6.57 53.80
C ARG B 78 -39.45 5.13 54.18
N LEU B 79 -39.72 4.74 55.40
CA LEU B 79 -39.48 3.35 55.77
C LEU B 79 -40.51 2.38 55.22
N GLU B 80 -40.06 1.25 54.71
CA GLU B 80 -40.98 0.18 54.32
C GLU B 80 -40.77 -0.94 55.35
N PRO B 81 -41.69 -1.89 55.56
CA PRO B 81 -41.54 -3.00 56.51
C PRO B 81 -40.20 -3.74 56.35
N GLU B 82 -39.70 -3.82 55.12
CA GLU B 82 -38.44 -4.48 54.80
C GLU B 82 -37.20 -3.77 55.36
N ASP B 83 -37.36 -2.52 55.77
CA ASP B 83 -36.26 -1.70 56.28
C ASP B 83 -36.15 -1.68 57.79
N PHE B 84 -36.94 -2.48 58.48
CA PHE B 84 -36.79 -2.44 59.92
C PHE B 84 -35.69 -3.45 60.21
N ALA B 85 -34.53 -2.87 60.50
CA ALA B 85 -33.23 -3.51 60.59
C ALA B 85 -32.29 -2.71 61.47
N VAL B 86 -31.17 -3.31 61.85
CA VAL B 86 -30.16 -2.54 62.57
C VAL B 86 -29.19 -1.97 61.55
N TYR B 87 -28.95 -0.67 61.64
CA TYR B 87 -28.06 -0.03 60.70
C TYR B 87 -26.70 0.19 61.28
N TYR B 88 -25.68 0.04 60.47
CA TYR B 88 -24.35 0.26 60.97
C TYR B 88 -23.60 1.29 60.18
N CYS B 89 -22.80 2.09 60.89
CA CYS B 89 -21.88 3.09 60.36
C CYS B 89 -20.47 2.50 60.40
N GLN B 90 -19.82 2.59 59.24
CA GLN B 90 -18.44 2.06 59.10
C GLN B 90 -17.52 3.18 58.64
N GLN B 91 -16.38 3.35 59.28
CA GLN B 91 -15.37 4.33 58.87
C GLN B 91 -14.19 3.54 58.35
N TYR B 92 -14.13 3.35 57.00
CA TYR B 92 -13.06 2.50 56.39
C TYR B 92 -11.69 3.17 56.34
N GLY B 93 -11.17 3.63 57.49
CA GLY B 93 -9.88 4.36 57.50
C GLY B 93 -8.71 3.41 57.62
N SER B 94 -8.58 2.44 56.71
CA SER B 94 -7.52 1.39 56.73
C SER B 94 -7.96 0.30 57.71
N SER B 95 -9.02 0.58 58.46
CA SER B 95 -9.63 -0.40 59.39
C SER B 95 -11.13 -0.11 59.32
N PHE B 96 -11.98 -1.12 59.22
CA PHE B 96 -13.42 -0.81 59.03
C PHE B 96 -14.07 -0.68 60.40
N THR B 97 -13.54 0.17 61.28
CA THR B 97 -14.11 0.22 62.65
C THR B 97 -15.57 0.64 62.59
N PHE B 98 -16.47 -0.24 63.03
CA PHE B 98 -17.91 0.04 63.03
C PHE B 98 -18.41 0.64 64.35
N GLY B 99 -19.54 1.35 64.26
CA GLY B 99 -20.22 1.88 65.44
C GLY B 99 -21.05 0.74 66.06
N PRO B 100 -21.74 1.00 67.18
CA PRO B 100 -22.53 0.02 67.92
C PRO B 100 -23.77 -0.57 67.23
N GLY B 101 -24.34 0.14 66.25
CA GLY B 101 -25.54 -0.31 65.56
C GLY B 101 -26.78 0.43 66.03
N THR B 102 -27.56 0.94 65.09
CA THR B 102 -28.80 1.65 65.44
C THR B 102 -30.00 0.86 65.02
N LYS B 103 -30.83 0.53 65.98
CA LYS B 103 -32.00 -0.25 65.64
C LYS B 103 -33.11 0.65 65.19
N VAL B 104 -33.74 0.28 64.08
CA VAL B 104 -34.93 0.98 63.64
C VAL B 104 -36.14 0.07 63.88
N ASP B 105 -37.01 0.50 64.78
CA ASP B 105 -38.21 -0.22 65.15
C ASP B 105 -39.41 0.53 64.57
N ILE B 106 -40.65 0.02 64.80
CA ILE B 106 -41.95 0.54 64.34
C ILE B 106 -42.23 1.84 65.12
N GLU C 33 6.57 -3.29 -65.86
CA GLU C 33 5.49 -2.47 -66.43
C GLU C 33 4.39 -2.10 -65.40
N ASN C 34 4.15 -2.98 -64.40
CA ASN C 34 3.15 -2.84 -63.34
C ASN C 34 3.71 -2.12 -62.13
N LEU C 35 2.86 -1.91 -61.13
CA LEU C 35 3.30 -1.23 -59.94
C LEU C 35 3.50 -2.25 -58.85
N TRP C 36 4.48 -1.94 -58.03
CA TRP C 36 4.92 -2.75 -56.92
C TRP C 36 4.53 -2.14 -55.61
N VAL C 37 4.34 -3.01 -54.62
CA VAL C 37 4.02 -2.53 -53.29
C VAL C 37 5.25 -2.02 -52.60
N THR C 38 5.24 -0.78 -52.14
CA THR C 38 6.41 -0.35 -51.41
C THR C 38 6.03 0.22 -50.06
N VAL C 39 6.96 0.07 -49.14
CA VAL C 39 6.78 0.49 -47.77
C VAL C 39 7.49 1.77 -47.42
N TYR C 40 6.74 2.69 -46.84
CA TYR C 40 7.25 3.97 -46.40
C TYR C 40 7.17 4.10 -44.89
N TYR C 41 8.28 4.34 -44.25
CA TYR C 41 8.26 4.48 -42.81
C TYR C 41 8.52 5.90 -42.43
N GLY C 42 7.62 6.48 -41.65
CA GLY C 42 7.68 7.87 -41.27
C GLY C 42 6.54 8.66 -41.94
N VAL C 43 5.47 7.95 -42.22
CA VAL C 43 4.28 8.50 -42.84
C VAL C 43 3.38 9.30 -41.87
N PRO C 44 2.97 10.54 -42.18
CA PRO C 44 2.13 11.38 -41.34
C PRO C 44 0.64 10.99 -41.34
N VAL C 45 0.33 9.84 -40.75
CA VAL C 45 -1.06 9.34 -40.70
C VAL C 45 -1.67 9.13 -39.32
N TRP C 46 -2.91 9.59 -39.19
CA TRP C 46 -3.69 9.55 -37.96
C TRP C 46 -4.84 8.56 -37.86
N LYS C 47 -5.00 8.02 -36.65
CA LYS C 47 -6.15 7.22 -36.27
C LYS C 47 -6.70 7.62 -34.90
N ASP C 48 -8.00 7.52 -34.72
CA ASP C 48 -8.61 7.81 -33.43
C ASP C 48 -8.08 6.88 -32.37
N ALA C 49 -7.82 7.40 -31.19
CA ALA C 49 -7.32 6.55 -30.13
C ALA C 49 -7.62 7.11 -28.77
N GLU C 50 -7.60 6.24 -27.78
CA GLU C 50 -7.74 6.65 -26.40
C GLU C 50 -6.53 6.15 -25.64
N THR C 51 -5.82 7.03 -24.97
CA THR C 51 -4.66 6.59 -24.21
C THR C 51 -4.59 7.30 -22.90
N THR C 52 -3.58 6.95 -22.12
CA THR C 52 -3.31 7.56 -20.83
C THR C 52 -2.45 8.77 -21.06
N LEU C 53 -2.87 9.91 -20.55
CA LEU C 53 -2.09 11.12 -20.71
C LEU C 53 -1.31 11.41 -19.46
N PHE C 54 -0.20 12.09 -19.62
CA PHE C 54 0.61 12.44 -18.50
C PHE C 54 0.10 13.72 -17.87
N CYS C 55 0.24 13.84 -16.53
CA CYS C 55 0.00 15.06 -15.78
C CYS C 55 1.29 15.87 -15.84
N ALA C 56 1.18 17.11 -16.32
CA ALA C 56 2.34 17.96 -16.37
C ALA C 56 2.04 19.29 -15.69
N SER C 57 3.06 19.91 -15.12
CA SER C 57 2.89 21.16 -14.35
C SER C 57 3.97 22.25 -14.61
N ASP C 58 4.02 23.28 -13.74
CA ASP C 58 4.92 24.45 -13.81
C ASP C 58 5.35 24.86 -12.40
N HIS C 67 2.19 22.33 -0.39
CA HIS C 67 1.73 21.65 -1.59
C HIS C 67 0.20 21.83 -1.82
N ASN C 68 -0.31 21.24 -2.93
CA ASN C 68 -1.70 21.28 -3.38
C ASN C 68 -2.31 19.89 -3.42
N VAL C 69 -3.58 19.83 -3.81
CA VAL C 69 -4.33 18.61 -3.98
C VAL C 69 -4.16 18.15 -5.40
N TRP C 70 -4.21 19.13 -6.31
CA TRP C 70 -4.19 18.88 -7.72
C TRP C 70 -2.80 19.01 -8.28
N ALA C 71 -2.17 20.15 -8.06
CA ALA C 71 -0.84 20.38 -8.55
C ALA C 71 0.17 19.80 -7.57
N THR C 72 0.21 18.49 -7.56
CA THR C 72 1.03 17.73 -6.64
C THR C 72 2.44 17.65 -7.21
N HIS C 73 3.39 17.17 -6.41
CA HIS C 73 4.75 17.03 -6.89
C HIS C 73 4.91 15.86 -7.86
N ALA C 74 3.98 14.91 -7.80
CA ALA C 74 4.02 13.75 -8.69
C ALA C 74 3.31 14.06 -10.01
N CYS C 75 3.85 15.04 -10.76
CA CYS C 75 3.33 15.61 -12.00
C CYS C 75 4.59 16.21 -12.65
N VAL C 76 4.78 15.98 -13.94
CA VAL C 76 6.03 16.38 -14.61
C VAL C 76 6.07 17.82 -15.13
N PRO C 77 7.03 18.66 -14.75
CA PRO C 77 7.12 20.01 -15.26
C PRO C 77 7.16 19.98 -16.79
N THR C 78 6.43 20.88 -17.43
CA THR C 78 6.43 20.92 -18.89
C THR C 78 7.65 21.60 -19.41
N ASP C 79 7.94 21.35 -20.67
CA ASP C 79 8.97 22.05 -21.39
C ASP C 79 8.43 23.46 -21.60
N PRO C 80 9.11 24.53 -21.18
CA PRO C 80 8.67 25.91 -21.26
C PRO C 80 8.48 26.43 -22.69
N ASN C 81 9.02 25.72 -23.67
CA ASN C 81 8.92 26.14 -25.04
C ASN C 81 7.58 25.72 -25.66
N PRO C 82 6.78 26.66 -26.21
CA PRO C 82 5.47 26.42 -26.79
C PRO C 82 5.66 25.81 -28.16
N GLN C 83 6.10 24.57 -28.18
CA GLN C 83 6.44 23.92 -29.44
C GLN C 83 5.27 23.38 -30.20
N GLU C 84 4.52 24.30 -30.78
CA GLU C 84 3.40 23.99 -31.62
C GLU C 84 4.02 23.72 -32.98
N ILE C 85 3.37 22.93 -33.83
CA ILE C 85 3.95 22.71 -35.16
C ILE C 85 3.33 23.63 -36.19
N HIS C 86 2.52 24.54 -35.72
CA HIS C 86 1.79 25.51 -36.50
C HIS C 86 0.75 24.90 -37.41
N LEU C 87 0.03 25.77 -38.07
CA LEU C 87 -1.10 25.37 -38.87
C LEU C 87 -0.76 24.89 -40.25
N GLU C 88 -1.45 23.81 -40.66
CA GLU C 88 -1.35 23.28 -42.01
C GLU C 88 -2.79 22.96 -42.46
N ASN C 89 -3.03 22.88 -43.79
CA ASN C 89 -4.36 22.69 -44.40
C ASN C 89 -4.87 21.24 -44.29
N VAL C 90 -5.26 20.89 -43.05
CA VAL C 90 -5.81 19.61 -42.60
C VAL C 90 -7.18 19.90 -42.02
N THR C 91 -8.20 19.13 -42.39
CA THR C 91 -9.53 19.38 -41.87
C THR C 91 -10.09 18.18 -41.13
N GLU C 92 -9.69 18.05 -39.87
CA GLU C 92 -10.02 16.92 -39.01
C GLU C 92 -11.38 17.08 -38.34
N GLU C 93 -12.16 16.00 -38.28
CA GLU C 93 -13.45 16.01 -37.58
C GLU C 93 -13.34 15.53 -36.16
N PHE C 94 -13.87 16.33 -35.24
CA PHE C 94 -13.83 15.99 -33.83
C PHE C 94 -14.89 16.67 -33.04
N ASN C 95 -15.14 16.17 -31.84
CA ASN C 95 -16.20 16.74 -31.06
C ASN C 95 -16.05 16.64 -29.54
N MET C 96 -17.06 17.22 -28.92
CA MET C 96 -17.33 17.24 -27.51
C MET C 96 -18.34 16.16 -27.17
N TRP C 97 -18.42 15.83 -25.90
CA TRP C 97 -19.38 14.89 -25.28
C TRP C 97 -19.10 13.40 -25.58
N LYS C 98 -18.34 13.13 -26.62
CA LYS C 98 -17.92 11.77 -26.98
C LYS C 98 -16.42 11.63 -26.78
N ASN C 99 -15.83 12.71 -26.31
CA ASN C 99 -14.41 12.90 -26.11
C ASN C 99 -13.95 12.33 -24.77
N ASN C 100 -13.08 11.35 -24.77
CA ASN C 100 -12.68 10.71 -23.52
C ASN C 100 -11.63 11.48 -22.74
N MET C 101 -11.11 12.56 -23.32
CA MET C 101 -10.04 13.29 -22.66
C MET C 101 -10.58 13.97 -21.40
N VAL C 102 -11.84 14.40 -21.47
CA VAL C 102 -12.52 15.04 -20.36
C VAL C 102 -12.81 14.03 -19.29
N GLU C 103 -13.24 12.84 -19.69
CA GLU C 103 -13.57 11.83 -18.73
C GLU C 103 -12.32 11.45 -17.95
N GLN C 104 -11.17 11.38 -18.63
CA GLN C 104 -9.96 11.04 -17.92
C GLN C 104 -9.64 12.15 -16.92
N MET C 105 -9.83 13.42 -17.30
CA MET C 105 -9.58 14.51 -16.37
C MET C 105 -10.46 14.41 -15.14
N HIS C 106 -11.73 14.07 -15.33
CA HIS C 106 -12.67 13.94 -14.23
C HIS C 106 -12.19 12.89 -13.26
N GLU C 107 -11.81 11.73 -13.76
CA GLU C 107 -11.35 10.67 -12.87
C GLU C 107 -10.11 11.10 -12.11
N ASP C 108 -9.16 11.76 -12.78
CA ASP C 108 -7.94 12.14 -12.06
C ASP C 108 -8.19 13.15 -10.95
N ILE C 109 -9.08 14.11 -11.16
CA ILE C 109 -9.32 15.09 -10.13
C ILE C 109 -9.93 14.42 -8.90
N ILE C 110 -10.88 13.53 -9.09
CA ILE C 110 -11.47 12.86 -7.95
C ILE C 110 -10.44 11.99 -7.23
N SER C 111 -9.62 11.25 -7.97
CA SER C 111 -8.64 10.41 -7.31
C SER C 111 -7.65 11.24 -6.51
N LEU C 112 -7.24 12.41 -7.01
CA LEU C 112 -6.31 13.24 -6.27
C LEU C 112 -6.94 13.73 -4.99
N TRP C 113 -8.23 14.04 -4.99
CA TRP C 113 -8.84 14.42 -3.74
C TRP C 113 -8.76 13.32 -2.74
N ASP C 114 -9.07 12.10 -3.15
CA ASP C 114 -9.03 11.03 -2.16
C ASP C 114 -7.64 10.84 -1.62
N GLN C 115 -6.62 11.02 -2.45
CA GLN C 115 -5.26 10.88 -1.94
C GLN C 115 -4.95 11.95 -0.91
N SER C 116 -5.48 13.15 -1.07
CA SER C 116 -5.21 14.23 -0.12
C SER C 116 -6.08 14.19 1.13
N LEU C 117 -7.29 13.63 1.04
CA LEU C 117 -8.18 13.61 2.19
C LEU C 117 -7.91 12.43 3.10
N LYS C 118 -7.44 11.33 2.53
CA LYS C 118 -7.20 10.11 3.29
C LYS C 118 -6.15 10.24 4.43
N PRO C 119 -4.89 10.68 4.20
CA PRO C 119 -3.86 10.76 5.22
C PRO C 119 -3.99 12.00 6.10
N CYS C 120 -5.09 12.09 6.86
CA CYS C 120 -5.44 13.22 7.71
C CYS C 120 -6.31 12.71 8.87
N VAL C 121 -6.82 13.62 9.68
CA VAL C 121 -7.60 13.29 10.85
C VAL C 121 -8.95 12.76 10.52
N LYS C 122 -9.58 12.14 11.51
CA LYS C 122 -10.94 11.69 11.37
C LYS C 122 -11.73 12.50 12.39
N LEU C 123 -12.96 12.89 12.06
CA LEU C 123 -13.75 13.64 13.03
C LEU C 123 -14.82 12.81 13.69
N THR C 124 -14.74 11.49 13.56
CA THR C 124 -15.71 10.61 14.19
C THR C 124 -15.93 10.91 15.67
N PRO C 125 -14.90 11.18 16.49
CA PRO C 125 -15.02 11.50 17.90
C PRO C 125 -15.86 12.74 18.17
N LEU C 126 -16.16 13.54 17.15
CA LEU C 126 -16.99 14.71 17.34
C LEU C 126 -18.50 14.46 17.09
N CYS C 127 -18.93 13.20 16.78
CA CYS C 127 -20.33 12.84 16.57
C CYS C 127 -21.00 12.64 17.92
N VAL C 128 -21.22 13.77 18.56
CA VAL C 128 -21.74 13.86 19.90
C VAL C 128 -22.88 14.82 19.93
N THR C 129 -23.63 14.81 21.01
CA THR C 129 -24.69 15.78 21.12
C THR C 129 -24.11 17.15 21.28
N LEU C 130 -24.63 18.07 20.50
CA LEU C 130 -24.24 19.45 20.55
C LEU C 130 -25.35 20.22 21.23
N GLN C 131 -25.06 20.92 22.30
CA GLN C 131 -26.11 21.71 22.92
C GLN C 131 -25.95 23.16 22.53
N CYS C 132 -26.90 23.68 21.73
CA CYS C 132 -26.89 25.03 21.17
C CYS C 132 -28.24 25.63 20.89
N THR C 133 -28.18 26.94 21.01
CA THR C 133 -29.20 27.90 20.74
C THR C 133 -28.58 29.02 19.89
N ASN C 134 -29.46 29.90 19.35
CA ASN C 134 -29.10 31.04 18.51
C ASN C 134 -28.69 32.23 19.39
N VAL C 135 -27.47 32.10 19.94
CA VAL C 135 -26.77 33.05 20.79
C VAL C 135 -26.16 34.05 19.86
N THR C 136 -26.38 35.34 20.10
CA THR C 136 -25.84 36.29 19.18
C THR C 136 -24.94 37.29 19.83
N ASN C 137 -24.11 37.86 18.98
CA ASN C 137 -23.18 38.92 19.31
C ASN C 137 -23.23 39.95 18.19
N ASN C 138 -24.26 40.83 18.21
CA ASN C 138 -24.56 41.85 17.19
C ASN C 138 -24.70 41.26 15.77
N ILE C 139 -25.50 40.17 15.65
CA ILE C 139 -25.81 39.50 14.38
C ILE C 139 -26.97 40.21 13.72
N THR C 140 -26.82 40.57 12.45
CA THR C 140 -27.87 41.31 11.75
C THR C 140 -29.06 40.46 11.41
N ASP C 141 -30.14 41.10 10.99
CA ASP C 141 -31.40 40.39 10.73
C ASP C 141 -31.31 39.33 9.65
N ASP C 142 -30.50 39.58 8.64
CA ASP C 142 -30.35 38.69 7.51
C ASP C 142 -29.64 37.39 7.90
N MET C 143 -28.96 37.42 9.03
CA MET C 143 -28.19 36.31 9.56
C MET C 143 -28.86 35.63 10.74
N ARG C 144 -30.12 35.96 11.02
CA ARG C 144 -30.72 35.30 12.17
C ARG C 144 -30.85 33.84 11.82
N GLY C 145 -30.40 32.97 12.71
CA GLY C 145 -30.52 31.54 12.49
C GLY C 145 -29.38 30.93 11.69
N GLU C 146 -28.44 31.74 11.18
CA GLU C 146 -27.34 31.21 10.39
C GLU C 146 -26.23 30.61 11.23
N LEU C 147 -26.03 31.08 12.45
CA LEU C 147 -24.99 30.55 13.30
C LEU C 147 -25.57 29.97 14.56
N LYS C 148 -24.98 28.89 15.07
CA LYS C 148 -25.36 28.34 16.37
C LYS C 148 -24.11 28.13 17.23
N ASN C 149 -24.19 28.48 18.54
CA ASN C 149 -23.09 28.38 19.51
C ASN C 149 -23.19 27.08 20.29
N CYS C 150 -22.45 26.02 19.86
CA CYS C 150 -22.57 24.65 20.37
C CYS C 150 -21.50 24.24 21.33
N SER C 151 -21.98 23.75 22.46
CA SER C 151 -21.14 23.23 23.51
C SER C 151 -21.17 21.71 23.50
N PHE C 152 -20.00 21.12 23.49
CA PHE C 152 -19.92 19.68 23.49
C PHE C 152 -18.65 19.21 24.17
N ASN C 153 -18.57 17.90 24.50
CA ASN C 153 -17.39 17.30 25.16
C ASN C 153 -16.55 16.46 24.16
N ALA C 154 -15.50 17.08 23.59
CA ALA C 154 -14.55 16.43 22.67
C ALA C 154 -13.57 15.55 23.45
N THR C 155 -13.03 14.54 22.79
CA THR C 155 -12.02 13.69 23.41
C THR C 155 -10.73 14.45 23.34
N THR C 156 -9.69 13.99 24.02
CA THR C 156 -8.45 14.76 23.95
C THR C 156 -7.22 13.87 23.86
N GLU C 157 -6.04 14.45 24.08
CA GLU C 157 -4.81 13.69 23.88
C GLU C 157 -4.77 12.45 24.76
N LEU C 158 -5.31 12.54 25.96
CA LEU C 158 -5.35 11.40 26.83
C LEU C 158 -6.78 10.95 26.95
N ARG C 159 -6.94 9.65 27.02
CA ARG C 159 -8.25 9.04 27.12
C ARG C 159 -9.04 9.45 28.34
N ASN C 160 -8.35 9.71 29.44
CA ASN C 160 -9.02 9.99 30.70
C ASN C 160 -9.39 11.45 30.91
N LYS C 161 -9.13 12.30 29.93
CA LYS C 161 -9.45 13.72 30.08
C LYS C 161 -10.47 14.14 29.06
N ARG C 162 -11.23 15.19 29.36
CA ARG C 162 -12.25 15.68 28.41
C ARG C 162 -12.14 17.16 28.18
N GLN C 163 -12.57 17.59 27.00
CA GLN C 163 -12.62 18.99 26.68
C GLN C 163 -13.98 19.56 26.94
N LYS C 164 -14.03 20.84 27.20
CA LYS C 164 -15.29 21.55 27.23
C LYS C 164 -15.13 22.56 26.12
N VAL C 165 -15.69 22.26 24.97
CA VAL C 165 -15.42 23.08 23.81
C VAL C 165 -16.61 23.72 23.20
N TYR C 166 -16.45 24.99 22.92
CA TYR C 166 -17.47 25.76 22.26
C TYR C 166 -17.01 25.93 20.85
N SER C 167 -17.92 25.73 19.93
CA SER C 167 -17.66 25.89 18.52
C SER C 167 -18.83 26.54 17.85
N LEU C 168 -18.54 27.53 17.03
CA LEU C 168 -19.58 28.24 16.35
C LEU C 168 -19.76 27.62 14.98
N PHE C 169 -20.92 27.04 14.73
CA PHE C 169 -21.13 26.34 13.47
C PHE C 169 -22.11 27.03 12.59
N TYR C 170 -21.94 26.84 11.30
CA TYR C 170 -22.95 27.34 10.39
C TYR C 170 -24.13 26.41 10.44
N ARG C 171 -25.32 26.98 10.36
CA ARG C 171 -26.57 26.24 10.48
C ARG C 171 -26.74 25.08 9.54
N LEU C 172 -26.20 25.19 8.33
CA LEU C 172 -26.37 24.15 7.33
C LEU C 172 -25.63 22.86 7.68
N ASP C 173 -24.72 22.93 8.63
CA ASP C 173 -23.91 21.81 9.03
C ASP C 173 -24.42 20.99 10.20
N ILE C 174 -25.51 21.40 10.84
CA ILE C 174 -25.98 20.61 11.96
C ILE C 174 -27.46 20.33 11.80
N VAL C 175 -27.93 19.26 12.41
CA VAL C 175 -29.35 18.95 12.36
C VAL C 175 -29.88 18.64 13.74
N PRO C 176 -31.18 18.86 14.01
CA PRO C 176 -31.83 18.49 15.24
C PRO C 176 -31.72 17.01 15.47
N MET C 177 -31.48 16.63 16.71
CA MET C 177 -31.35 15.26 17.11
C MET C 177 -32.62 14.79 17.78
N GLY C 178 -33.34 13.89 17.12
CA GLY C 178 -34.60 13.40 17.67
C GLY C 178 -35.69 14.44 17.56
N GLU C 179 -35.40 15.48 16.77
CA GLU C 179 -36.23 16.65 16.58
C GLU C 179 -36.48 17.36 17.92
N ASN C 180 -35.47 17.39 18.81
CA ASN C 180 -35.64 18.07 20.08
C ASN C 180 -35.39 19.57 19.89
N SER C 181 -35.51 20.36 20.96
CA SER C 181 -35.34 21.81 20.85
C SER C 181 -33.91 22.33 20.96
N ALA C 182 -33.01 21.59 21.60
CA ALA C 182 -31.64 22.07 21.76
C ALA C 182 -30.66 20.91 21.80
N ASN C 183 -30.74 20.05 20.81
CA ASN C 183 -29.88 18.89 20.72
C ASN C 183 -29.54 18.73 19.26
N TYR C 184 -28.29 18.92 18.89
CA TYR C 184 -27.91 18.85 17.49
C TYR C 184 -26.76 17.89 17.24
N ARG C 185 -26.64 17.44 16.01
CA ARG C 185 -25.49 16.63 15.62
C ARG C 185 -24.94 17.10 14.31
N LEU C 186 -23.71 16.76 14.01
CA LEU C 186 -23.19 17.17 12.72
C LEU C 186 -24.02 16.44 11.68
N ILE C 187 -24.36 17.15 10.61
CA ILE C 187 -25.24 16.66 9.56
C ILE C 187 -24.85 15.36 8.89
N ASP C 188 -23.57 15.07 8.79
CA ASP C 188 -23.13 13.83 8.15
C ASP C 188 -22.71 12.66 9.07
N CYS C 189 -23.01 12.66 10.39
CA CYS C 189 -22.62 11.56 11.29
C CYS C 189 -23.42 10.27 11.06
N ASN C 190 -24.51 10.33 10.31
CA ASN C 190 -25.22 9.08 10.04
C ASN C 190 -24.78 8.40 8.71
N THR C 191 -23.77 8.98 7.99
CA THR C 191 -23.11 8.46 6.79
C THR C 191 -21.69 8.28 7.22
N SER C 192 -20.81 8.00 6.30
CA SER C 192 -19.46 7.72 6.70
C SER C 192 -18.81 8.92 7.33
N ALA C 193 -17.72 8.67 8.02
CA ALA C 193 -17.02 9.69 8.77
C ALA C 193 -16.58 10.85 7.91
N ILE C 194 -16.67 12.02 8.54
CA ILE C 194 -16.25 13.29 7.99
C ILE C 194 -14.76 13.31 8.23
N THR C 195 -13.94 13.51 7.20
CA THR C 195 -12.50 13.43 7.44
C THR C 195 -11.64 14.58 6.95
N GLN C 196 -11.37 15.57 7.81
CA GLN C 196 -10.53 16.71 7.41
C GLN C 196 -10.26 17.74 8.49
N ALA C 197 -9.00 18.10 8.55
CA ALA C 197 -8.43 19.22 9.28
C ALA C 197 -7.31 19.72 8.33
N CYS C 198 -6.01 19.39 8.60
CA CYS C 198 -4.83 19.58 7.72
C CYS C 198 -4.86 20.88 6.86
N PRO C 199 -4.98 22.07 7.47
CA PRO C 199 -5.18 23.37 6.84
C PRO C 199 -4.00 23.79 5.99
N LYS C 200 -2.88 23.10 6.16
CA LYS C 200 -1.66 23.35 5.43
C LYS C 200 -1.76 23.04 3.94
N VAL C 201 -2.74 22.22 3.53
CA VAL C 201 -2.86 21.84 2.12
C VAL C 201 -3.76 22.81 1.36
N SER C 202 -3.28 23.33 0.24
CA SER C 202 -4.06 24.28 -0.54
C SER C 202 -5.02 23.63 -1.51
N PHE C 203 -6.17 24.30 -1.74
CA PHE C 203 -7.17 23.85 -2.70
C PHE C 203 -7.21 24.80 -3.90
N GLU C 204 -6.16 25.60 -4.04
CA GLU C 204 -6.05 26.55 -5.13
C GLU C 204 -5.96 25.83 -6.49
N PRO C 205 -6.71 26.25 -7.52
CA PRO C 205 -6.75 25.67 -8.85
C PRO C 205 -5.57 26.02 -9.72
N ILE C 206 -4.42 25.47 -9.36
CA ILE C 206 -3.19 25.61 -10.09
C ILE C 206 -3.34 24.78 -11.35
N PRO C 207 -3.09 25.31 -12.55
CA PRO C 207 -3.31 24.65 -13.81
C PRO C 207 -2.51 23.41 -14.05
N ILE C 208 -3.17 22.45 -14.68
CA ILE C 208 -2.62 21.17 -15.06
C ILE C 208 -2.58 21.05 -16.57
N HIS C 209 -1.46 20.62 -17.11
CA HIS C 209 -1.30 20.45 -18.54
C HIS C 209 -1.44 18.98 -18.89
N TYR C 210 -2.01 18.66 -20.05
CA TYR C 210 -2.06 17.26 -20.46
C TYR C 210 -1.09 17.01 -21.59
N CYS C 211 -0.22 15.97 -21.45
CA CYS C 211 0.81 15.64 -22.44
C CYS C 211 0.63 14.21 -22.96
N ALA C 212 0.77 14.04 -24.26
CA ALA C 212 0.66 12.72 -24.84
C ALA C 212 1.98 11.95 -24.72
N PRO C 213 1.96 10.62 -24.64
CA PRO C 213 3.10 9.72 -24.69
C PRO C 213 3.68 9.69 -26.09
N ALA C 214 4.94 9.34 -26.22
CA ALA C 214 5.52 9.31 -27.55
C ALA C 214 4.73 8.34 -28.41
N GLY C 215 4.52 8.73 -29.67
CA GLY C 215 3.75 7.93 -30.63
C GLY C 215 2.33 8.48 -30.77
N PHE C 216 1.99 9.40 -29.88
CA PHE C 216 0.70 10.09 -29.83
C PHE C 216 0.87 11.59 -29.89
N ALA C 217 -0.18 12.27 -30.31
CA ALA C 217 -0.17 13.72 -30.36
C ALA C 217 -1.55 14.25 -30.06
N ILE C 218 -1.61 15.52 -29.67
CA ILE C 218 -2.88 16.13 -29.41
C ILE C 218 -3.19 17.18 -30.47
N LEU C 219 -4.37 17.05 -31.08
CA LEU C 219 -4.76 17.95 -32.15
C LEU C 219 -5.52 19.11 -31.56
N LYS C 220 -5.02 20.33 -31.79
CA LYS C 220 -5.56 21.57 -31.25
C LYS C 220 -6.35 22.36 -32.32
N CYS C 221 -7.61 22.77 -31.98
CA CYS C 221 -8.48 23.53 -32.88
C CYS C 221 -8.28 25.04 -32.72
N LYS C 222 -7.98 25.71 -33.83
CA LYS C 222 -7.82 27.16 -33.81
C LYS C 222 -8.96 27.90 -34.48
N ASP C 223 -10.06 27.21 -34.69
CA ASP C 223 -11.24 27.85 -35.25
C ASP C 223 -11.98 28.60 -34.16
N LYS C 224 -11.94 29.93 -34.25
CA LYS C 224 -12.49 30.82 -33.25
C LYS C 224 -13.99 30.67 -33.08
N LYS C 225 -14.66 30.13 -34.09
CA LYS C 225 -16.10 29.95 -34.04
C LYS C 225 -16.48 28.49 -33.87
N PHE C 226 -15.52 27.65 -33.50
CA PHE C 226 -15.81 26.23 -33.42
C PHE C 226 -16.89 25.84 -32.43
N ASN C 227 -17.80 25.04 -32.97
CA ASN C 227 -18.95 24.45 -32.31
C ASN C 227 -18.47 23.18 -31.65
N GLY C 228 -19.32 22.46 -30.97
CA GLY C 228 -18.85 21.25 -30.29
C GLY C 228 -18.87 20.03 -31.19
N THR C 229 -19.20 20.22 -32.45
CA THR C 229 -19.31 19.14 -33.42
C THR C 229 -18.90 19.56 -34.83
N GLY C 230 -18.48 18.60 -35.64
CA GLY C 230 -18.12 18.84 -37.03
C GLY C 230 -16.63 19.09 -37.23
N PRO C 231 -16.19 19.34 -38.47
CA PRO C 231 -14.81 19.56 -38.85
C PRO C 231 -14.31 20.88 -38.33
N CYS C 232 -13.01 20.94 -37.99
CA CYS C 232 -12.29 22.14 -37.58
C CYS C 232 -11.37 22.47 -38.77
N PRO C 233 -11.61 23.55 -39.51
CA PRO C 233 -10.89 23.91 -40.71
C PRO C 233 -9.44 24.33 -40.45
N SER C 234 -9.09 24.57 -39.20
CA SER C 234 -7.75 25.01 -38.87
C SER C 234 -7.17 24.19 -37.72
N VAL C 235 -6.33 23.23 -38.05
CA VAL C 235 -5.77 22.33 -37.04
C VAL C 235 -4.26 22.37 -36.95
N SER C 236 -3.77 22.58 -35.74
CA SER C 236 -2.34 22.60 -35.44
C SER C 236 -2.13 21.50 -34.44
N THR C 237 -0.93 20.98 -34.26
CA THR C 237 -0.81 19.97 -33.22
C THR C 237 0.22 20.37 -32.19
N VAL C 238 0.04 19.81 -31.01
CA VAL C 238 0.92 20.01 -29.88
C VAL C 238 1.28 18.70 -29.22
N GLN C 239 2.34 18.70 -28.44
CA GLN C 239 2.59 17.51 -27.62
C GLN C 239 1.86 17.62 -26.24
N CYS C 240 1.74 18.87 -25.71
CA CYS C 240 1.12 19.24 -24.44
C CYS C 240 0.11 20.36 -24.69
N THR C 241 -1.01 20.29 -23.97
CA THR C 241 -2.06 21.31 -24.01
C THR C 241 -1.65 22.44 -23.12
N HIS C 242 -2.40 23.53 -23.17
CA HIS C 242 -2.17 24.66 -22.29
C HIS C 242 -2.63 24.20 -20.94
N GLY C 243 -2.30 24.94 -19.89
CA GLY C 243 -2.75 24.47 -18.61
C GLY C 243 -4.22 24.79 -18.43
N ILE C 244 -4.95 23.87 -17.85
CA ILE C 244 -6.35 24.08 -17.53
C ILE C 244 -6.51 24.11 -16.04
N LYS C 245 -7.10 25.18 -15.53
CA LYS C 245 -7.29 25.30 -14.10
C LYS C 245 -8.46 24.45 -13.67
N PRO C 246 -8.30 23.48 -12.76
CA PRO C 246 -9.34 22.59 -12.30
C PRO C 246 -10.22 23.30 -11.31
N VAL C 247 -10.93 24.30 -11.78
CA VAL C 247 -11.80 25.05 -10.91
C VAL C 247 -13.07 24.27 -10.80
N VAL C 248 -13.50 24.01 -9.59
CA VAL C 248 -14.72 23.29 -9.39
C VAL C 248 -15.79 24.32 -9.16
N SER C 249 -16.87 24.25 -9.92
CA SER C 249 -17.96 25.19 -9.81
C SER C 249 -19.25 24.58 -10.31
N THR C 250 -20.33 25.33 -10.28
CA THR C 250 -21.60 24.82 -10.79
C THR C 250 -22.14 25.68 -11.92
N GLN C 251 -23.20 26.41 -11.65
CA GLN C 251 -23.90 27.15 -12.69
C GLN C 251 -23.15 28.32 -13.33
N LEU C 252 -22.16 28.90 -12.66
CA LEU C 252 -21.37 29.93 -13.31
C LEU C 252 -19.94 29.39 -13.34
N LEU C 253 -19.39 29.30 -14.54
CA LEU C 253 -18.05 28.80 -14.75
C LEU C 253 -17.11 29.94 -14.48
N LEU C 254 -16.14 29.70 -13.62
CA LEU C 254 -15.18 30.74 -13.28
C LEU C 254 -13.78 30.45 -13.81
N ASN C 255 -13.01 31.53 -14.13
CA ASN C 255 -11.58 31.57 -14.47
C ASN C 255 -11.17 30.60 -15.61
N GLY C 256 -11.96 30.50 -16.70
CA GLY C 256 -11.64 29.60 -17.83
C GLY C 256 -11.28 30.32 -19.10
N SER C 257 -11.12 29.53 -20.16
CA SER C 257 -10.81 30.08 -21.47
C SER C 257 -11.98 30.91 -21.94
N LEU C 258 -11.69 32.10 -22.41
CA LEU C 258 -12.72 33.02 -22.86
C LEU C 258 -12.81 32.88 -24.37
N ALA C 259 -14.00 33.03 -24.96
CA ALA C 259 -14.09 32.92 -26.40
C ALA C 259 -13.28 34.03 -27.03
N GLU C 260 -12.61 33.72 -28.14
CA GLU C 260 -11.79 34.71 -28.83
C GLU C 260 -12.56 35.86 -29.48
N GLU C 261 -13.74 35.57 -30.02
CA GLU C 261 -14.50 36.57 -30.76
C GLU C 261 -15.94 36.80 -30.35
N GLU C 262 -16.69 35.72 -30.21
CA GLU C 262 -18.13 35.77 -30.11
C GLU C 262 -18.62 34.81 -29.05
N VAL C 263 -19.81 35.05 -28.54
CA VAL C 263 -20.40 34.12 -27.60
C VAL C 263 -20.72 32.84 -28.35
N ILE C 264 -20.30 31.72 -27.80
CA ILE C 264 -20.55 30.46 -28.48
C ILE C 264 -21.36 29.52 -27.64
N ILE C 265 -22.42 29.02 -28.21
CA ILE C 265 -23.26 28.11 -27.49
C ILE C 265 -23.08 26.70 -27.99
N ARG C 266 -22.63 25.83 -27.10
CA ARG C 266 -22.34 24.46 -27.50
C ARG C 266 -23.19 23.46 -26.75
N SER C 267 -23.83 22.56 -27.45
CA SER C 267 -24.61 21.55 -26.78
C SER C 267 -24.62 20.28 -27.58
N GLU C 268 -24.76 19.14 -26.91
CA GLU C 268 -24.84 17.87 -27.66
C GLU C 268 -26.07 17.80 -28.58
N ASN C 269 -27.23 18.33 -28.11
CA ASN C 269 -28.51 18.38 -28.80
C ASN C 269 -29.24 19.65 -28.34
N ILE C 270 -29.13 20.76 -29.13
CA ILE C 270 -29.66 22.10 -28.76
C ILE C 270 -31.18 22.15 -28.67
N THR C 271 -31.83 21.21 -29.32
CA THR C 271 -33.27 21.12 -29.32
C THR C 271 -33.82 20.17 -28.25
N ASN C 272 -32.95 19.54 -27.46
CA ASN C 272 -33.39 18.60 -26.45
C ASN C 272 -33.51 19.30 -25.09
N ASN C 273 -33.95 18.55 -24.08
CA ASN C 273 -34.04 19.04 -22.72
C ASN C 273 -33.10 18.26 -21.81
N ALA C 274 -32.64 17.11 -22.31
CA ALA C 274 -31.80 16.20 -21.55
C ALA C 274 -30.34 16.58 -21.58
N LYS C 275 -30.01 17.60 -22.35
CA LYS C 275 -28.64 18.01 -22.51
C LYS C 275 -28.47 19.40 -21.98
N ASN C 276 -27.29 19.71 -21.47
CA ASN C 276 -27.05 21.06 -21.00
C ASN C 276 -26.54 21.92 -22.12
N ILE C 277 -26.78 23.21 -22.00
CA ILE C 277 -26.30 24.18 -22.94
C ILE C 277 -25.13 24.87 -22.30
N LEU C 278 -23.96 24.70 -22.87
CA LEU C 278 -22.78 25.23 -22.26
C LEU C 278 -22.40 26.51 -23.01
N VAL C 279 -22.43 27.64 -22.33
CA VAL C 279 -22.23 28.91 -23.00
C VAL C 279 -20.93 29.59 -22.64
N GLN C 280 -20.09 29.82 -23.64
CA GLN C 280 -18.80 30.48 -23.45
C GLN C 280 -18.93 31.95 -23.83
N LEU C 281 -18.53 32.82 -22.93
CA LEU C 281 -18.63 34.25 -23.18
C LEU C 281 -17.38 34.78 -23.85
N ASN C 282 -17.52 35.91 -24.55
CA ASN C 282 -16.40 36.59 -25.19
C ASN C 282 -15.97 37.85 -24.43
N THR C 283 -16.40 37.95 -23.19
CA THR C 283 -16.04 39.05 -22.30
C THR C 283 -16.21 38.48 -20.89
N PRO C 284 -15.33 38.75 -19.94
CA PRO C 284 -15.48 38.30 -18.58
C PRO C 284 -16.49 39.17 -17.87
N VAL C 285 -17.16 38.61 -16.87
CA VAL C 285 -17.96 39.48 -16.02
C VAL C 285 -17.30 39.47 -14.67
N GLN C 286 -16.94 40.63 -14.15
CA GLN C 286 -16.24 40.57 -12.89
C GLN C 286 -17.19 40.40 -11.73
N ILE C 287 -16.84 39.43 -10.89
CA ILE C 287 -17.55 39.08 -9.67
C ILE C 287 -16.60 39.12 -8.45
N ASN C 288 -17.02 39.79 -7.35
CA ASN C 288 -16.29 39.95 -6.09
C ASN C 288 -17.12 39.37 -4.94
N CYS C 289 -16.67 38.25 -4.32
CA CYS C 289 -17.39 37.56 -3.25
C CYS C 289 -16.66 37.73 -1.93
N THR C 290 -17.41 37.83 -0.86
CA THR C 290 -16.77 37.99 0.43
C THR C 290 -17.56 37.49 1.61
N ARG C 291 -16.82 37.18 2.65
CA ARG C 291 -17.38 36.86 3.94
C ARG C 291 -16.83 37.89 4.91
N PRO C 292 -17.50 39.03 5.11
CA PRO C 292 -17.01 40.19 5.84
C PRO C 292 -17.11 40.02 7.34
N ASN C 293 -16.49 38.96 7.86
CA ASN C 293 -16.55 38.63 9.27
C ASN C 293 -15.15 38.23 9.74
N ASN C 294 -14.60 38.94 10.74
CA ASN C 294 -13.22 38.72 11.20
C ASN C 294 -13.17 37.55 12.20
N ASN C 295 -13.26 36.31 11.64
CA ASN C 295 -13.34 35.06 12.40
C ASN C 295 -12.02 34.65 13.07
N THR C 296 -12.11 34.22 14.31
CA THR C 296 -10.98 33.67 15.04
C THR C 296 -10.99 32.16 14.90
N VAL C 297 -9.82 31.57 14.75
CA VAL C 297 -9.76 30.12 14.65
C VAL C 297 -8.98 29.55 15.79
N LYS C 298 -9.61 28.63 16.48
CA LYS C 298 -9.04 27.94 17.63
C LYS C 298 -8.89 26.49 17.31
N SER C 299 -8.05 25.81 18.07
CA SER C 299 -7.94 24.39 17.86
C SER C 299 -7.77 23.64 19.14
N ILE C 300 -8.19 22.40 19.06
CA ILE C 300 -8.04 21.44 20.13
C ILE C 300 -7.50 20.17 19.58
N ARG C 301 -6.99 19.33 20.45
CA ARG C 301 -6.63 18.03 19.99
C ARG C 301 -7.78 17.13 20.31
N ILE C 302 -8.05 16.22 19.40
CA ILE C 302 -9.04 15.17 19.56
C ILE C 302 -8.33 13.97 20.08
N GLY C 303 -7.13 13.78 19.57
CA GLY C 303 -6.36 12.61 19.94
C GLY C 303 -4.86 12.83 19.69
N PRO C 304 -4.10 11.77 19.51
CA PRO C 304 -2.65 11.76 19.44
C PRO C 304 -2.13 12.37 18.16
N GLY C 305 -2.04 13.70 18.18
CA GLY C 305 -1.58 14.45 17.03
C GLY C 305 -2.70 14.72 16.05
N GLN C 306 -3.91 14.49 16.53
CA GLN C 306 -5.09 14.65 15.72
C GLN C 306 -5.74 15.99 16.02
N ALA C 307 -5.40 17.00 15.21
CA ALA C 307 -5.88 18.37 15.44
C ALA C 307 -7.22 18.63 14.78
N PHE C 308 -8.02 19.46 15.43
CA PHE C 308 -9.27 19.93 14.91
C PHE C 308 -9.37 21.43 15.02
N TYR C 309 -9.81 22.06 13.93
CA TYR C 309 -9.92 23.51 13.91
C TYR C 309 -11.37 23.89 13.85
N TYR C 310 -11.71 24.92 14.58
CA TYR C 310 -13.08 25.39 14.59
C TYR C 310 -13.18 26.88 14.75
N THR C 311 -14.32 27.40 14.31
CA THR C 311 -14.59 28.81 14.43
C THR C 311 -14.86 29.13 15.88
N GLY C 312 -14.19 30.15 16.38
CA GLY C 312 -14.32 30.61 17.75
C GLY C 312 -15.16 31.84 17.74
N ASP C 313 -14.82 32.81 18.57
CA ASP C 313 -15.63 34.00 18.59
C ASP C 313 -15.31 34.77 17.31
N ILE C 314 -16.22 35.66 16.94
CA ILE C 314 -16.02 36.48 15.75
C ILE C 314 -15.95 37.94 16.15
N ILE C 315 -14.91 38.63 15.70
CA ILE C 315 -14.74 40.02 16.03
C ILE C 315 -15.59 40.92 15.13
N GLY C 316 -16.34 41.80 15.77
CA GLY C 316 -17.20 42.74 15.06
C GLY C 316 -18.61 42.21 14.94
N ASP C 317 -19.46 42.95 14.23
CA ASP C 317 -20.84 42.57 14.02
C ASP C 317 -20.90 41.52 12.93
N ILE C 318 -21.99 40.77 12.86
CA ILE C 318 -22.04 39.71 11.85
C ILE C 318 -22.93 40.06 10.68
N ARG C 319 -22.35 39.95 9.50
CA ARG C 319 -23.05 40.29 8.28
C ARG C 319 -23.10 39.12 7.33
N GLN C 320 -24.06 39.14 6.43
CA GLN C 320 -24.19 38.06 5.49
C GLN C 320 -23.17 38.10 4.38
N ALA C 321 -22.64 36.93 4.07
CA ALA C 321 -21.69 36.75 2.97
C ALA C 321 -22.43 37.03 1.69
N HIS C 322 -21.72 37.59 0.73
CA HIS C 322 -22.37 37.95 -0.52
C HIS C 322 -21.41 38.06 -1.69
N CYS C 323 -21.97 38.06 -2.93
CA CYS C 323 -21.25 38.29 -4.18
C CYS C 323 -21.81 39.50 -4.92
N ASN C 324 -20.90 40.34 -5.37
CA ASN C 324 -21.16 41.54 -6.14
C ASN C 324 -20.79 41.30 -7.62
N VAL C 325 -21.80 41.38 -8.52
CA VAL C 325 -21.62 41.21 -9.96
C VAL C 325 -21.92 42.55 -10.62
N SER C 326 -20.99 43.09 -11.40
CA SER C 326 -21.25 44.41 -11.98
C SER C 326 -22.55 44.37 -12.77
N LYS C 327 -23.47 45.31 -12.52
CA LYS C 327 -24.75 45.20 -13.22
C LYS C 327 -24.69 45.49 -14.69
N ALA C 328 -23.95 46.52 -15.08
CA ALA C 328 -23.95 46.84 -16.48
C ALA C 328 -23.29 45.74 -17.29
N THR C 329 -22.21 45.18 -16.77
CA THR C 329 -21.52 44.16 -17.51
C THR C 329 -22.41 42.95 -17.62
N TRP C 330 -23.03 42.56 -16.51
CA TRP C 330 -23.89 41.40 -16.55
C TRP C 330 -25.03 41.55 -17.55
N ASN C 331 -25.74 42.72 -17.58
CA ASN C 331 -26.88 42.93 -18.47
C ASN C 331 -26.46 42.87 -19.96
N GLU C 332 -25.27 43.45 -20.34
CA GLU C 332 -24.77 43.40 -21.71
C GLU C 332 -24.38 41.98 -22.10
N THR C 333 -23.78 41.28 -21.16
CA THR C 333 -23.34 39.92 -21.38
C THR C 333 -24.51 39.01 -21.60
N LEU C 334 -25.56 39.16 -20.81
CA LEU C 334 -26.69 38.30 -20.96
C LEU C 334 -27.36 38.62 -22.29
N GLY C 335 -27.41 39.90 -22.67
CA GLY C 335 -28.01 40.26 -23.95
C GLY C 335 -27.28 39.58 -25.11
N LYS C 336 -25.95 39.47 -25.02
CA LYS C 336 -25.17 38.79 -26.06
C LYS C 336 -25.54 37.32 -26.12
N VAL C 337 -25.76 36.70 -24.95
CA VAL C 337 -26.15 35.30 -24.91
C VAL C 337 -27.50 35.14 -25.58
N VAL C 338 -28.42 36.04 -25.32
CA VAL C 338 -29.73 35.95 -25.94
C VAL C 338 -29.65 36.05 -27.44
N LYS C 339 -28.87 36.99 -27.96
CA LYS C 339 -28.76 37.10 -29.41
C LYS C 339 -28.18 35.83 -30.01
N GLN C 340 -27.21 35.22 -29.33
CA GLN C 340 -26.65 33.98 -29.83
C GLN C 340 -27.67 32.82 -29.72
N LEU C 341 -28.49 32.79 -28.66
CA LEU C 341 -29.49 31.72 -28.56
C LEU C 341 -30.43 31.80 -29.75
N ARG C 342 -30.76 33.00 -30.18
CA ARG C 342 -31.68 33.15 -31.31
C ARG C 342 -31.13 32.63 -32.64
N LYS C 343 -29.84 32.26 -32.69
CA LYS C 343 -29.26 31.72 -33.91
C LYS C 343 -29.39 30.19 -33.94
N HIS C 344 -29.83 29.61 -32.82
CA HIS C 344 -29.99 28.16 -32.70
C HIS C 344 -31.45 27.82 -32.46
N PHE C 345 -32.16 28.81 -31.92
CA PHE C 345 -33.56 28.76 -31.57
C PHE C 345 -34.25 29.64 -32.61
N GLY C 346 -35.57 29.80 -32.56
CA GLY C 346 -36.18 30.56 -33.64
C GLY C 346 -36.13 32.08 -33.46
N ASN C 347 -36.65 32.81 -34.49
CA ASN C 347 -36.72 34.26 -34.57
C ASN C 347 -38.00 34.76 -33.87
N ASN C 348 -37.97 36.03 -33.39
CA ASN C 348 -39.08 36.73 -32.72
C ASN C 348 -39.61 35.95 -31.53
N THR C 349 -38.66 35.34 -30.82
CA THR C 349 -38.94 34.54 -29.67
C THR C 349 -38.53 35.26 -28.43
N ILE C 350 -39.45 35.34 -27.50
CA ILE C 350 -39.11 35.96 -26.24
C ILE C 350 -38.31 34.96 -25.48
N ILE C 351 -37.19 35.41 -24.98
CA ILE C 351 -36.34 34.52 -24.21
C ILE C 351 -36.32 34.97 -22.81
N ARG C 352 -36.62 34.07 -21.90
CA ARG C 352 -36.60 34.51 -20.52
C ARG C 352 -35.80 33.62 -19.63
N PHE C 353 -35.21 34.26 -18.62
CA PHE C 353 -34.39 33.60 -17.65
C PHE C 353 -35.01 33.58 -16.29
N ALA C 354 -35.13 32.36 -15.80
CA ALA C 354 -35.70 32.00 -14.51
C ALA C 354 -34.62 31.52 -13.57
N GLN C 355 -34.96 31.46 -12.29
CA GLN C 355 -34.01 30.95 -11.32
C GLN C 355 -34.01 29.46 -11.41
N SER C 356 -33.17 28.83 -10.61
CA SER C 356 -33.03 27.39 -10.63
C SER C 356 -34.24 26.70 -10.03
N SER C 357 -34.37 25.40 -10.32
CA SER C 357 -35.51 24.60 -9.87
C SER C 357 -35.55 24.18 -8.40
N GLY C 358 -34.43 24.20 -7.70
CA GLY C 358 -34.44 23.78 -6.30
C GLY C 358 -34.01 22.33 -6.13
N GLY C 359 -34.29 21.77 -4.95
CA GLY C 359 -33.75 20.47 -4.63
C GLY C 359 -32.48 20.70 -3.84
N ASP C 360 -31.51 19.80 -3.99
CA ASP C 360 -30.32 19.85 -3.18
C ASP C 360 -29.62 21.21 -3.36
N LEU C 361 -29.05 21.76 -2.29
CA LEU C 361 -28.42 23.08 -2.39
C LEU C 361 -27.30 23.06 -3.42
N GLU C 362 -26.61 21.92 -3.49
CA GLU C 362 -25.47 21.72 -4.36
C GLU C 362 -25.77 21.88 -5.85
N VAL C 363 -27.03 21.77 -6.25
CA VAL C 363 -27.40 21.91 -7.65
C VAL C 363 -28.36 23.08 -7.86
N THR C 364 -28.54 23.91 -6.83
CA THR C 364 -29.47 25.03 -6.91
C THR C 364 -28.73 26.37 -6.90
N THR C 365 -27.62 26.41 -6.19
CA THR C 365 -26.79 27.59 -5.98
C THR C 365 -25.52 27.58 -6.80
N HIS C 366 -24.80 28.70 -6.70
CA HIS C 366 -23.51 28.85 -7.29
C HIS C 366 -22.53 28.36 -6.26
N SER C 367 -21.91 27.22 -6.51
CA SER C 367 -21.04 26.62 -5.52
C SER C 367 -19.61 26.66 -5.95
N PHE C 368 -18.76 27.22 -5.12
CA PHE C 368 -17.35 27.30 -5.47
C PHE C 368 -16.42 27.35 -4.28
N ASN C 369 -15.19 26.94 -4.50
CA ASN C 369 -14.15 27.04 -3.49
C ASN C 369 -13.42 28.36 -3.60
N CYS C 370 -13.09 28.98 -2.45
CA CYS C 370 -12.27 30.20 -2.39
C CYS C 370 -11.43 30.19 -1.13
N GLY C 371 -10.14 29.99 -1.30
CA GLY C 371 -9.21 29.99 -0.18
C GLY C 371 -9.32 28.76 0.69
N GLY C 372 -10.06 27.75 0.23
CA GLY C 372 -10.30 26.57 1.04
C GLY C 372 -11.72 26.62 1.66
N GLU C 373 -12.38 27.78 1.60
CA GLU C 373 -13.74 27.91 2.13
C GLU C 373 -14.76 27.56 1.05
N PHE C 374 -15.95 27.11 1.45
CA PHE C 374 -16.99 26.78 0.47
C PHE C 374 -18.23 27.64 0.51
N PHE C 375 -18.46 28.31 -0.61
CA PHE C 375 -19.59 29.20 -0.79
C PHE C 375 -20.68 28.53 -1.58
N TYR C 376 -21.91 28.82 -1.20
CA TYR C 376 -23.15 28.41 -1.84
C TYR C 376 -24.04 29.65 -1.99
N CYS C 377 -23.88 30.38 -3.12
CA CYS C 377 -24.49 31.70 -3.33
C CYS C 377 -25.72 31.63 -4.22
N ASN C 378 -26.68 32.49 -3.93
CA ASN C 378 -27.89 32.53 -4.73
C ASN C 378 -27.61 33.26 -6.04
N THR C 379 -28.39 32.95 -7.10
CA THR C 379 -28.29 33.55 -8.46
C THR C 379 -29.58 34.18 -8.88
N SER C 380 -30.43 34.46 -7.91
CA SER C 380 -31.74 34.99 -8.16
C SER C 380 -31.75 36.33 -8.83
N GLY C 381 -30.72 37.13 -8.59
CA GLY C 381 -30.63 38.46 -9.17
C GLY C 381 -29.93 38.46 -10.52
N LEU C 382 -29.47 37.29 -10.98
CA LEU C 382 -28.78 37.23 -12.26
C LEU C 382 -29.71 36.74 -13.36
N PHE C 383 -30.64 35.87 -12.99
CA PHE C 383 -31.54 35.29 -13.96
C PHE C 383 -33.01 35.57 -13.60
N ASN C 384 -33.47 36.83 -13.84
CA ASN C 384 -34.80 37.32 -13.52
C ASN C 384 -35.27 38.36 -14.57
N SER C 385 -35.41 37.94 -15.84
CA SER C 385 -35.80 38.86 -16.94
C SER C 385 -36.37 38.21 -18.17
N THR C 386 -37.07 39.02 -18.95
CA THR C 386 -37.57 38.62 -20.24
C THR C 386 -36.97 39.53 -21.28
N TRP C 387 -36.52 38.93 -22.36
CA TRP C 387 -35.93 39.66 -23.44
C TRP C 387 -36.86 39.80 -24.61
N ILE C 388 -37.14 41.07 -24.91
CA ILE C 388 -38.03 41.51 -25.96
C ILE C 388 -37.46 41.20 -27.31
N SER C 389 -38.29 41.15 -28.35
CA SER C 389 -37.74 40.90 -29.69
C SER C 389 -36.83 42.03 -30.23
N ASN C 390 -37.09 43.30 -29.82
CA ASN C 390 -36.34 44.50 -30.24
C ASN C 390 -35.20 44.75 -29.25
N ASN C 402 -22.19 53.21 -11.31
CA ASN C 402 -21.51 52.03 -10.78
C ASN C 402 -22.52 51.16 -9.99
N ASP C 403 -23.59 50.70 -10.68
CA ASP C 403 -24.66 49.85 -10.13
C ASP C 403 -24.22 48.38 -10.05
N SER C 404 -24.87 47.62 -9.19
CA SER C 404 -24.50 46.22 -9.02
C SER C 404 -25.63 45.30 -8.58
N ILE C 405 -25.40 44.02 -8.82
CA ILE C 405 -26.31 42.99 -8.40
C ILE C 405 -25.74 42.33 -7.17
N THR C 406 -26.50 42.29 -6.09
CA THR C 406 -25.98 41.65 -4.89
C THR C 406 -26.66 40.32 -4.69
N LEU C 407 -25.84 39.31 -4.57
CA LEU C 407 -26.28 37.96 -4.37
C LEU C 407 -25.97 37.52 -2.94
N PRO C 408 -26.93 37.14 -2.11
CA PRO C 408 -26.70 36.69 -0.74
C PRO C 408 -26.08 35.31 -0.85
N CYS C 409 -25.22 34.93 0.12
CA CYS C 409 -24.58 33.60 0.22
C CYS C 409 -24.82 32.93 1.59
N ARG C 410 -24.88 31.59 1.57
CA ARG C 410 -24.98 30.82 2.80
C ARG C 410 -23.80 29.85 2.90
N ILE C 411 -22.81 30.20 3.70
CA ILE C 411 -21.58 29.42 3.81
C ILE C 411 -21.75 28.12 4.53
N LYS C 412 -21.16 27.05 3.97
CA LYS C 412 -21.32 25.71 4.50
C LYS C 412 -19.97 25.06 4.79
N GLN C 413 -19.79 24.46 5.98
CA GLN C 413 -18.53 23.84 6.35
C GLN C 413 -18.38 22.37 5.97
N ILE C 414 -19.45 21.59 5.99
CA ILE C 414 -19.32 20.16 5.69
C ILE C 414 -19.92 19.87 4.34
N ILE C 415 -19.10 19.38 3.45
CA ILE C 415 -19.58 19.13 2.10
C ILE C 415 -19.29 17.73 1.63
N ASN C 416 -20.01 17.29 0.60
CA ASN C 416 -19.73 15.98 0.00
C ASN C 416 -18.82 16.18 -1.21
N MET C 417 -18.82 17.41 -1.69
CA MET C 417 -18.07 17.98 -2.81
C MET C 417 -18.40 17.49 -4.22
N TRP C 418 -18.55 16.19 -4.41
CA TRP C 418 -18.82 15.67 -5.73
C TRP C 418 -20.30 15.30 -5.90
N GLN C 419 -20.56 14.07 -6.34
CA GLN C 419 -21.91 13.55 -6.56
C GLN C 419 -22.05 12.19 -5.93
N ARG C 420 -21.43 12.05 -4.78
CA ARG C 420 -21.44 10.83 -4.01
C ARG C 420 -21.65 11.22 -2.56
N ILE C 421 -22.28 10.36 -1.78
CA ILE C 421 -22.52 10.65 -0.36
C ILE C 421 -21.93 9.61 0.59
N GLY C 422 -20.88 8.93 0.10
CA GLY C 422 -20.17 7.89 0.83
C GLY C 422 -18.99 8.41 1.62
N GLN C 423 -18.80 9.72 1.63
CA GLN C 423 -17.73 10.43 2.32
C GLN C 423 -18.24 11.81 2.67
N ALA C 424 -17.42 12.58 3.35
CA ALA C 424 -17.70 13.96 3.67
C ALA C 424 -16.42 14.61 4.08
N MET C 425 -16.33 15.91 3.95
CA MET C 425 -15.17 16.61 4.48
C MET C 425 -15.55 17.91 5.11
N TYR C 426 -14.82 18.24 6.15
CA TYR C 426 -15.00 19.48 6.87
C TYR C 426 -13.99 20.49 6.41
N ALA C 427 -14.44 21.62 5.93
CA ALA C 427 -13.52 22.63 5.50
C ALA C 427 -13.08 23.40 6.74
N PRO C 428 -11.79 23.47 7.08
CA PRO C 428 -11.32 24.20 8.23
C PRO C 428 -11.67 25.64 7.95
N PRO C 429 -11.89 26.44 8.97
CA PRO C 429 -12.14 27.85 8.88
C PRO C 429 -10.85 28.56 8.53
N ILE C 430 -10.99 29.76 8.00
CA ILE C 430 -9.88 30.63 7.66
C ILE C 430 -9.91 31.84 8.57
N GLN C 431 -8.77 32.18 9.13
CA GLN C 431 -8.68 33.33 10.01
C GLN C 431 -8.89 34.63 9.25
N GLY C 432 -9.61 35.55 9.88
CA GLY C 432 -9.79 36.87 9.32
C GLY C 432 -10.86 36.94 8.24
N VAL C 433 -10.80 38.01 7.45
CA VAL C 433 -11.79 38.29 6.43
C VAL C 433 -11.31 37.84 5.07
N ILE C 434 -12.15 37.11 4.35
CA ILE C 434 -11.80 36.60 3.02
C ILE C 434 -12.48 37.35 1.88
N ARG C 435 -11.66 37.72 0.89
CA ARG C 435 -12.12 38.40 -0.32
C ARG C 435 -11.69 37.61 -1.57
N CYS C 436 -12.66 37.26 -2.42
CA CYS C 436 -12.53 36.46 -3.63
C CYS C 436 -12.76 37.34 -4.85
N VAL C 437 -11.83 37.32 -5.78
CA VAL C 437 -12.04 38.07 -7.02
C VAL C 437 -11.92 37.09 -8.17
N SER C 438 -12.92 37.05 -9.04
CA SER C 438 -12.87 36.10 -10.14
C SER C 438 -13.62 36.56 -11.40
N ASN C 439 -13.34 35.88 -12.54
CA ASN C 439 -13.95 36.12 -13.85
C ASN C 439 -15.06 35.10 -14.16
N ILE C 440 -16.31 35.57 -14.47
CA ILE C 440 -17.38 34.68 -14.95
C ILE C 440 -17.04 34.52 -16.41
N THR C 441 -16.81 33.29 -16.81
CA THR C 441 -16.35 32.94 -18.14
C THR C 441 -17.46 32.34 -18.95
N GLY C 442 -18.38 31.71 -18.26
CA GLY C 442 -19.46 31.05 -18.96
C GLY C 442 -20.55 30.55 -18.05
N LEU C 443 -21.62 30.14 -18.67
CA LEU C 443 -22.80 29.70 -17.93
C LEU C 443 -23.19 28.29 -18.26
N ILE C 444 -23.77 27.57 -17.32
CA ILE C 444 -24.35 26.29 -17.72
C ILE C 444 -25.84 26.46 -17.60
N LEU C 445 -26.52 26.38 -18.72
CA LEU C 445 -27.96 26.58 -18.77
C LEU C 445 -28.72 25.31 -19.12
N THR C 446 -29.96 25.25 -18.68
CA THR C 446 -30.85 24.17 -19.04
C THR C 446 -32.14 24.79 -19.56
N ARG C 447 -32.79 24.11 -20.50
CA ARG C 447 -34.04 24.64 -21.04
C ARG C 447 -35.22 23.98 -20.37
N ASP C 448 -36.27 24.74 -20.12
CA ASP C 448 -37.46 24.12 -19.58
C ASP C 448 -38.12 23.29 -20.65
N GLY C 449 -38.30 22.00 -20.39
CA GLY C 449 -38.96 21.20 -21.39
C GLY C 449 -40.44 21.48 -21.36
N GLY C 450 -41.08 21.42 -22.52
CA GLY C 450 -42.52 21.61 -22.63
C GLY C 450 -42.84 23.00 -23.16
N SER C 451 -43.62 23.06 -24.23
CA SER C 451 -43.99 24.33 -24.81
C SER C 451 -45.29 24.22 -25.57
N THR C 452 -45.92 25.37 -25.79
CA THR C 452 -47.14 25.45 -26.59
C THR C 452 -46.86 26.36 -27.76
N ASN C 453 -47.18 25.88 -28.96
CA ASN C 453 -47.05 26.62 -30.20
C ASN C 453 -45.67 27.24 -30.41
N SER C 454 -44.64 26.54 -29.98
CA SER C 454 -43.26 27.00 -30.13
C SER C 454 -43.03 28.45 -29.69
N THR C 455 -43.61 28.90 -28.58
CA THR C 455 -43.34 30.27 -28.18
C THR C 455 -42.80 30.43 -26.79
N THR C 456 -41.96 31.45 -26.67
CA THR C 456 -41.33 31.89 -25.43
C THR C 456 -40.59 30.79 -24.68
N GLU C 457 -39.41 30.44 -25.16
CA GLU C 457 -38.66 29.42 -24.45
C GLU C 457 -37.99 30.01 -23.22
N THR C 458 -38.01 29.23 -22.16
CA THR C 458 -37.45 29.61 -20.88
C THR C 458 -36.22 28.81 -20.58
N PHE C 459 -35.22 29.51 -20.07
CA PHE C 459 -33.97 28.92 -19.66
C PHE C 459 -33.74 29.24 -18.21
N ARG C 460 -33.05 28.36 -17.53
CA ARG C 460 -32.67 28.61 -16.16
C ARG C 460 -31.31 27.97 -15.96
N PRO C 461 -30.53 28.35 -14.96
CA PRO C 461 -29.27 27.72 -14.64
C PRO C 461 -29.38 26.25 -14.32
N GLY C 462 -28.39 25.50 -14.79
CA GLY C 462 -28.23 24.06 -14.58
C GLY C 462 -26.82 23.82 -14.05
N GLY C 463 -26.09 22.87 -14.64
CA GLY C 463 -24.71 22.60 -14.21
C GLY C 463 -24.53 21.72 -13.00
N GLY C 464 -25.50 20.85 -12.70
CA GLY C 464 -25.34 19.99 -11.53
C GLY C 464 -24.12 19.04 -11.63
N ASP C 465 -23.82 18.56 -12.84
CA ASP C 465 -22.68 17.66 -13.03
C ASP C 465 -21.41 18.49 -13.11
N MET C 466 -20.29 17.86 -12.80
CA MET C 466 -18.99 18.50 -12.84
C MET C 466 -18.31 18.33 -14.17
N ARG C 467 -18.70 17.33 -14.95
CA ARG C 467 -18.01 17.13 -16.21
C ARG C 467 -18.08 18.35 -17.11
N ASP C 468 -19.20 19.06 -17.07
CA ASP C 468 -19.44 20.24 -17.90
C ASP C 468 -18.42 21.34 -17.67
N ASN C 469 -17.82 21.36 -16.48
CA ASN C 469 -16.86 22.37 -16.12
C ASN C 469 -15.58 22.18 -16.88
N TRP C 470 -15.33 20.96 -17.35
CA TRP C 470 -14.12 20.67 -18.06
C TRP C 470 -14.43 20.49 -19.53
N ARG C 471 -15.68 20.15 -19.87
CA ARG C 471 -16.00 20.02 -21.27
C ARG C 471 -15.77 21.37 -21.92
N SER C 472 -16.06 22.43 -21.16
CA SER C 472 -15.97 23.81 -21.62
C SER C 472 -14.56 24.24 -21.98
N GLU C 473 -13.54 23.52 -21.53
CA GLU C 473 -12.18 23.88 -21.85
C GLU C 473 -11.40 22.82 -22.60
N LEU C 474 -12.06 21.73 -22.99
CA LEU C 474 -11.32 20.70 -23.71
C LEU C 474 -11.94 20.48 -25.07
N TYR C 475 -12.71 21.46 -25.50
CA TYR C 475 -13.40 21.42 -26.78
C TYR C 475 -12.43 21.60 -27.91
N LYS C 476 -11.27 22.10 -27.57
CA LYS C 476 -10.21 22.35 -28.49
C LYS C 476 -9.32 21.15 -28.71
N TYR C 477 -9.48 20.06 -27.94
CA TYR C 477 -8.51 19.00 -28.13
C TYR C 477 -9.02 17.60 -28.43
N LYS C 478 -8.25 16.91 -29.27
CA LYS C 478 -8.45 15.50 -29.59
C LYS C 478 -7.17 14.68 -29.45
N VAL C 479 -7.28 13.46 -28.96
CA VAL C 479 -6.10 12.60 -28.87
C VAL C 479 -6.04 11.71 -30.08
N VAL C 480 -4.89 11.70 -30.76
CA VAL C 480 -4.75 10.88 -31.95
C VAL C 480 -3.51 10.02 -31.91
N LYS C 481 -3.62 8.78 -32.41
CA LYS C 481 -2.48 7.88 -32.50
C LYS C 481 -1.83 8.06 -33.86
N ILE C 482 -0.52 8.09 -33.88
CA ILE C 482 0.18 8.23 -35.14
C ILE C 482 0.65 6.88 -35.62
N GLU C 483 0.33 6.58 -36.86
CA GLU C 483 0.66 5.32 -37.52
C GLU C 483 1.67 5.58 -38.62
N PRO C 484 2.97 5.53 -38.35
CA PRO C 484 4.06 5.91 -39.22
C PRO C 484 4.31 4.95 -40.37
N LEU C 485 3.68 3.79 -40.34
CA LEU C 485 3.95 2.83 -41.37
C LEU C 485 2.88 2.81 -42.43
N GLY C 486 3.22 3.16 -43.67
CA GLY C 486 2.22 3.19 -44.72
C GLY C 486 2.68 2.46 -45.98
N VAL C 487 1.72 2.18 -46.85
CA VAL C 487 1.97 1.50 -48.12
C VAL C 487 1.42 2.28 -49.30
N ALA C 488 2.20 2.38 -50.37
CA ALA C 488 1.80 3.09 -51.57
C ALA C 488 2.45 2.38 -52.78
N PRO C 489 1.85 2.44 -53.98
CA PRO C 489 2.39 1.85 -55.19
C PRO C 489 3.49 2.66 -55.77
N THR C 490 4.42 2.02 -56.42
CA THR C 490 5.41 2.76 -57.20
C THR C 490 6.10 1.87 -58.20
N ARG C 491 7.13 2.40 -58.82
CA ARG C 491 7.91 1.62 -59.77
C ARG C 491 9.28 1.44 -59.14
N CYS C 492 9.91 0.26 -59.37
CA CYS C 492 11.24 -0.16 -58.92
C CYS C 492 11.42 -1.65 -59.22
N LEU D 9 8.94 22.49 -42.15
CA LEU D 9 7.94 22.30 -41.12
C LEU D 9 8.47 21.26 -40.12
N GLY D 10 7.72 21.05 -39.00
CA GLY D 10 8.03 20.10 -37.92
C GLY D 10 7.22 18.82 -38.02
N PHE D 11 6.99 18.20 -36.88
CA PHE D 11 6.31 16.91 -36.76
C PHE D 11 4.91 17.04 -37.30
N LEU D 12 4.49 16.10 -38.14
CA LEU D 12 3.18 16.10 -38.78
C LEU D 12 2.96 17.31 -39.65
N GLY D 13 4.01 18.06 -39.96
CA GLY D 13 3.92 19.22 -40.79
C GLY D 13 3.43 18.89 -42.17
N ALA D 14 3.80 17.73 -42.64
CA ALA D 14 3.45 17.28 -43.97
C ALA D 14 2.08 16.63 -44.03
N ALA D 15 1.33 16.58 -42.95
CA ALA D 15 0.05 15.88 -43.00
C ALA D 15 -0.88 16.45 -44.07
N GLY D 16 -0.84 17.75 -44.33
CA GLY D 16 -1.73 18.32 -45.35
C GLY D 16 -1.10 18.35 -46.75
N SER D 17 0.13 17.84 -46.86
CA SER D 17 0.87 17.86 -48.12
C SER D 17 0.53 16.63 -48.91
N THR D 18 0.86 16.65 -50.19
CA THR D 18 0.58 15.47 -50.95
C THR D 18 1.61 14.42 -50.60
N MET D 19 1.33 13.18 -50.97
CA MET D 19 2.17 12.05 -50.64
C MET D 19 3.58 12.21 -51.17
N GLY D 20 3.71 12.72 -52.38
CA GLY D 20 5.02 12.88 -52.97
C GLY D 20 5.86 13.80 -52.11
N ALA D 21 5.35 14.99 -51.82
CA ALA D 21 6.09 15.93 -51.00
C ALA D 21 6.37 15.40 -49.61
N ALA D 22 5.39 14.70 -49.05
CA ALA D 22 5.45 14.18 -47.70
C ALA D 22 6.47 13.06 -47.57
N SER D 23 6.82 12.39 -48.67
CA SER D 23 7.80 11.33 -48.59
C SER D 23 9.18 11.89 -48.24
N MET D 24 9.37 13.21 -48.33
CA MET D 24 10.67 13.78 -47.99
C MET D 24 10.80 14.17 -46.51
N THR D 25 9.76 13.93 -45.69
CA THR D 25 9.78 14.32 -44.27
C THR D 25 9.68 13.08 -43.38
N LEU D 26 10.06 11.94 -43.90
CA LEU D 26 9.91 10.69 -43.18
C LEU D 26 10.71 10.67 -41.87
N THR D 27 11.80 11.42 -41.78
CA THR D 27 12.54 11.41 -40.55
C THR D 27 11.97 12.32 -39.49
N VAL D 28 11.13 13.31 -39.83
CA VAL D 28 10.64 14.10 -38.72
C VAL D 28 9.63 13.23 -38.03
N GLN D 29 8.93 12.41 -38.79
CA GLN D 29 7.99 11.56 -38.13
C GLN D 29 8.71 10.48 -37.33
N ALA D 30 9.77 9.89 -37.89
CA ALA D 30 10.44 8.81 -37.18
C ALA D 30 11.07 9.26 -35.86
N ARG D 31 11.64 10.46 -35.83
CA ARG D 31 12.32 10.94 -34.64
C ARG D 31 11.42 11.18 -33.45
N ASN D 32 10.12 11.27 -33.67
CA ASN D 32 9.18 11.58 -32.60
C ASN D 32 8.35 10.37 -32.14
N LEU D 33 8.77 9.16 -32.48
CA LEU D 33 8.06 7.97 -32.03
C LEU D 33 8.50 7.52 -30.64
N LEU D 34 9.72 7.89 -30.24
CA LEU D 34 10.28 7.61 -28.92
C LEU D 34 10.48 8.95 -28.20
N SER D 35 10.49 8.96 -26.85
CA SER D 35 10.70 10.16 -26.01
C SER D 35 11.97 10.95 -26.41
N GLY D 61 1.35 8.50 -10.58
CA GLY D 61 2.74 8.12 -10.64
C GLY D 61 2.99 6.91 -11.56
N ILE D 62 2.21 5.81 -11.34
CA ILE D 62 2.31 4.56 -12.12
C ILE D 62 1.92 4.80 -13.57
N LYS D 63 1.07 5.81 -13.79
CA LYS D 63 0.68 6.20 -15.13
C LYS D 63 1.87 6.73 -15.93
N GLN D 64 2.83 7.39 -15.26
CA GLN D 64 3.96 7.91 -15.99
C GLN D 64 4.76 6.74 -16.51
N LEU D 65 4.89 5.71 -15.66
CA LEU D 65 5.66 4.55 -16.06
C LEU D 65 4.92 3.72 -17.11
N GLN D 66 3.60 3.56 -16.94
CA GLN D 66 2.83 2.77 -17.89
C GLN D 66 2.81 3.41 -19.27
N ALA D 67 2.64 4.74 -19.32
CA ALA D 67 2.60 5.42 -20.58
C ALA D 67 3.94 5.34 -21.29
N ARG D 68 5.03 5.40 -20.53
CA ARG D 68 6.36 5.32 -21.11
C ARG D 68 6.61 3.94 -21.70
N VAL D 69 6.17 2.91 -21.00
CA VAL D 69 6.36 1.55 -21.49
C VAL D 69 5.56 1.31 -22.75
N LEU D 70 4.31 1.79 -22.81
CA LEU D 70 3.51 1.58 -24.01
C LEU D 70 4.13 2.27 -25.21
N ALA D 71 4.69 3.46 -25.04
CA ALA D 71 5.30 4.10 -26.20
C ALA D 71 6.41 3.21 -26.77
N VAL D 72 7.19 2.58 -25.88
CA VAL D 72 8.24 1.69 -26.32
C VAL D 72 7.69 0.47 -27.02
N GLU D 73 6.66 -0.14 -26.46
CA GLU D 73 6.12 -1.33 -27.09
C GLU D 73 5.60 -1.05 -28.49
N HIS D 74 4.94 0.10 -28.70
CA HIS D 74 4.41 0.36 -30.03
C HIS D 74 5.54 0.56 -31.03
N TYR D 75 6.61 1.26 -30.61
CA TYR D 75 7.74 1.46 -31.48
C TYR D 75 8.33 0.15 -31.92
N LEU D 76 8.56 -0.75 -30.96
CA LEU D 76 9.18 -2.01 -31.29
C LEU D 76 8.32 -2.87 -32.17
N ARG D 77 7.00 -2.84 -32.00
CA ARG D 77 6.18 -3.66 -32.86
C ARG D 77 6.40 -3.27 -34.32
N ASP D 78 6.47 -1.97 -34.60
CA ASP D 78 6.66 -1.56 -35.98
C ASP D 78 8.06 -1.91 -36.47
N GLN D 79 9.06 -1.79 -35.61
CA GLN D 79 10.40 -2.12 -36.07
C GLN D 79 10.52 -3.58 -36.40
N GLN D 80 9.86 -4.43 -35.62
CA GLN D 80 9.97 -5.83 -35.92
C GLN D 80 9.32 -6.14 -37.24
N LEU D 81 8.19 -5.51 -37.52
CA LEU D 81 7.50 -5.80 -38.76
C LEU D 81 8.36 -5.37 -39.95
N LEU D 82 9.03 -4.22 -39.85
CA LEU D 82 9.90 -3.80 -40.93
C LEU D 82 11.04 -4.79 -41.07
N GLY D 83 11.58 -5.30 -39.96
CA GLY D 83 12.66 -6.24 -40.05
C GLY D 83 12.23 -7.51 -40.79
N ILE D 84 11.02 -7.99 -40.51
CA ILE D 84 10.49 -9.18 -41.15
C ILE D 84 10.41 -9.04 -42.64
N TRP D 85 9.98 -7.88 -43.13
CA TRP D 85 9.85 -7.61 -44.55
C TRP D 85 11.17 -7.28 -45.25
N GLY D 86 12.26 -7.22 -44.50
CA GLY D 86 13.55 -6.83 -45.08
C GLY D 86 13.74 -5.30 -45.21
N CYS D 87 13.00 -4.52 -44.39
CA CYS D 87 12.94 -3.07 -44.31
C CYS D 87 13.59 -2.54 -43.04
N SER D 88 14.44 -3.31 -42.40
CA SER D 88 15.09 -2.76 -41.21
C SER D 88 15.97 -1.57 -41.58
N GLY D 89 15.92 -0.50 -40.78
CA GLY D 89 16.77 0.68 -40.96
C GLY D 89 16.26 1.66 -42.01
N LYS D 90 16.16 1.18 -43.23
CA LYS D 90 15.72 1.98 -44.37
C LYS D 90 14.32 2.59 -44.23
N LEU D 91 14.22 3.85 -44.60
CA LEU D 91 12.95 4.56 -44.59
C LEU D 91 12.08 4.13 -45.76
N ILE D 92 12.73 3.87 -46.89
CA ILE D 92 12.00 3.50 -48.10
C ILE D 92 12.44 2.13 -48.67
N CYS D 93 11.46 1.22 -48.85
CA CYS D 93 11.65 -0.15 -49.33
C CYS D 93 11.18 -0.34 -50.77
N CYS D 94 11.74 -1.36 -51.40
CA CYS D 94 11.27 -1.83 -52.67
C CYS D 94 11.08 -3.31 -52.40
N THR D 95 9.96 -3.87 -52.84
CA THR D 95 9.69 -5.25 -52.50
C THR D 95 9.43 -6.06 -53.75
N ASN D 96 9.28 -7.35 -53.56
CA ASN D 96 8.99 -8.28 -54.64
C ASN D 96 7.53 -8.69 -54.72
N VAL D 97 6.64 -7.89 -54.14
CA VAL D 97 5.21 -8.17 -54.24
C VAL D 97 4.56 -7.17 -55.20
N PRO D 98 3.85 -7.62 -56.25
CA PRO D 98 3.31 -6.68 -57.20
C PRO D 98 1.95 -6.25 -56.67
N TRP D 99 1.35 -5.22 -57.28
CA TRP D 99 0.07 -4.65 -56.76
C TRP D 99 -1.10 -5.27 -57.52
N ASN D 100 -1.94 -6.06 -56.88
CA ASN D 100 -3.13 -6.53 -57.61
C ASN D 100 -3.92 -5.30 -58.01
N SER D 101 -4.43 -5.25 -59.22
CA SER D 101 -5.11 -4.05 -59.76
C SER D 101 -6.36 -3.77 -58.92
N SER D 102 -7.05 -4.83 -58.50
CA SER D 102 -8.29 -4.68 -57.70
C SER D 102 -8.15 -3.59 -56.64
N TRP D 103 -6.99 -3.49 -55.99
CA TRP D 103 -6.87 -2.52 -54.87
C TRP D 103 -6.94 -1.10 -55.39
N SER D 104 -7.06 -0.88 -56.74
CA SER D 104 -7.21 0.55 -57.01
C SER D 104 -7.87 0.96 -58.32
N ASN D 105 -8.50 2.14 -58.26
CA ASN D 105 -9.13 2.82 -59.38
C ASN D 105 -8.30 4.00 -59.90
N ARG D 106 -7.01 3.96 -59.52
CA ARG D 106 -6.11 5.08 -59.89
C ARG D 106 -4.74 4.61 -60.38
N ASN D 107 -3.80 5.56 -60.47
CA ASN D 107 -2.48 5.26 -61.06
C ASN D 107 -1.47 6.28 -60.55
N LEU D 108 -0.19 6.11 -60.91
CA LEU D 108 0.90 6.96 -60.35
C LEU D 108 0.69 8.42 -60.72
N SER D 109 -0.24 8.72 -61.61
CA SER D 109 -0.54 10.14 -61.88
C SER D 109 -1.16 10.71 -60.62
N GLU D 110 -2.00 9.91 -59.98
CA GLU D 110 -2.72 10.47 -58.83
C GLU D 110 -2.14 10.06 -57.49
N ILE D 111 -1.96 8.77 -57.23
CA ILE D 111 -1.60 8.32 -55.87
C ILE D 111 -0.65 9.28 -55.26
N TRP D 112 0.22 9.94 -56.01
CA TRP D 112 1.35 10.67 -55.45
C TRP D 112 1.28 12.21 -55.49
N ASP D 113 0.69 12.77 -56.53
CA ASP D 113 0.63 14.21 -56.67
C ASP D 113 -0.71 14.80 -56.24
N ASN D 114 -1.78 14.02 -56.30
CA ASN D 114 -3.13 14.58 -56.06
C ASN D 114 -3.72 14.22 -54.69
N MET D 115 -3.03 13.44 -53.87
CA MET D 115 -3.57 12.98 -52.57
C MET D 115 -2.59 13.17 -51.46
N THR D 116 -3.11 13.30 -50.24
CA THR D 116 -2.30 13.37 -49.02
C THR D 116 -2.25 11.97 -48.42
N TRP D 117 -1.36 11.72 -47.46
CA TRP D 117 -1.31 10.40 -46.85
C TRP D 117 -2.52 10.08 -46.00
N LEU D 118 -3.16 11.10 -45.41
CA LEU D 118 -4.32 10.81 -44.60
C LEU D 118 -5.43 10.30 -45.51
N GLN D 119 -5.59 10.95 -46.67
CA GLN D 119 -6.64 10.56 -47.59
C GLN D 119 -6.37 9.20 -48.15
N TRP D 120 -5.11 8.95 -48.41
CA TRP D 120 -4.68 7.72 -48.98
C TRP D 120 -4.88 6.52 -48.10
N ASP D 121 -4.43 6.61 -46.86
CA ASP D 121 -4.50 5.47 -45.99
C ASP D 121 -5.96 5.07 -45.77
N LYS D 122 -6.85 6.05 -45.69
CA LYS D 122 -8.24 5.77 -45.45
C LYS D 122 -8.93 5.02 -46.57
N GLU D 123 -8.35 4.99 -47.77
CA GLU D 123 -8.97 4.28 -48.86
C GLU D 123 -8.46 2.86 -49.06
N ILE D 124 -7.40 2.47 -48.34
CA ILE D 124 -6.87 1.12 -48.55
C ILE D 124 -6.77 0.32 -47.27
N SER D 125 -7.46 0.78 -46.23
CA SER D 125 -7.38 0.13 -44.91
C SER D 125 -7.90 -1.31 -44.82
N ASN D 126 -8.57 -1.66 -45.93
CA ASN D 126 -9.23 -2.96 -46.13
C ASN D 126 -8.37 -3.85 -47.02
N TYR D 127 -7.09 -3.67 -47.01
CA TYR D 127 -6.07 -4.48 -47.67
C TYR D 127 -4.81 -4.56 -46.83
N THR D 128 -4.81 -3.86 -45.71
CA THR D 128 -3.61 -3.76 -44.89
C THR D 128 -3.07 -5.11 -44.46
N GLN D 129 -3.94 -6.02 -44.06
CA GLN D 129 -3.46 -7.30 -43.56
C GLN D 129 -3.25 -8.30 -44.67
N ILE D 130 -3.59 -7.92 -45.89
CA ILE D 130 -3.36 -8.81 -47.00
C ILE D 130 -1.95 -8.50 -47.44
N ILE D 131 -1.65 -7.21 -47.53
CA ILE D 131 -0.36 -6.77 -47.96
C ILE D 131 0.71 -7.16 -46.99
N TYR D 132 0.48 -6.98 -45.70
CA TYR D 132 1.51 -7.33 -44.75
C TYR D 132 1.81 -8.81 -44.84
N GLY D 133 0.78 -9.64 -45.00
CA GLY D 133 0.95 -11.07 -45.13
C GLY D 133 1.76 -11.43 -46.38
N LEU D 134 1.46 -10.76 -47.50
CA LEU D 134 2.17 -11.03 -48.73
C LEU D 134 3.62 -10.66 -48.61
N LEU D 135 3.92 -9.55 -47.94
CA LEU D 135 5.29 -9.16 -47.80
C LEU D 135 6.03 -10.14 -46.89
N GLU D 136 5.42 -10.60 -45.82
CA GLU D 136 6.14 -11.53 -44.96
C GLU D 136 6.59 -12.78 -45.70
N GLU D 137 5.68 -13.34 -46.50
CA GLU D 137 5.96 -14.55 -47.25
C GLU D 137 6.86 -14.33 -48.46
N SER D 138 6.65 -13.25 -49.20
CA SER D 138 7.41 -13.05 -50.42
C SER D 138 8.73 -12.35 -50.23
N GLN D 139 8.96 -11.75 -49.07
CA GLN D 139 10.21 -11.10 -48.80
C GLN D 139 11.12 -12.09 -48.10
N ASN D 140 11.47 -11.84 -46.84
CA ASN D 140 12.45 -12.69 -46.20
C ASN D 140 12.08 -14.15 -46.06
N GLN D 141 10.81 -14.52 -45.93
CA GLN D 141 10.62 -15.95 -45.76
C GLN D 141 11.11 -16.74 -46.98
N GLN D 142 11.00 -16.18 -48.20
CA GLN D 142 11.46 -16.92 -49.36
C GLN D 142 12.81 -16.44 -49.87
N GLU D 143 13.09 -15.14 -49.76
CA GLU D 143 14.35 -14.58 -50.27
C GLU D 143 15.55 -15.17 -49.57
N LYS D 144 15.41 -15.46 -48.29
CA LYS D 144 16.55 -15.98 -47.59
C LYS D 144 16.73 -17.47 -47.84
N ASN D 145 15.73 -18.14 -48.43
CA ASN D 145 15.92 -19.54 -48.75
C ASN D 145 16.72 -19.52 -50.03
N GLU D 146 16.38 -18.57 -50.91
CA GLU D 146 17.10 -18.47 -52.16
C GLU D 146 18.54 -18.12 -51.89
N GLN D 147 18.81 -17.29 -50.88
CA GLN D 147 20.19 -16.95 -50.59
C GLN D 147 20.99 -18.18 -50.16
N ASP D 148 20.42 -19.09 -49.37
CA ASP D 148 21.18 -20.30 -49.02
C ASP D 148 21.42 -21.17 -50.24
N LEU D 149 20.52 -21.11 -51.20
CA LEU D 149 20.64 -21.92 -52.41
C LEU D 149 21.69 -21.35 -53.37
N LEU D 150 22.28 -20.20 -53.04
CA LEU D 150 23.35 -19.63 -53.85
C LEU D 150 24.78 -20.06 -53.42
N ALA D 151 24.90 -20.94 -52.38
CA ALA D 151 26.14 -21.51 -51.82
C ALA D 151 26.91 -22.40 -52.83
N GLU E 33 33.06 -28.32 -48.78
CA GLU E 33 33.90 -29.28 -48.08
C GLU E 33 33.42 -29.43 -46.62
N ASN E 34 33.75 -28.43 -45.76
CA ASN E 34 33.42 -28.38 -44.32
C ASN E 34 32.11 -27.64 -44.05
N LEU E 35 31.70 -27.51 -42.79
CA LEU E 35 30.39 -26.87 -42.56
C LEU E 35 30.60 -25.47 -41.97
N TRP E 36 29.70 -24.52 -42.24
CA TRP E 36 29.88 -23.13 -41.76
C TRP E 36 28.70 -22.67 -40.88
N VAL E 37 28.94 -22.06 -39.70
CA VAL E 37 27.89 -21.64 -38.71
C VAL E 37 26.81 -20.79 -39.33
N THR E 38 25.56 -21.20 -39.17
CA THR E 38 24.44 -20.39 -39.61
C THR E 38 23.53 -20.06 -38.47
N VAL E 39 23.22 -18.79 -38.37
CA VAL E 39 22.33 -18.31 -37.35
C VAL E 39 20.91 -18.30 -37.86
N TYR E 40 20.01 -18.91 -37.10
CA TYR E 40 18.60 -18.94 -37.46
C TYR E 40 17.74 -18.26 -36.43
N TYR E 41 16.91 -17.35 -36.88
CA TYR E 41 16.04 -16.65 -35.97
C TYR E 41 14.58 -16.96 -36.27
N GLY E 42 13.85 -17.35 -35.24
CA GLY E 42 12.45 -17.74 -35.38
C GLY E 42 12.33 -19.25 -35.21
N VAL E 43 13.33 -19.86 -34.59
CA VAL E 43 13.39 -21.27 -34.35
C VAL E 43 12.42 -21.68 -33.22
N PRO E 44 11.51 -22.62 -33.42
CA PRO E 44 10.49 -23.02 -32.46
C PRO E 44 10.96 -23.90 -31.30
N VAL E 45 11.79 -23.36 -30.42
CA VAL E 45 12.32 -24.11 -29.26
C VAL E 45 11.91 -23.58 -27.89
N TRP E 46 11.47 -24.52 -27.04
CA TRP E 46 10.96 -24.30 -25.68
C TRP E 46 11.95 -24.53 -24.55
N LYS E 47 11.82 -23.73 -23.49
CA LYS E 47 12.55 -23.95 -22.24
C LYS E 47 11.63 -23.85 -21.03
N ASP E 48 11.87 -24.64 -20.01
CA ASP E 48 11.03 -24.52 -18.81
C ASP E 48 11.18 -23.12 -18.24
N ALA E 49 10.08 -22.48 -17.83
CA ALA E 49 10.25 -21.16 -17.26
C ALA E 49 9.14 -20.74 -16.31
N GLU E 50 9.46 -19.80 -15.44
CA GLU E 50 8.46 -19.22 -14.55
C GLU E 50 8.32 -17.74 -14.76
N THR E 51 7.13 -17.31 -15.08
CA THR E 51 6.83 -15.91 -15.28
C THR E 51 5.47 -15.60 -14.68
N THR E 52 5.07 -14.34 -14.71
CA THR E 52 3.73 -14.05 -14.22
C THR E 52 2.80 -14.31 -15.38
N LEU E 53 1.56 -14.63 -15.08
CA LEU E 53 0.58 -14.82 -16.12
C LEU E 53 -0.48 -13.75 -16.01
N PHE E 54 -1.13 -13.48 -17.12
CA PHE E 54 -2.22 -12.53 -17.06
C PHE E 54 -3.45 -13.24 -16.62
N CYS E 55 -4.17 -12.62 -15.70
CA CYS E 55 -5.41 -13.20 -15.25
C CYS E 55 -6.52 -12.56 -16.04
N ALA E 56 -7.29 -13.39 -16.71
CA ALA E 56 -8.35 -12.90 -17.54
C ALA E 56 -9.70 -13.40 -17.04
N SER E 57 -10.75 -12.63 -17.30
CA SER E 57 -12.09 -13.02 -16.87
C SER E 57 -13.16 -12.75 -17.97
N ASP E 58 -14.46 -12.81 -17.60
CA ASP E 58 -15.63 -12.63 -18.47
C ASP E 58 -15.95 -11.14 -18.69
N CYS E 75 -7.81 -8.06 -13.13
CA CYS E 75 -7.94 -8.96 -14.26
C CYS E 75 -8.29 -8.15 -15.52
N VAL E 76 -8.16 -8.79 -16.70
CA VAL E 76 -8.43 -8.22 -18.04
C VAL E 76 -9.47 -9.12 -18.72
N PRO E 77 -10.16 -8.71 -19.77
CA PRO E 77 -11.05 -9.58 -20.53
C PRO E 77 -10.28 -10.73 -21.18
N THR E 78 -10.90 -11.90 -21.22
CA THR E 78 -10.35 -13.08 -21.89
C THR E 78 -10.64 -13.00 -23.36
N ASP E 79 -9.66 -13.35 -24.16
CA ASP E 79 -9.80 -13.42 -25.61
C ASP E 79 -10.77 -14.57 -25.92
N PRO E 80 -11.94 -14.33 -26.54
CA PRO E 80 -12.98 -15.31 -26.86
C PRO E 80 -12.49 -16.49 -27.69
N ASN E 81 -11.38 -16.31 -28.40
CA ASN E 81 -10.84 -17.38 -29.23
C ASN E 81 -9.64 -18.02 -28.52
N PRO E 82 -9.71 -19.28 -28.03
CA PRO E 82 -8.63 -19.98 -27.34
C PRO E 82 -7.34 -20.07 -28.18
N GLN E 83 -7.50 -19.96 -29.51
CA GLN E 83 -6.39 -20.04 -30.43
C GLN E 83 -5.54 -21.26 -30.21
N GLU E 84 -6.19 -22.41 -30.12
CA GLU E 84 -5.45 -23.64 -29.97
C GLU E 84 -4.74 -23.87 -31.28
N ILE E 85 -3.47 -24.22 -31.21
CA ILE E 85 -2.70 -24.49 -32.39
C ILE E 85 -2.39 -25.95 -32.49
N HIS E 86 -2.70 -26.45 -33.68
CA HIS E 86 -2.56 -27.80 -34.14
C HIS E 86 -1.80 -28.72 -33.22
N LEU E 87 -2.49 -29.77 -32.81
CA LEU E 87 -1.85 -30.77 -32.00
C LEU E 87 -0.64 -31.23 -32.79
N GLU E 88 0.51 -31.28 -32.14
CA GLU E 88 1.72 -31.67 -32.84
C GLU E 88 2.40 -32.89 -32.25
N ASN E 89 3.20 -33.59 -33.08
CA ASN E 89 3.92 -34.81 -32.74
C ASN E 89 5.24 -34.50 -32.00
N VAL E 90 5.09 -34.10 -30.73
CA VAL E 90 6.19 -33.79 -29.78
C VAL E 90 5.94 -34.61 -28.56
N THR E 91 6.97 -34.84 -27.78
CA THR E 91 6.77 -35.49 -26.50
C THR E 91 7.27 -34.53 -25.47
N GLU E 92 6.42 -34.18 -24.51
CA GLU E 92 6.85 -33.19 -23.53
C GLU E 92 6.76 -33.76 -22.13
N GLU E 93 7.87 -33.71 -21.42
CA GLU E 93 7.89 -34.24 -20.08
C GLU E 93 7.68 -33.17 -19.04
N PHE E 94 6.62 -33.30 -18.28
CA PHE E 94 6.29 -32.32 -17.28
C PHE E 94 5.50 -32.99 -16.21
N ASN E 95 5.35 -32.34 -15.06
CA ASN E 95 4.56 -32.95 -14.04
C ASN E 95 3.89 -31.92 -13.15
N MET E 96 3.13 -32.43 -12.21
CA MET E 96 2.40 -31.72 -11.19
C MET E 96 3.27 -31.76 -9.96
N TRP E 97 2.95 -30.94 -8.98
CA TRP E 97 3.65 -30.88 -7.69
C TRP E 97 5.02 -30.18 -7.80
N LYS E 98 5.53 -30.08 -9.01
CA LYS E 98 6.77 -29.40 -9.35
C LYS E 98 6.45 -28.24 -10.28
N ASN E 99 5.16 -27.96 -10.44
CA ASN E 99 4.64 -26.95 -11.35
C ASN E 99 4.60 -25.60 -10.64
N ASN E 100 4.56 -24.53 -11.42
CA ASN E 100 4.48 -23.19 -10.87
C ASN E 100 3.13 -22.52 -11.04
N MET E 101 2.29 -23.05 -11.94
CA MET E 101 1.03 -22.38 -12.16
C MET E 101 0.13 -22.47 -10.93
N VAL E 102 0.26 -23.55 -10.18
CA VAL E 102 -0.55 -23.76 -8.99
C VAL E 102 -0.18 -22.77 -7.92
N GLU E 103 1.11 -22.58 -7.71
CA GLU E 103 1.53 -21.68 -6.67
C GLU E 103 1.13 -20.27 -7.03
N GLN E 104 1.22 -19.92 -8.32
CA GLN E 104 0.82 -18.58 -8.67
C GLN E 104 -0.67 -18.39 -8.48
N MET E 105 -1.49 -19.40 -8.80
CA MET E 105 -2.92 -19.27 -8.61
C MET E 105 -3.26 -19.07 -7.15
N HIS E 106 -2.56 -19.77 -6.26
CA HIS E 106 -2.78 -19.64 -4.83
C HIS E 106 -2.51 -18.21 -4.40
N GLU E 107 -1.39 -17.65 -4.82
CA GLU E 107 -1.10 -16.29 -4.39
C GLU E 107 -2.08 -15.28 -5.00
N ASP E 108 -2.52 -15.52 -6.23
CA ASP E 108 -3.42 -14.59 -6.89
C ASP E 108 -4.79 -14.59 -6.25
N ILE E 109 -5.29 -15.77 -5.89
CA ILE E 109 -6.60 -15.81 -5.30
C ILE E 109 -6.59 -15.19 -3.92
N ILE E 110 -5.49 -15.32 -3.17
CA ILE E 110 -5.44 -14.67 -1.86
C ILE E 110 -5.49 -13.18 -2.01
N SER E 111 -4.71 -12.63 -2.93
CA SER E 111 -4.72 -11.19 -3.07
C SER E 111 -6.11 -10.70 -3.45
N LEU E 112 -6.77 -11.38 -4.39
CA LEU E 112 -8.09 -10.93 -4.79
C LEU E 112 -9.09 -11.04 -3.67
N TRP E 113 -8.99 -12.11 -2.88
CA TRP E 113 -9.89 -12.29 -1.76
C TRP E 113 -9.80 -11.11 -0.81
N ASP E 114 -8.57 -10.77 -0.41
CA ASP E 114 -8.38 -9.69 0.55
C ASP E 114 -8.80 -8.34 -0.01
N GLN E 115 -8.62 -8.11 -1.29
CA GLN E 115 -9.01 -6.83 -1.86
C GLN E 115 -10.51 -6.58 -1.74
N SER E 116 -11.33 -7.62 -1.66
CA SER E 116 -12.76 -7.45 -1.55
C SER E 116 -13.21 -7.26 -0.11
N LEU E 117 -12.31 -7.46 0.85
CA LEU E 117 -12.66 -7.31 2.26
C LEU E 117 -12.08 -6.04 2.82
N LYS E 118 -10.99 -5.55 2.25
CA LYS E 118 -10.41 -4.34 2.80
C LYS E 118 -11.43 -3.19 2.94
N PRO E 119 -12.19 -2.78 1.90
CA PRO E 119 -13.16 -1.69 2.00
C PRO E 119 -14.50 -2.12 2.60
N CYS E 120 -14.48 -2.64 3.85
CA CYS E 120 -15.64 -3.18 4.56
C CYS E 120 -15.54 -2.85 6.05
N VAL E 121 -16.63 -3.00 6.79
CA VAL E 121 -16.72 -2.66 8.21
C VAL E 121 -16.04 -3.62 9.15
N LYS E 122 -15.24 -3.07 10.07
CA LYS E 122 -14.60 -3.89 11.08
C LYS E 122 -15.62 -4.10 12.18
N LEU E 123 -15.67 -5.29 12.75
CA LEU E 123 -16.63 -5.56 13.79
C LEU E 123 -16.05 -5.45 15.17
N THR E 124 -14.84 -4.94 15.28
CA THR E 124 -14.16 -4.80 16.55
C THR E 124 -15.06 -4.20 17.65
N PRO E 125 -15.87 -3.13 17.41
CA PRO E 125 -16.74 -2.53 18.41
C PRO E 125 -17.74 -3.51 19.02
N LEU E 126 -17.98 -4.63 18.36
CA LEU E 126 -18.92 -5.63 18.87
C LEU E 126 -18.29 -6.75 19.73
N CYS E 127 -16.95 -6.74 19.95
CA CYS E 127 -16.24 -7.71 20.76
C CYS E 127 -16.44 -7.40 22.24
N VAL E 128 -17.64 -7.65 22.69
CA VAL E 128 -18.04 -7.36 24.05
C VAL E 128 -18.59 -8.57 24.72
N THR E 129 -18.69 -8.52 26.02
CA THR E 129 -19.28 -9.63 26.72
C THR E 129 -20.70 -9.85 26.22
N LEU E 130 -21.01 -11.09 25.88
CA LEU E 130 -22.32 -11.50 25.42
C LEU E 130 -22.99 -12.27 26.53
N GLN E 131 -24.32 -12.20 26.60
CA GLN E 131 -25.04 -13.06 27.56
C GLN E 131 -26.09 -13.83 26.78
N CYS E 132 -26.30 -15.15 27.08
CA CYS E 132 -27.28 -15.98 26.37
C CYS E 132 -27.68 -17.28 27.03
N THR E 133 -28.79 -17.74 26.45
CA THR E 133 -29.49 -18.97 26.75
C THR E 133 -29.74 -19.70 25.43
N ASN E 134 -30.31 -20.93 25.53
CA ASN E 134 -30.73 -21.75 24.40
C ASN E 134 -31.92 -21.08 23.70
N VAL E 135 -32.06 -21.39 22.39
CA VAL E 135 -33.16 -20.98 21.51
C VAL E 135 -34.28 -21.97 21.75
N THR E 136 -35.50 -21.50 21.91
CA THR E 136 -36.61 -22.38 22.21
C THR E 136 -37.71 -22.35 21.15
N ASN E 137 -37.44 -23.00 20.03
CA ASN E 137 -38.35 -23.00 18.89
C ASN E 137 -38.50 -24.40 18.32
N ASN E 138 -39.09 -25.31 19.12
CA ASN E 138 -39.30 -26.69 18.68
C ASN E 138 -38.01 -27.27 18.11
N ILE E 139 -36.95 -27.09 18.87
CA ILE E 139 -35.63 -27.48 18.43
C ILE E 139 -35.60 -28.98 18.34
N THR E 140 -35.12 -29.52 17.21
CA THR E 140 -35.03 -30.97 17.14
C THR E 140 -33.89 -31.50 17.99
N ASP E 141 -33.85 -32.81 18.17
CA ASP E 141 -32.86 -33.44 19.03
C ASP E 141 -31.45 -33.34 18.50
N ASP E 142 -31.35 -33.12 17.21
CA ASP E 142 -30.08 -33.03 16.52
C ASP E 142 -29.51 -31.60 16.52
N MET E 143 -30.30 -30.64 17.01
CA MET E 143 -29.94 -29.23 17.06
C MET E 143 -29.85 -28.70 18.47
N ARG E 144 -29.84 -29.61 19.43
CA ARG E 144 -29.80 -29.12 20.79
C ARG E 144 -28.43 -28.54 21.03
N GLY E 145 -28.40 -27.30 21.50
CA GLY E 145 -27.15 -26.62 21.79
C GLY E 145 -26.48 -25.98 20.58
N GLU E 146 -27.07 -26.11 19.38
CA GLU E 146 -26.46 -25.55 18.19
C GLU E 146 -26.67 -24.06 18.04
N LEU E 147 -27.77 -23.53 18.58
CA LEU E 147 -28.01 -22.10 18.48
C LEU E 147 -28.04 -21.48 19.85
N LYS E 148 -27.57 -20.25 19.94
CA LYS E 148 -27.73 -19.48 21.16
C LYS E 148 -28.30 -18.10 20.86
N ASN E 149 -29.23 -17.62 21.73
CA ASN E 149 -29.88 -16.31 21.64
C ASN E 149 -29.17 -15.34 22.57
N CYS E 150 -28.29 -14.47 21.98
CA CYS E 150 -27.38 -13.60 22.74
C CYS E 150 -27.68 -12.15 22.56
N SER E 151 -27.50 -11.46 23.69
CA SER E 151 -27.65 -10.04 23.73
C SER E 151 -26.31 -9.39 23.93
N PHE E 152 -26.21 -8.19 23.41
CA PHE E 152 -25.04 -7.38 23.58
C PHE E 152 -25.36 -5.90 23.48
N ASN E 153 -24.38 -5.14 23.93
CA ASN E 153 -24.51 -3.70 23.88
C ASN E 153 -23.74 -3.16 22.70
N ALA E 154 -24.43 -2.71 21.64
CA ALA E 154 -23.84 -2.23 20.38
C ALA E 154 -23.71 -0.73 20.46
N THR E 155 -22.72 -0.20 19.78
CA THR E 155 -22.57 1.22 19.66
C THR E 155 -23.50 1.75 18.58
N THR E 156 -23.63 3.07 18.52
CA THR E 156 -24.48 3.77 17.56
C THR E 156 -23.69 4.78 16.76
N GLU E 157 -24.37 5.48 15.84
CA GLU E 157 -23.71 6.48 15.01
C GLU E 157 -23.10 7.56 15.92
N LEU E 158 -23.81 7.87 16.99
CA LEU E 158 -23.35 8.85 17.95
C LEU E 158 -22.58 8.13 19.03
N ARG E 159 -21.49 8.71 19.50
CA ARG E 159 -20.68 8.08 20.54
C ARG E 159 -21.47 7.82 21.83
N ASN E 160 -22.36 8.74 22.14
CA ASN E 160 -23.19 8.79 23.33
C ASN E 160 -24.22 7.66 23.53
N LYS E 161 -24.66 7.00 22.46
CA LYS E 161 -25.75 6.04 22.61
C LYS E 161 -25.43 4.56 22.41
N ARG E 162 -26.33 3.72 22.89
CA ARG E 162 -26.23 2.27 22.77
C ARG E 162 -27.49 1.63 22.26
N GLN E 163 -27.34 0.45 21.69
CA GLN E 163 -28.48 -0.33 21.28
C GLN E 163 -28.47 -1.64 22.04
N LYS E 164 -29.63 -2.11 22.45
CA LYS E 164 -29.67 -3.43 23.05
C LYS E 164 -30.05 -4.34 21.92
N VAL E 165 -29.13 -5.19 21.52
CA VAL E 165 -29.35 -5.98 20.35
C VAL E 165 -29.37 -7.44 20.64
N TYR E 166 -30.38 -8.12 20.11
CA TYR E 166 -30.47 -9.55 20.22
C TYR E 166 -30.21 -10.16 18.89
N SER E 167 -29.45 -11.23 18.88
CA SER E 167 -29.19 -11.94 17.65
C SER E 167 -28.93 -13.40 17.90
N LEU E 168 -29.07 -14.20 16.86
CA LEU E 168 -28.77 -15.60 17.05
C LEU E 168 -27.42 -15.90 16.46
N PHE E 169 -26.72 -16.80 17.11
CA PHE E 169 -25.46 -17.25 16.60
C PHE E 169 -25.35 -18.74 16.60
N TYR E 170 -24.57 -19.24 15.68
CA TYR E 170 -24.27 -20.66 15.71
C TYR E 170 -23.23 -20.91 16.77
N ARG E 171 -23.37 -22.02 17.46
CA ARG E 171 -22.51 -22.41 18.57
C ARG E 171 -21.03 -22.37 18.28
N LEU E 172 -20.61 -22.70 17.08
CA LEU E 172 -19.20 -22.77 16.77
C LEU E 172 -18.50 -21.41 16.75
N ASP E 173 -19.27 -20.32 16.75
CA ASP E 173 -18.69 -18.99 16.72
C ASP E 173 -18.55 -18.37 18.10
N ILE E 174 -18.96 -19.09 19.14
CA ILE E 174 -18.90 -18.56 20.49
C ILE E 174 -18.05 -19.33 21.51
N VAL E 175 -17.27 -18.57 22.25
CA VAL E 175 -16.38 -19.09 23.29
C VAL E 175 -16.83 -18.72 24.72
N PRO E 176 -16.86 -19.70 25.64
CA PRO E 176 -17.17 -19.43 27.02
C PRO E 176 -16.01 -18.68 27.64
N MET E 177 -16.29 -17.55 28.28
CA MET E 177 -15.23 -16.75 28.92
C MET E 177 -15.27 -17.14 30.37
N GLY E 178 -15.89 -18.27 30.67
CA GLY E 178 -15.95 -18.75 32.06
C GLY E 178 -16.79 -17.79 32.88
N GLU E 179 -16.32 -17.39 34.07
CA GLU E 179 -17.08 -16.45 34.94
C GLU E 179 -18.58 -16.73 34.81
N ASN E 180 -19.04 -17.95 35.07
CA ASN E 180 -20.47 -18.34 34.86
C ASN E 180 -20.72 -18.54 33.37
N SER E 181 -21.16 -19.73 32.98
CA SER E 181 -21.35 -20.04 31.54
C SER E 181 -22.43 -19.17 30.92
N ALA E 182 -22.66 -17.97 31.44
CA ALA E 182 -23.61 -17.10 30.76
C ALA E 182 -22.83 -15.86 30.35
N ASN E 183 -21.51 -15.96 30.31
CA ASN E 183 -20.75 -14.81 29.75
C ASN E 183 -19.80 -15.31 28.64
N TYR E 184 -20.24 -15.27 27.37
CA TYR E 184 -19.43 -15.75 26.24
C TYR E 184 -19.02 -14.63 25.29
N ARG E 185 -18.01 -14.78 24.44
CA ARG E 185 -17.51 -13.82 23.44
C ARG E 185 -17.39 -14.45 22.07
N LEU E 186 -17.30 -13.62 21.03
CA LEU E 186 -17.11 -14.16 19.69
C LEU E 186 -15.70 -14.78 19.62
N ILE E 187 -15.62 -15.92 18.93
CA ILE E 187 -14.41 -16.73 18.84
C ILE E 187 -13.13 -16.12 18.32
N ASP E 188 -13.21 -15.16 17.44
CA ASP E 188 -11.96 -14.55 16.95
C ASP E 188 -11.59 -13.18 17.54
N CYS E 189 -12.21 -12.71 18.66
CA CYS E 189 -11.90 -11.38 19.24
C CYS E 189 -10.54 -11.34 19.93
N ASN E 190 -9.92 -12.50 20.15
CA ASN E 190 -8.59 -12.49 20.76
C ASN E 190 -7.45 -12.58 19.70
N THR E 191 -7.79 -12.48 18.38
CA THR E 191 -6.91 -12.44 17.22
C THR E 191 -7.32 -11.23 16.45
N SER E 192 -6.85 -11.08 15.24
CA SER E 192 -7.14 -9.84 14.54
C SER E 192 -8.61 -9.67 14.28
N ALA E 193 -8.97 -8.42 14.01
CA ALA E 193 -10.34 -8.04 13.83
C ALA E 193 -11.06 -8.80 12.75
N ILE E 194 -12.30 -9.11 13.07
CA ILE E 194 -13.24 -9.82 12.23
C ILE E 194 -13.86 -8.80 11.28
N THR E 195 -13.84 -9.06 9.99
CA THR E 195 -14.40 -8.08 9.05
C THR E 195 -15.72 -8.52 8.39
N GLN E 196 -16.73 -7.62 8.39
CA GLN E 196 -17.99 -7.89 7.70
C GLN E 196 -18.78 -6.69 7.29
N ALA E 197 -19.02 -6.63 6.01
CA ALA E 197 -19.83 -5.66 5.32
C ALA E 197 -19.83 -6.18 3.91
N CYS E 198 -20.42 -5.43 2.97
CA CYS E 198 -20.37 -5.72 1.54
C CYS E 198 -21.11 -7.05 1.23
N PRO E 199 -22.38 -7.22 1.67
CA PRO E 199 -23.22 -8.39 1.42
C PRO E 199 -23.55 -8.51 -0.06
N LYS E 200 -23.33 -7.40 -0.77
CA LYS E 200 -23.52 -7.24 -2.19
C LYS E 200 -22.44 -7.95 -3.01
N VAL E 201 -21.34 -8.31 -2.35
CA VAL E 201 -20.25 -8.97 -3.03
C VAL E 201 -20.38 -10.46 -2.84
N SER E 202 -20.46 -11.17 -3.94
CA SER E 202 -20.65 -12.60 -3.92
C SER E 202 -19.38 -13.39 -3.66
N PHE E 203 -19.57 -14.66 -3.33
CA PHE E 203 -18.51 -15.64 -3.13
C PHE E 203 -18.46 -16.62 -4.27
N GLU E 204 -19.13 -16.30 -5.35
CA GLU E 204 -19.23 -17.23 -6.44
C GLU E 204 -17.91 -17.48 -7.14
N PRO E 205 -17.66 -18.72 -7.57
CA PRO E 205 -16.49 -19.16 -8.26
C PRO E 205 -16.50 -18.77 -9.72
N ILE E 206 -16.37 -17.49 -9.99
CA ILE E 206 -16.37 -16.97 -11.35
C ILE E 206 -15.08 -17.45 -12.01
N PRO E 207 -15.12 -18.13 -13.17
CA PRO E 207 -13.96 -18.69 -13.85
C PRO E 207 -12.85 -17.71 -14.15
N ILE E 208 -11.63 -18.17 -13.94
CA ILE E 208 -10.42 -17.40 -14.22
C ILE E 208 -9.64 -18.10 -15.32
N HIS E 209 -9.13 -17.33 -16.26
CA HIS E 209 -8.33 -17.90 -17.34
C HIS E 209 -6.90 -17.42 -17.21
N TYR E 210 -5.91 -18.28 -17.40
CA TYR E 210 -4.54 -17.79 -17.36
C TYR E 210 -3.99 -17.66 -18.77
N CYS E 211 -3.50 -16.46 -19.15
CA CYS E 211 -3.00 -16.14 -20.48
C CYS E 211 -1.49 -15.88 -20.46
N ALA E 212 -0.81 -16.43 -21.46
CA ALA E 212 0.63 -16.26 -21.54
C ALA E 212 0.99 -14.80 -21.83
N PRO E 213 2.08 -14.28 -21.25
CA PRO E 213 2.67 -12.99 -21.56
C PRO E 213 3.44 -13.13 -22.85
N ALA E 214 3.72 -12.02 -23.51
CA ALA E 214 4.51 -12.14 -24.72
C ALA E 214 5.87 -12.75 -24.43
N GLY E 215 6.34 -13.58 -25.35
CA GLY E 215 7.63 -14.25 -25.24
C GLY E 215 7.48 -15.65 -24.64
N PHE E 216 6.27 -15.96 -24.18
CA PHE E 216 5.93 -17.21 -23.54
C PHE E 216 4.72 -17.90 -24.18
N ALA E 217 4.62 -19.19 -23.92
CA ALA E 217 3.48 -19.95 -24.39
C ALA E 217 3.07 -20.95 -23.36
N ILE E 218 1.81 -21.35 -23.39
CA ILE E 218 1.33 -22.38 -22.49
C ILE E 218 1.04 -23.62 -23.27
N LEU E 219 1.63 -24.71 -22.84
CA LEU E 219 1.42 -25.97 -23.51
C LEU E 219 0.29 -26.65 -22.80
N LYS E 220 -0.57 -27.33 -23.55
CA LYS E 220 -1.71 -28.04 -23.03
C LYS E 220 -1.67 -29.53 -23.39
N CYS E 221 -1.81 -30.42 -22.39
CA CYS E 221 -1.81 -31.87 -22.58
C CYS E 221 -3.22 -32.39 -22.81
N LYS E 222 -3.39 -33.10 -23.91
CA LYS E 222 -4.66 -33.66 -24.31
C LYS E 222 -4.70 -35.17 -24.18
N ASP E 223 -3.76 -35.74 -23.45
CA ASP E 223 -3.73 -37.16 -23.22
C ASP E 223 -4.84 -37.55 -22.26
N LYS E 224 -5.79 -38.34 -22.75
CA LYS E 224 -6.98 -38.70 -22.01
C LYS E 224 -6.65 -39.60 -20.83
N LYS E 225 -5.47 -40.21 -20.88
CA LYS E 225 -4.97 -41.11 -19.85
C LYS E 225 -3.83 -40.46 -19.07
N PHE E 226 -3.69 -39.15 -19.19
CA PHE E 226 -2.61 -38.43 -18.56
C PHE E 226 -2.51 -38.59 -17.07
N ASN E 227 -1.29 -38.75 -16.62
CA ASN E 227 -0.94 -38.89 -15.23
C ASN E 227 0.43 -38.29 -15.04
N GLY E 228 0.96 -38.30 -13.83
CA GLY E 228 2.29 -37.75 -13.58
C GLY E 228 3.36 -38.82 -13.76
N THR E 229 2.93 -40.01 -14.15
CA THR E 229 3.78 -41.17 -14.33
C THR E 229 4.41 -41.17 -15.72
N GLY E 230 5.20 -40.13 -16.02
CA GLY E 230 5.86 -39.99 -17.32
C GLY E 230 5.38 -38.79 -18.17
N PRO E 231 5.89 -38.65 -19.41
CA PRO E 231 5.65 -37.60 -20.37
C PRO E 231 4.27 -37.69 -21.04
N CYS E 232 3.80 -36.55 -21.62
CA CYS E 232 2.57 -36.43 -22.40
C CYS E 232 2.89 -36.47 -23.92
N PRO E 233 2.37 -37.47 -24.66
CA PRO E 233 2.57 -37.68 -26.08
C PRO E 233 1.59 -36.89 -26.96
N SER E 234 0.75 -36.05 -26.38
CA SER E 234 -0.26 -35.36 -27.15
C SER E 234 -0.36 -33.92 -26.67
N VAL E 235 0.42 -33.04 -27.28
CA VAL E 235 0.50 -31.67 -26.80
C VAL E 235 0.17 -30.61 -27.83
N SER E 236 -0.72 -29.70 -27.44
CA SER E 236 -1.15 -28.56 -28.25
C SER E 236 -0.67 -27.27 -27.63
N THR E 237 -0.65 -26.19 -28.40
CA THR E 237 -0.29 -24.90 -27.83
C THR E 237 -1.52 -24.04 -27.71
N VAL E 238 -1.70 -23.39 -26.56
CA VAL E 238 -2.86 -22.52 -26.40
C VAL E 238 -2.42 -21.14 -25.97
N GLN E 239 -3.25 -20.14 -26.21
CA GLN E 239 -2.88 -18.82 -25.70
C GLN E 239 -3.27 -18.61 -24.22
N CYS E 240 -4.45 -19.13 -23.82
CA CYS E 240 -5.05 -19.01 -22.52
C CYS E 240 -5.57 -20.38 -22.12
N THR E 241 -5.59 -20.65 -20.84
CA THR E 241 -6.16 -21.88 -20.33
C THR E 241 -7.66 -21.72 -20.36
N HIS E 242 -8.37 -22.81 -20.13
CA HIS E 242 -9.80 -22.74 -20.08
C HIS E 242 -10.10 -22.07 -18.78
N GLY E 243 -11.35 -21.72 -18.54
CA GLY E 243 -11.60 -21.07 -17.26
C GLY E 243 -11.62 -22.10 -16.16
N ILE E 244 -11.00 -21.77 -15.06
CA ILE E 244 -11.02 -22.62 -13.88
C ILE E 244 -11.87 -22.00 -12.83
N LYS E 245 -12.84 -22.74 -12.34
CA LYS E 245 -13.67 -22.19 -11.30
C LYS E 245 -12.94 -22.34 -9.98
N PRO E 246 -12.62 -21.26 -9.26
CA PRO E 246 -11.90 -21.27 -8.01
C PRO E 246 -12.80 -21.68 -6.86
N VAL E 247 -13.24 -22.93 -6.89
CA VAL E 247 -14.14 -23.44 -5.89
C VAL E 247 -13.36 -23.84 -4.67
N VAL E 248 -13.79 -23.37 -3.52
CA VAL E 248 -13.12 -23.67 -2.28
C VAL E 248 -13.67 -24.91 -1.62
N SER E 249 -12.78 -25.83 -1.28
CA SER E 249 -13.13 -27.06 -0.62
C SER E 249 -11.97 -27.71 0.09
N THR E 250 -12.24 -28.39 1.19
CA THR E 250 -11.18 -29.12 1.87
C THR E 250 -11.25 -30.63 1.77
N GLN E 251 -12.24 -31.16 1.05
CA GLN E 251 -12.35 -32.62 1.00
C GLN E 251 -12.74 -33.21 -0.34
N LEU E 252 -13.84 -32.73 -0.87
CA LEU E 252 -14.33 -33.22 -2.14
C LEU E 252 -14.10 -32.15 -3.17
N LEU E 253 -13.85 -32.53 -4.39
CA LEU E 253 -13.63 -31.53 -5.40
C LEU E 253 -14.92 -31.31 -6.12
N LEU E 254 -15.45 -30.12 -5.99
CA LEU E 254 -16.73 -29.80 -6.58
C LEU E 254 -16.54 -28.92 -7.82
N ASN E 255 -17.40 -29.12 -8.83
CA ASN E 255 -17.55 -28.36 -10.08
C ASN E 255 -16.23 -28.16 -10.86
N GLY E 256 -15.37 -29.20 -10.93
CA GLY E 256 -14.09 -29.16 -11.63
C GLY E 256 -14.16 -29.88 -12.95
N SER E 257 -12.99 -30.16 -13.50
CA SER E 257 -12.88 -30.86 -14.76
C SER E 257 -13.23 -32.30 -14.51
N LEU E 258 -13.83 -32.94 -15.49
CA LEU E 258 -14.20 -34.34 -15.34
C LEU E 258 -13.25 -35.24 -16.10
N ALA E 259 -12.92 -36.41 -15.56
CA ALA E 259 -12.11 -37.36 -16.31
C ALA E 259 -12.98 -37.83 -17.47
N GLU E 260 -12.41 -38.09 -18.63
CA GLU E 260 -13.29 -38.47 -19.74
C GLU E 260 -13.43 -39.96 -20.06
N GLU E 261 -12.40 -40.77 -19.82
CA GLU E 261 -12.53 -42.17 -20.20
C GLU E 261 -12.75 -43.10 -19.02
N GLU E 262 -12.10 -42.79 -17.91
CA GLU E 262 -12.15 -43.64 -16.73
C GLU E 262 -11.77 -42.84 -15.51
N VAL E 263 -12.05 -43.40 -14.34
CA VAL E 263 -11.60 -42.79 -13.10
C VAL E 263 -10.11 -42.92 -13.06
N ILE E 264 -9.41 -41.85 -12.73
CA ILE E 264 -7.95 -41.91 -12.68
C ILE E 264 -7.35 -41.38 -11.39
N ILE E 265 -6.17 -41.89 -11.05
CA ILE E 265 -5.50 -41.48 -9.83
C ILE E 265 -4.16 -40.82 -10.07
N ARG E 266 -3.98 -39.63 -9.48
CA ARG E 266 -2.74 -38.88 -9.58
C ARG E 266 -2.13 -38.60 -8.21
N SER E 267 -0.83 -38.78 -8.06
CA SER E 267 -0.22 -38.42 -6.78
C SER E 267 1.25 -38.14 -6.99
N GLU E 268 1.86 -37.34 -6.11
CA GLU E 268 3.30 -37.10 -6.25
C GLU E 268 4.14 -38.38 -6.08
N ASN E 269 3.79 -39.20 -5.07
CA ASN E 269 4.42 -40.48 -4.74
C ASN E 269 3.36 -41.39 -4.13
N ILE E 270 2.77 -42.29 -4.95
CA ILE E 270 1.66 -43.14 -4.54
C ILE E 270 2.06 -44.23 -3.58
N THR E 271 3.37 -44.44 -3.38
CA THR E 271 3.77 -45.47 -2.48
C THR E 271 4.20 -44.88 -1.15
N ASN E 272 4.15 -43.56 -1.01
CA ASN E 272 4.50 -42.91 0.24
C ASN E 272 3.19 -42.81 1.03
N ASN E 273 3.24 -42.27 2.25
CA ASN E 273 2.06 -42.07 3.07
C ASN E 273 1.95 -40.57 3.32
N ALA E 274 3.03 -39.89 2.99
CA ALA E 274 3.20 -38.45 3.23
C ALA E 274 2.59 -37.57 2.16
N LYS E 275 2.08 -38.18 1.11
CA LYS E 275 1.54 -37.42 0.00
C LYS E 275 0.06 -37.68 -0.13
N ASN E 276 -0.69 -36.71 -0.66
CA ASN E 276 -2.10 -36.92 -0.85
C ASN E 276 -2.36 -37.51 -2.21
N ILE E 277 -3.47 -38.22 -2.34
CA ILE E 277 -3.88 -38.81 -3.59
C ILE E 277 -5.09 -38.09 -4.15
N LEU E 278 -4.97 -37.59 -5.36
CA LEU E 278 -6.06 -36.86 -5.97
C LEU E 278 -6.77 -37.77 -6.93
N VAL E 279 -8.04 -38.02 -6.67
CA VAL E 279 -8.76 -38.93 -7.53
C VAL E 279 -9.75 -38.16 -8.37
N GLN E 280 -9.68 -38.34 -9.67
CA GLN E 280 -10.60 -37.64 -10.55
C GLN E 280 -11.63 -38.63 -11.07
N LEU E 281 -12.89 -38.25 -10.99
CA LEU E 281 -13.97 -39.13 -11.37
C LEU E 281 -14.36 -38.86 -12.79
N ASN E 282 -14.98 -39.84 -13.48
CA ASN E 282 -15.47 -39.62 -14.84
C ASN E 282 -16.99 -39.53 -14.93
N THR E 283 -17.65 -39.59 -13.78
CA THR E 283 -19.10 -39.55 -13.65
C THR E 283 -19.50 -38.68 -12.47
N PRO E 284 -19.88 -37.42 -12.66
CA PRO E 284 -20.14 -36.49 -11.59
C PRO E 284 -21.19 -37.06 -10.65
N VAL E 285 -20.98 -36.88 -9.37
CA VAL E 285 -21.96 -37.37 -8.41
C VAL E 285 -22.82 -36.22 -7.96
N GLN E 286 -24.13 -36.37 -8.00
CA GLN E 286 -24.94 -35.24 -7.56
C GLN E 286 -25.04 -35.18 -6.06
N ILE E 287 -24.78 -33.99 -5.54
CA ILE E 287 -24.92 -33.72 -4.12
C ILE E 287 -25.86 -32.49 -3.95
N ASN E 288 -26.87 -32.61 -3.07
CA ASN E 288 -27.89 -31.59 -2.77
C ASN E 288 -27.81 -31.19 -1.29
N CYS E 289 -27.41 -29.93 -0.99
CA CYS E 289 -27.23 -29.43 0.37
C CYS E 289 -28.26 -28.35 0.67
N THR E 290 -28.76 -28.36 1.90
CA THR E 290 -29.75 -27.38 2.29
C THR E 290 -29.74 -26.99 3.74
N ARG E 291 -30.23 -25.79 3.99
CA ARG E 291 -30.45 -25.32 5.33
C ARG E 291 -31.91 -24.89 5.49
N PRO E 292 -32.82 -25.79 5.86
CA PRO E 292 -34.27 -25.62 5.82
C PRO E 292 -34.82 -24.80 6.98
N ASN E 293 -34.35 -23.58 7.10
CA ASN E 293 -34.75 -22.67 8.15
C ASN E 293 -35.09 -21.31 7.55
N ASN E 294 -36.35 -20.86 7.72
CA ASN E 294 -36.84 -19.60 7.15
C ASN E 294 -36.37 -18.45 8.04
N ASN E 295 -35.14 -17.95 7.75
CA ASN E 295 -34.45 -16.98 8.59
C ASN E 295 -34.91 -15.53 8.35
N THR E 296 -34.33 -14.62 9.13
CA THR E 296 -34.55 -13.19 9.08
C THR E 296 -33.22 -12.48 9.04
N VAL E 297 -33.05 -11.54 8.14
CA VAL E 297 -31.81 -10.79 8.18
C VAL E 297 -32.09 -9.36 8.62
N LYS E 298 -31.44 -8.98 9.71
CA LYS E 298 -31.60 -7.65 10.26
C LYS E 298 -30.33 -6.86 10.12
N SER E 299 -30.47 -5.54 10.14
CA SER E 299 -29.31 -4.66 10.01
C SER E 299 -29.39 -3.48 10.94
N ILE E 300 -28.27 -3.23 11.61
CA ILE E 300 -28.13 -2.09 12.50
C ILE E 300 -26.88 -1.33 12.17
N ARG E 301 -26.82 -0.09 12.58
CA ARG E 301 -25.58 0.61 12.37
C ARG E 301 -24.80 0.52 13.66
N ILE E 302 -23.50 0.36 13.56
CA ILE E 302 -22.65 0.31 14.73
C ILE E 302 -21.76 1.53 14.75
N GLY E 303 -21.85 2.32 13.70
CA GLY E 303 -21.04 3.53 13.63
C GLY E 303 -21.41 4.39 12.43
N PRO E 304 -20.62 5.41 12.12
CA PRO E 304 -20.88 6.37 11.08
C PRO E 304 -20.80 5.71 9.73
N GLY E 305 -21.94 5.27 9.25
CA GLY E 305 -22.05 4.62 7.95
C GLY E 305 -21.56 3.19 8.03
N GLN E 306 -21.46 2.68 9.23
CA GLN E 306 -20.94 1.34 9.45
C GLN E 306 -22.06 0.37 9.75
N ALA E 307 -22.49 -0.40 8.75
CA ALA E 307 -23.59 -1.35 8.93
C ALA E 307 -23.08 -2.71 9.37
N PHE E 308 -23.88 -3.39 10.17
CA PHE E 308 -23.66 -4.75 10.63
C PHE E 308 -24.86 -5.64 10.42
N TYR E 309 -24.64 -6.83 9.86
CA TYR E 309 -25.77 -7.73 9.62
C TYR E 309 -25.78 -8.93 10.53
N TYR E 310 -26.96 -9.32 10.95
CA TYR E 310 -27.09 -10.48 11.83
C TYR E 310 -28.36 -11.28 11.66
N THR E 311 -28.29 -12.50 12.18
CA THR E 311 -29.40 -13.43 12.14
C THR E 311 -30.44 -13.04 13.17
N GLY E 312 -31.66 -12.89 12.71
CA GLY E 312 -32.78 -12.51 13.55
C GLY E 312 -33.55 -13.76 13.91
N ASP E 313 -34.79 -13.60 14.27
CA ASP E 313 -35.56 -14.75 14.66
C ASP E 313 -35.76 -15.69 13.48
N ILE E 314 -35.77 -16.99 13.76
CA ILE E 314 -36.02 -17.96 12.72
C ILE E 314 -37.46 -18.39 12.78
N ILE E 315 -38.11 -18.34 11.63
CA ILE E 315 -39.50 -18.71 11.49
C ILE E 315 -39.60 -20.20 11.28
N GLY E 316 -40.42 -20.84 12.07
CA GLY E 316 -40.59 -22.27 11.97
C GLY E 316 -39.70 -23.02 12.94
N ASP E 317 -39.82 -24.33 12.92
CA ASP E 317 -39.11 -25.21 13.80
C ASP E 317 -37.64 -25.24 13.39
N ILE E 318 -36.74 -25.35 14.36
CA ILE E 318 -35.31 -25.40 13.99
C ILE E 318 -34.82 -26.79 13.63
N ARG E 319 -34.26 -26.89 12.43
CA ARG E 319 -33.77 -28.15 11.87
C ARG E 319 -32.34 -28.07 11.38
N GLN E 320 -31.69 -29.22 11.34
CA GLN E 320 -30.30 -29.27 10.94
C GLN E 320 -30.09 -29.25 9.44
N ALA E 321 -29.08 -28.47 9.03
CA ALA E 321 -28.64 -28.41 7.65
C ALA E 321 -28.03 -29.74 7.28
N HIS E 322 -28.20 -30.15 6.05
CA HIS E 322 -27.67 -31.44 5.63
C HIS E 322 -27.42 -31.52 4.12
N CYS E 323 -26.61 -32.52 3.70
CA CYS E 323 -26.33 -32.86 2.31
C CYS E 323 -26.80 -34.27 1.97
N ASN E 324 -27.31 -34.41 0.75
CA ASN E 324 -27.78 -35.68 0.20
C ASN E 324 -26.92 -36.11 -0.99
N VAL E 325 -26.34 -37.32 -0.90
CA VAL E 325 -25.53 -37.94 -1.96
C VAL E 325 -26.26 -39.20 -2.40
N SER E 326 -26.50 -39.36 -3.68
CA SER E 326 -27.24 -40.57 -4.09
C SER E 326 -26.46 -41.80 -3.69
N LYS E 327 -27.10 -42.76 -3.01
CA LYS E 327 -26.35 -43.90 -2.54
C LYS E 327 -25.83 -44.79 -3.63
N ALA E 328 -26.64 -45.12 -4.63
CA ALA E 328 -26.18 -46.03 -5.65
C ALA E 328 -25.04 -45.42 -6.44
N THR E 329 -25.13 -44.12 -6.70
CA THR E 329 -24.12 -43.45 -7.47
C THR E 329 -22.83 -43.47 -6.69
N TRP E 330 -22.91 -43.17 -5.40
CA TRP E 330 -21.71 -43.16 -4.58
C TRP E 330 -21.04 -44.55 -4.53
N ASN E 331 -21.83 -45.66 -4.41
CA ASN E 331 -21.36 -47.04 -4.38
C ASN E 331 -20.58 -47.38 -5.67
N GLU E 332 -21.12 -46.98 -6.86
CA GLU E 332 -20.48 -47.19 -8.17
C GLU E 332 -19.20 -46.37 -8.28
N THR E 333 -19.24 -45.15 -7.75
CA THR E 333 -18.10 -44.26 -7.78
C THR E 333 -16.96 -44.87 -7.00
N LEU E 334 -17.25 -45.36 -5.79
CA LEU E 334 -16.18 -45.93 -5.02
C LEU E 334 -15.68 -47.20 -5.65
N GLY E 335 -16.54 -48.02 -6.24
CA GLY E 335 -16.06 -49.24 -6.83
C GLY E 335 -15.03 -48.93 -7.92
N LYS E 336 -15.30 -47.90 -8.71
CA LYS E 336 -14.35 -47.53 -9.75
C LYS E 336 -13.03 -47.02 -9.15
N VAL E 337 -13.11 -46.26 -8.06
CA VAL E 337 -11.89 -45.74 -7.43
C VAL E 337 -11.06 -46.91 -6.95
N VAL E 338 -11.71 -47.91 -6.38
CA VAL E 338 -11.06 -49.11 -5.90
C VAL E 338 -10.38 -49.86 -7.03
N LYS E 339 -11.05 -50.01 -8.17
CA LYS E 339 -10.42 -50.70 -9.28
C LYS E 339 -9.15 -49.99 -9.68
N GLN E 340 -9.13 -48.66 -9.59
CA GLN E 340 -7.92 -47.93 -9.94
C GLN E 340 -6.86 -48.03 -8.83
N LEU E 341 -7.27 -48.04 -7.55
CA LEU E 341 -6.30 -48.15 -6.46
C LEU E 341 -5.56 -49.48 -6.55
N ARG E 342 -6.25 -50.50 -6.99
CA ARG E 342 -5.68 -51.84 -7.12
C ARG E 342 -4.59 -51.92 -8.21
N LYS E 343 -4.44 -50.89 -9.03
CA LYS E 343 -3.39 -50.86 -10.04
C LYS E 343 -2.08 -50.31 -9.48
N HIS E 344 -2.16 -49.68 -8.32
CA HIS E 344 -0.99 -49.04 -7.70
C HIS E 344 -0.60 -49.69 -6.38
N PHE E 345 -1.58 -50.27 -5.74
CA PHE E 345 -1.44 -50.89 -4.44
C PHE E 345 -1.52 -52.38 -4.68
N GLY E 346 -1.13 -53.19 -3.72
CA GLY E 346 -1.18 -54.60 -4.05
C GLY E 346 -2.60 -54.97 -4.46
N ASN E 347 -2.69 -55.82 -5.48
CA ASN E 347 -3.98 -56.24 -5.99
C ASN E 347 -4.40 -57.46 -5.21
N ASN E 348 -5.59 -57.97 -5.53
CA ASN E 348 -6.14 -59.16 -4.92
C ASN E 348 -6.19 -59.06 -3.40
N THR E 349 -6.51 -57.88 -2.90
CA THR E 349 -6.62 -57.65 -1.48
C THR E 349 -7.89 -56.87 -1.17
N ILE E 350 -8.08 -56.59 0.10
CA ILE E 350 -9.22 -55.86 0.60
C ILE E 350 -8.80 -54.48 0.98
N ILE E 351 -9.55 -53.46 0.56
CA ILE E 351 -9.15 -52.12 0.99
C ILE E 351 -10.31 -51.42 1.67
N ARG E 352 -10.00 -50.39 2.46
CA ARG E 352 -11.03 -49.69 3.21
C ARG E 352 -11.08 -48.18 3.07
N PHE E 353 -12.30 -47.67 3.12
CA PHE E 353 -12.60 -46.24 3.22
C PHE E 353 -13.08 -45.98 4.64
N ALA E 354 -12.25 -45.22 5.37
CA ALA E 354 -12.43 -44.91 6.79
C ALA E 354 -12.79 -43.44 7.02
N GLN E 355 -13.19 -43.18 8.27
CA GLN E 355 -13.58 -41.86 8.76
C GLN E 355 -12.35 -40.99 8.88
N SER E 356 -12.51 -39.68 8.82
CA SER E 356 -11.32 -38.84 8.98
C SER E 356 -10.80 -39.02 10.40
N SER E 357 -9.52 -38.77 10.60
CA SER E 357 -8.88 -38.98 11.91
C SER E 357 -8.98 -37.88 12.96
N GLY E 358 -9.29 -36.65 12.58
CA GLY E 358 -9.34 -35.58 13.57
C GLY E 358 -8.43 -34.41 13.20
N GLY E 359 -8.62 -33.30 13.89
CA GLY E 359 -7.88 -32.08 13.62
C GLY E 359 -8.87 -30.95 13.72
N ASP E 360 -8.53 -29.78 13.21
CA ASP E 360 -9.48 -28.69 13.31
C ASP E 360 -10.65 -29.06 12.39
N LEU E 361 -11.80 -28.47 12.64
CA LEU E 361 -13.00 -28.80 11.87
C LEU E 361 -12.78 -28.55 10.40
N GLU E 362 -12.03 -27.51 10.08
CA GLU E 362 -11.78 -27.13 8.71
C GLU E 362 -11.24 -28.28 7.86
N VAL E 363 -10.42 -29.15 8.46
CA VAL E 363 -9.83 -30.23 7.68
C VAL E 363 -10.35 -31.61 8.08
N THR E 364 -11.12 -31.70 9.16
CA THR E 364 -11.63 -32.98 9.57
C THR E 364 -12.96 -33.26 8.88
N THR E 365 -13.69 -32.22 8.52
CA THR E 365 -14.98 -32.43 7.91
C THR E 365 -14.95 -31.82 6.50
N HIS E 366 -16.06 -31.84 5.77
CA HIS E 366 -16.09 -31.28 4.41
C HIS E 366 -16.47 -29.82 4.41
N SER E 367 -15.47 -28.97 4.22
CA SER E 367 -15.71 -27.54 4.23
C SER E 367 -15.93 -27.04 2.83
N PHE E 368 -16.99 -26.25 2.64
CA PHE E 368 -17.24 -25.62 1.34
C PHE E 368 -18.07 -24.36 1.45
N ASN E 369 -18.00 -23.50 0.44
CA ASN E 369 -18.84 -22.30 0.39
C ASN E 369 -19.93 -22.44 -0.64
N CYS E 370 -21.18 -22.12 -0.25
CA CYS E 370 -22.34 -22.15 -1.15
C CYS E 370 -23.40 -21.16 -0.66
N GLY E 371 -23.98 -20.41 -1.59
CA GLY E 371 -25.04 -19.45 -1.27
C GLY E 371 -24.45 -18.11 -0.85
N GLY E 372 -23.49 -18.17 0.05
CA GLY E 372 -22.83 -17.01 0.60
C GLY E 372 -22.56 -17.30 2.05
N GLU E 373 -22.84 -18.56 2.41
CA GLU E 373 -22.59 -19.02 3.77
C GLU E 373 -21.70 -20.25 3.74
N PHE E 374 -21.02 -20.47 4.83
CA PHE E 374 -20.10 -21.58 4.90
C PHE E 374 -20.66 -22.80 5.60
N PHE E 375 -20.36 -23.96 5.03
CA PHE E 375 -20.77 -25.24 5.55
C PHE E 375 -19.58 -26.09 5.95
N TYR E 376 -19.77 -26.86 7.01
CA TYR E 376 -18.82 -27.85 7.52
C TYR E 376 -19.57 -29.17 7.70
N CYS E 377 -19.73 -29.95 6.60
CA CYS E 377 -20.60 -31.13 6.52
C CYS E 377 -19.88 -32.43 6.76
N ASN E 378 -20.46 -33.26 7.61
CA ASN E 378 -19.92 -34.56 7.98
C ASN E 378 -20.01 -35.52 6.78
N THR E 379 -18.96 -36.31 6.50
CA THR E 379 -18.87 -37.28 5.38
C THR E 379 -18.76 -38.71 5.86
N SER E 380 -19.18 -38.97 7.07
CA SER E 380 -19.10 -40.30 7.63
C SER E 380 -19.87 -41.34 6.84
N GLY E 381 -20.93 -40.94 6.16
CA GLY E 381 -21.73 -41.87 5.37
C GLY E 381 -21.14 -42.10 3.99
N LEU E 382 -20.08 -41.38 3.65
CA LEU E 382 -19.47 -41.54 2.34
C LEU E 382 -18.22 -42.41 2.43
N PHE E 383 -17.57 -42.41 3.58
CA PHE E 383 -16.34 -43.18 3.75
C PHE E 383 -16.41 -44.18 4.90
N ASN E 384 -17.25 -45.24 4.73
CA ASN E 384 -17.53 -46.28 5.74
C ASN E 384 -17.78 -47.63 5.06
N SER E 385 -16.76 -48.17 4.35
CA SER E 385 -16.89 -49.46 3.63
C SER E 385 -15.58 -50.15 3.30
N THR E 386 -15.69 -51.44 3.04
CA THR E 386 -14.54 -52.20 2.59
C THR E 386 -14.86 -52.84 1.28
N TRP E 387 -13.83 -53.07 0.50
CA TRP E 387 -14.01 -53.69 -0.79
C TRP E 387 -13.28 -54.99 -0.88
N ILE E 388 -13.99 -55.97 -1.40
CA ILE E 388 -13.51 -57.34 -1.52
C ILE E 388 -13.04 -57.61 -2.93
N SER E 389 -11.90 -58.30 -3.05
CA SER E 389 -11.27 -58.65 -4.33
C SER E 389 -12.04 -59.63 -5.25
N ASN E 390 -13.02 -60.38 -4.70
CA ASN E 390 -13.87 -61.37 -5.37
C ASN E 390 -14.61 -60.74 -6.55
N ASN E 402 -33.34 -42.49 -5.51
CA ASN E 402 -34.34 -42.30 -4.46
C ASN E 402 -33.77 -42.54 -3.03
N ASP E 403 -32.85 -43.53 -2.88
CA ASP E 403 -32.22 -43.91 -1.60
C ASP E 403 -30.95 -43.06 -1.41
N SER E 404 -31.03 -42.05 -0.56
CA SER E 404 -29.97 -41.09 -0.33
C SER E 404 -29.11 -41.39 0.89
N ILE E 405 -27.91 -40.83 0.90
CA ILE E 405 -27.05 -40.85 2.05
C ILE E 405 -27.17 -39.48 2.69
N THR E 406 -27.62 -39.43 3.93
CA THR E 406 -27.80 -38.14 4.58
C THR E 406 -26.57 -37.81 5.40
N LEU E 407 -26.02 -36.66 5.12
CA LEU E 407 -24.85 -36.13 5.77
C LEU E 407 -25.21 -34.92 6.63
N PRO E 408 -25.17 -34.98 7.96
CA PRO E 408 -25.53 -33.87 8.84
C PRO E 408 -24.44 -32.81 8.71
N CYS E 409 -24.81 -31.51 8.80
CA CYS E 409 -23.89 -30.37 8.70
C CYS E 409 -23.86 -29.44 9.92
N ARG E 410 -22.72 -28.77 10.06
CA ARG E 410 -22.55 -27.72 11.03
C ARG E 410 -22.32 -26.42 10.27
N ILE E 411 -22.67 -25.30 10.89
CA ILE E 411 -22.49 -23.99 10.28
C ILE E 411 -21.65 -23.03 11.07
N LYS E 412 -20.77 -22.31 10.40
CA LYS E 412 -20.00 -21.29 11.08
C LYS E 412 -20.24 -19.99 10.39
N GLN E 413 -20.35 -18.92 11.15
CA GLN E 413 -20.50 -17.60 10.58
C GLN E 413 -19.14 -16.91 10.57
N ILE E 414 -18.25 -17.27 11.52
CA ILE E 414 -16.95 -16.61 11.57
C ILE E 414 -15.91 -17.59 11.04
N ILE E 415 -15.29 -17.18 9.97
CA ILE E 415 -14.40 -18.00 9.19
C ILE E 415 -12.95 -17.61 9.22
N ASN E 416 -12.10 -18.61 9.46
CA ASN E 416 -10.66 -18.41 9.40
C ASN E 416 -10.36 -18.77 7.97
N MET E 417 -9.31 -18.25 7.40
CA MET E 417 -9.06 -18.56 5.99
C MET E 417 -8.13 -19.74 5.67
N TRP E 418 -7.30 -19.55 4.67
CA TRP E 418 -6.54 -20.64 4.08
C TRP E 418 -5.29 -20.98 4.83
N GLN E 419 -5.53 -21.66 5.95
CA GLN E 419 -4.55 -22.14 6.90
C GLN E 419 -3.68 -21.04 7.45
N ARG E 420 -4.29 -19.90 7.73
CA ARG E 420 -3.58 -18.79 8.33
C ARG E 420 -4.50 -18.22 9.39
N ILE E 421 -3.93 -17.59 10.39
CA ILE E 421 -4.73 -17.02 11.48
C ILE E 421 -4.56 -15.52 11.68
N GLY E 422 -4.16 -14.81 10.64
CA GLY E 422 -3.93 -13.37 10.75
C GLY E 422 -5.16 -12.51 10.44
N GLN E 423 -6.28 -13.14 10.15
CA GLN E 423 -7.52 -12.46 9.81
C GLN E 423 -8.68 -13.27 10.30
N ALA E 424 -9.86 -12.75 10.09
CA ALA E 424 -11.10 -13.43 10.35
C ALA E 424 -12.17 -12.73 9.58
N MET E 425 -13.19 -13.43 9.16
CA MET E 425 -14.27 -12.73 8.51
C MET E 425 -15.60 -13.26 8.93
N TYR E 426 -16.60 -12.42 8.92
CA TYR E 426 -17.92 -12.86 9.28
C TYR E 426 -18.83 -12.82 8.07
N ALA E 427 -19.47 -13.95 7.80
CA ALA E 427 -20.37 -14.05 6.68
C ALA E 427 -21.74 -13.60 7.14
N PRO E 428 -22.39 -12.63 6.51
CA PRO E 428 -23.68 -12.17 6.89
C PRO E 428 -24.61 -13.28 6.48
N PRO E 429 -25.74 -13.46 7.13
CA PRO E 429 -26.76 -14.43 6.82
C PRO E 429 -27.56 -14.11 5.59
N ILE E 430 -28.08 -15.15 4.97
CA ILE E 430 -28.97 -15.05 3.83
C ILE E 430 -30.43 -15.17 4.24
N GLN E 431 -31.24 -14.27 3.73
CA GLN E 431 -32.67 -14.26 3.99
C GLN E 431 -33.36 -15.42 3.27
N GLY E 432 -34.16 -16.19 4.00
CA GLY E 432 -34.90 -17.31 3.42
C GLY E 432 -34.10 -18.61 3.47
N VAL E 433 -34.54 -19.58 2.69
CA VAL E 433 -33.94 -20.91 2.71
C VAL E 433 -32.99 -21.12 1.55
N ILE E 434 -31.79 -21.55 1.88
CA ILE E 434 -30.76 -21.78 0.89
C ILE E 434 -30.65 -23.25 0.50
N ARG E 435 -30.53 -23.47 -0.81
CA ARG E 435 -30.38 -24.81 -1.38
C ARG E 435 -29.25 -24.75 -2.40
N CYS E 436 -28.40 -25.80 -2.41
CA CYS E 436 -27.23 -25.98 -3.27
C CYS E 436 -27.32 -27.27 -4.04
N VAL E 437 -26.97 -27.20 -5.30
CA VAL E 437 -26.85 -28.39 -6.10
C VAL E 437 -25.48 -28.34 -6.72
N SER E 438 -24.70 -29.39 -6.58
CA SER E 438 -23.37 -29.36 -7.16
C SER E 438 -22.91 -30.74 -7.65
N ASN E 439 -21.86 -30.73 -8.50
CA ASN E 439 -21.23 -31.90 -9.13
C ASN E 439 -19.93 -32.29 -8.41
N ILE E 440 -19.86 -33.52 -7.82
CA ILE E 440 -18.61 -33.98 -7.20
C ILE E 440 -17.82 -34.58 -8.35
N THR E 441 -16.70 -33.96 -8.68
CA THR E 441 -15.89 -34.34 -9.84
C THR E 441 -14.61 -34.99 -9.39
N GLY E 442 -14.33 -34.91 -8.12
CA GLY E 442 -13.13 -35.52 -7.60
C GLY E 442 -13.16 -35.69 -6.11
N LEU E 443 -12.15 -36.38 -5.60
CA LEU E 443 -12.08 -36.74 -4.21
C LEU E 443 -10.64 -36.72 -3.69
N ILE E 444 -10.39 -36.16 -2.49
CA ILE E 444 -9.01 -36.24 -2.00
C ILE E 444 -8.84 -37.29 -0.90
N LEU E 445 -7.91 -38.22 -1.11
CA LEU E 445 -7.62 -39.27 -0.13
C LEU E 445 -6.24 -39.16 0.51
N THR E 446 -6.16 -39.58 1.76
CA THR E 446 -4.88 -39.69 2.43
C THR E 446 -4.74 -41.16 2.82
N ARG E 447 -3.56 -41.69 2.61
CA ARG E 447 -3.25 -43.10 2.89
C ARG E 447 -2.74 -43.28 4.31
N ASP E 448 -3.24 -44.29 5.02
CA ASP E 448 -2.75 -44.52 6.37
C ASP E 448 -1.26 -44.80 6.42
N GLY E 449 -0.62 -44.32 7.47
CA GLY E 449 0.82 -44.45 7.68
C GLY E 449 1.30 -45.83 8.11
N GLY E 450 1.05 -46.82 7.26
CA GLY E 450 1.43 -48.20 7.52
C GLY E 450 0.25 -49.03 7.98
N SER E 451 0.43 -50.35 7.95
CA SER E 451 -0.62 -51.27 8.36
C SER E 451 -0.05 -52.58 8.86
N THR E 452 -0.88 -53.35 9.56
CA THR E 452 -0.47 -54.64 10.04
C THR E 452 -0.21 -55.53 8.82
N ASN E 453 0.97 -56.17 8.83
CA ASN E 453 1.46 -57.08 7.80
C ASN E 453 1.55 -56.42 6.43
N SER E 454 1.60 -55.09 6.40
CA SER E 454 1.68 -54.30 5.19
C SER E 454 0.59 -54.68 4.19
N THR E 455 -0.63 -54.93 4.69
CA THR E 455 -1.74 -55.28 3.84
C THR E 455 -2.99 -54.49 4.19
N THR E 456 -4.09 -54.81 3.54
CA THR E 456 -5.37 -54.12 3.72
C THR E 456 -5.23 -52.60 3.77
N GLU E 457 -4.91 -52.01 2.63
CA GLU E 457 -4.71 -50.57 2.60
C GLU E 457 -5.98 -49.84 3.00
N THR E 458 -5.81 -48.79 3.79
CA THR E 458 -6.92 -47.96 4.23
C THR E 458 -6.67 -46.52 3.86
N PHE E 459 -7.71 -45.91 3.31
CA PHE E 459 -7.68 -44.54 2.89
C PHE E 459 -8.80 -43.80 3.61
N ARG E 460 -8.58 -42.54 3.88
CA ARG E 460 -9.59 -41.73 4.52
C ARG E 460 -9.48 -40.33 3.97
N PRO E 461 -10.45 -39.44 4.14
CA PRO E 461 -10.38 -38.05 3.75
C PRO E 461 -9.26 -37.30 4.46
N GLY E 462 -8.72 -36.30 3.79
CA GLY E 462 -7.63 -35.47 4.30
C GLY E 462 -7.15 -34.58 3.16
N GLY E 463 -6.01 -33.90 3.32
CA GLY E 463 -5.53 -33.03 2.23
C GLY E 463 -6.28 -31.70 2.08
N GLY E 464 -6.62 -31.08 3.20
CA GLY E 464 -7.38 -29.82 3.20
C GLY E 464 -6.62 -28.57 2.73
N ASP E 465 -5.33 -28.67 2.42
CA ASP E 465 -4.56 -27.51 1.94
C ASP E 465 -5.14 -27.05 0.62
N MET E 466 -5.26 -25.76 0.42
CA MET E 466 -5.85 -25.28 -0.82
C MET E 466 -5.11 -25.61 -2.11
N ARG E 467 -3.80 -25.82 -2.07
CA ARG E 467 -3.10 -26.04 -3.33
C ARG E 467 -3.55 -27.30 -4.06
N ASP E 468 -3.94 -28.33 -3.31
CA ASP E 468 -4.35 -29.59 -3.89
C ASP E 468 -5.61 -29.47 -4.73
N ASN E 469 -6.38 -28.42 -4.55
CA ASN E 469 -7.57 -28.25 -5.35
C ASN E 469 -7.21 -27.74 -6.74
N TRP E 470 -6.14 -26.96 -6.84
CA TRP E 470 -5.79 -26.37 -8.12
C TRP E 470 -4.90 -27.29 -8.88
N ARG E 471 -4.26 -28.21 -8.18
CA ARG E 471 -3.45 -29.21 -8.85
C ARG E 471 -4.32 -30.08 -9.72
N SER E 472 -5.60 -30.21 -9.41
CA SER E 472 -6.52 -31.01 -10.18
C SER E 472 -7.07 -30.29 -11.41
N GLU E 473 -6.81 -28.99 -11.54
CA GLU E 473 -7.29 -28.20 -12.67
C GLU E 473 -6.15 -27.75 -13.60
N LEU E 474 -5.00 -27.46 -13.01
CA LEU E 474 -3.84 -26.97 -13.72
C LEU E 474 -2.87 -28.06 -14.15
N TYR E 475 -3.25 -29.31 -13.95
CA TYR E 475 -2.40 -30.44 -14.31
C TYR E 475 -2.14 -30.52 -15.80
N LYS E 476 -3.01 -29.94 -16.60
CA LYS E 476 -2.88 -30.00 -18.04
C LYS E 476 -1.93 -28.96 -18.58
N TYR E 477 -1.47 -28.02 -17.74
CA TYR E 477 -0.71 -26.94 -18.32
C TYR E 477 0.71 -26.77 -17.83
N LYS E 478 1.56 -26.35 -18.76
CA LYS E 478 2.96 -26.01 -18.52
C LYS E 478 3.35 -24.67 -19.15
N VAL E 479 4.21 -23.91 -18.48
CA VAL E 479 4.68 -22.65 -19.06
C VAL E 479 6.08 -22.78 -19.63
N VAL E 480 6.23 -22.41 -20.91
CA VAL E 480 7.52 -22.45 -21.55
C VAL E 480 7.91 -21.12 -22.14
N LYS E 481 9.18 -20.85 -22.07
CA LYS E 481 9.77 -19.65 -22.64
C LYS E 481 10.16 -19.98 -24.06
N ILE E 482 10.00 -19.02 -24.95
CA ILE E 482 10.38 -19.23 -26.32
C ILE E 482 11.76 -18.68 -26.57
N GLU E 483 12.65 -19.52 -27.09
CA GLU E 483 14.02 -19.15 -27.39
C GLU E 483 14.23 -19.27 -28.89
N PRO E 484 13.93 -18.22 -29.66
CA PRO E 484 13.87 -18.20 -31.10
C PRO E 484 15.21 -18.24 -31.77
N LEU E 485 16.28 -18.09 -31.01
CA LEU E 485 17.57 -18.02 -31.64
C LEU E 485 18.34 -19.31 -31.52
N GLY E 486 18.70 -19.90 -32.64
CA GLY E 486 19.45 -21.16 -32.61
C GLY E 486 20.52 -21.21 -33.69
N VAL E 487 21.47 -22.10 -33.44
CA VAL E 487 22.62 -22.18 -34.35
C VAL E 487 22.58 -23.56 -34.94
N ALA E 488 23.03 -23.71 -36.16
CA ALA E 488 22.98 -25.00 -36.86
C ALA E 488 23.98 -24.93 -38.01
N PRO E 489 24.39 -26.03 -38.65
CA PRO E 489 25.39 -25.92 -39.68
C PRO E 489 24.98 -26.00 -41.16
N THR E 490 25.44 -25.09 -42.05
CA THR E 490 25.15 -25.21 -43.51
C THR E 490 26.35 -24.87 -44.41
N ARG E 491 26.34 -25.28 -45.69
CA ARG E 491 27.37 -25.02 -46.68
C ARG E 491 27.05 -23.64 -47.27
N CYS E 492 28.02 -22.69 -47.25
CA CYS E 492 27.91 -21.30 -47.74
C CYS E 492 29.24 -20.58 -47.50
N GLU F 33 42.15 18.78 -47.47
CA GLU F 33 41.89 17.38 -47.04
C GLU F 33 40.38 17.15 -47.03
N ASN F 34 39.89 16.27 -47.90
CA ASN F 34 38.42 16.13 -47.95
C ASN F 34 38.12 15.01 -47.00
N LEU F 35 37.90 15.33 -45.70
CA LEU F 35 37.69 14.30 -44.62
C LEU F 35 36.20 14.03 -44.44
N TRP F 36 35.86 12.87 -43.91
CA TRP F 36 34.41 12.55 -43.88
C TRP F 36 33.90 12.20 -42.48
N VAL F 37 32.73 12.71 -42.12
CA VAL F 37 32.18 12.53 -40.76
C VAL F 37 31.93 11.07 -40.60
N THR F 38 32.22 10.56 -39.45
CA THR F 38 31.69 9.23 -39.24
C THR F 38 31.23 9.05 -37.83
N VAL F 39 30.56 7.96 -37.65
CA VAL F 39 29.95 7.57 -36.41
C VAL F 39 30.45 6.22 -35.91
N TYR F 40 30.80 6.20 -34.63
CA TYR F 40 31.23 4.98 -33.98
C TYR F 40 30.30 4.64 -32.87
N TYR F 41 29.86 3.40 -32.80
CA TYR F 41 28.97 3.03 -31.73
C TYR F 41 29.66 2.09 -30.78
N GLY F 42 29.68 2.48 -29.53
CA GLY F 42 30.38 1.71 -28.52
C GLY F 42 31.59 2.50 -28.02
N VAL F 43 31.50 3.81 -28.13
CA VAL F 43 32.54 4.72 -27.69
C VAL F 43 32.48 4.90 -26.17
N PRO F 44 33.57 4.71 -25.41
CA PRO F 44 33.58 4.78 -23.95
C PRO F 44 33.59 6.20 -23.37
N VAL F 45 32.50 6.93 -23.56
CA VAL F 45 32.39 8.30 -23.05
C VAL F 45 31.29 8.56 -22.05
N TRP F 46 31.70 9.17 -20.93
CA TRP F 46 30.89 9.52 -19.78
C TRP F 46 30.34 10.93 -19.73
N LYS F 47 29.16 11.03 -19.14
CA LYS F 47 28.55 12.32 -18.81
C LYS F 47 28.13 12.27 -17.35
N ASP F 48 28.19 13.37 -16.64
CA ASP F 48 27.69 13.34 -15.27
C ASP F 48 26.21 13.06 -15.35
N ALA F 49 25.66 12.24 -14.47
CA ALA F 49 24.23 12.03 -14.58
C ALA F 49 23.58 11.67 -13.27
N GLU F 50 22.30 11.92 -13.17
CA GLU F 50 21.57 11.53 -11.98
C GLU F 50 20.46 10.57 -12.34
N THR F 51 20.55 9.37 -11.81
CA THR F 51 19.54 8.36 -12.06
C THR F 51 19.26 7.62 -10.80
N THR F 52 18.31 6.71 -10.84
CA THR F 52 18.01 5.93 -9.67
C THR F 52 18.89 4.71 -9.63
N LEU F 53 19.02 4.12 -8.46
CA LEU F 53 19.84 2.94 -8.28
C LEU F 53 19.06 1.77 -7.75
N PHE F 54 19.54 0.59 -8.04
CA PHE F 54 18.95 -0.64 -7.56
C PHE F 54 19.50 -0.95 -6.18
N CYS F 55 18.66 -1.56 -5.32
CA CYS F 55 19.04 -2.08 -4.01
C CYS F 55 19.54 -3.49 -4.19
N ALA F 56 20.78 -3.74 -3.82
CA ALA F 56 21.30 -5.08 -3.92
C ALA F 56 21.62 -5.62 -2.53
N SER F 57 21.04 -6.76 -2.21
CA SER F 57 21.21 -7.42 -0.93
C SER F 57 22.36 -8.43 -1.02
N ASP F 58 22.82 -8.96 0.15
CA ASP F 58 23.89 -9.97 0.24
C ASP F 58 23.43 -11.12 1.13
N HIS F 67 12.16 -11.13 9.49
CA HIS F 67 12.43 -10.07 8.53
C HIS F 67 13.47 -9.09 9.11
N ASN F 68 13.84 -8.07 8.29
CA ASN F 68 14.83 -7.04 8.56
C ASN F 68 14.36 -5.75 7.93
N VAL F 69 14.57 -4.65 8.64
CA VAL F 69 14.22 -3.30 8.21
C VAL F 69 14.94 -2.82 6.96
N TRP F 70 16.21 -3.16 6.81
CA TRP F 70 17.00 -2.63 5.72
C TRP F 70 17.02 -3.56 4.51
N ALA F 71 17.56 -4.77 4.68
CA ALA F 71 17.65 -5.73 3.58
C ALA F 71 16.35 -6.48 3.48
N THR F 72 15.36 -5.80 2.97
CA THR F 72 14.01 -6.29 2.87
C THR F 72 13.95 -7.27 1.72
N HIS F 73 12.84 -8.02 1.60
CA HIS F 73 12.75 -8.95 0.49
C HIS F 73 12.68 -8.20 -0.84
N ALA F 74 12.20 -6.96 -0.82
CA ALA F 74 12.13 -6.15 -2.03
C ALA F 74 13.48 -5.44 -2.27
N CYS F 75 14.53 -6.24 -2.53
CA CYS F 75 15.94 -5.86 -2.73
C CYS F 75 16.53 -7.06 -3.50
N VAL F 76 17.32 -6.78 -4.51
CA VAL F 76 17.85 -7.81 -5.39
C VAL F 76 19.10 -8.53 -4.87
N PRO F 77 19.10 -9.84 -4.67
CA PRO F 77 20.30 -10.53 -4.22
C PRO F 77 21.22 -10.53 -5.41
N THR F 78 22.53 -10.44 -5.20
CA THR F 78 23.43 -10.53 -6.34
C THR F 78 24.52 -11.54 -6.14
N ASP F 79 25.08 -11.96 -7.26
CA ASP F 79 26.20 -12.88 -7.29
C ASP F 79 27.41 -12.24 -6.64
N PRO F 80 28.32 -13.03 -6.03
CA PRO F 80 29.58 -12.59 -5.47
C PRO F 80 30.57 -12.40 -6.61
N ASN F 81 30.25 -11.46 -7.46
CA ASN F 81 31.00 -11.20 -8.67
C ASN F 81 31.25 -9.73 -8.91
N PRO F 82 32.04 -9.07 -8.06
CA PRO F 82 32.37 -7.68 -8.23
C PRO F 82 33.25 -7.62 -9.45
N GLN F 83 33.15 -6.56 -10.21
CA GLN F 83 33.98 -6.41 -11.38
C GLN F 83 34.53 -5.02 -11.45
N GLU F 84 35.74 -4.91 -11.99
CA GLU F 84 36.43 -3.65 -12.19
C GLU F 84 37.17 -3.69 -13.52
N ILE F 85 37.82 -2.60 -13.87
CA ILE F 85 38.55 -2.52 -15.12
C ILE F 85 40.04 -2.60 -14.95
N HIS F 86 40.52 -2.98 -13.77
CA HIS F 86 41.95 -3.03 -13.54
C HIS F 86 42.51 -1.67 -13.85
N LEU F 87 42.12 -0.72 -13.01
CA LEU F 87 42.35 0.71 -13.13
C LEU F 87 43.38 1.14 -14.15
N GLU F 88 42.87 1.89 -15.14
CA GLU F 88 43.65 2.47 -16.23
C GLU F 88 43.91 3.97 -15.97
N ASN F 89 44.70 4.62 -16.85
CA ASN F 89 45.10 6.03 -16.71
C ASN F 89 44.00 6.99 -17.20
N VAL F 90 42.96 7.09 -16.36
CA VAL F 90 41.76 7.89 -16.51
C VAL F 90 41.73 8.91 -15.39
N THR F 91 41.57 10.19 -15.68
CA THR F 91 41.48 11.17 -14.60
C THR F 91 40.10 11.76 -14.58
N GLU F 92 39.47 11.77 -13.41
CA GLU F 92 38.12 12.30 -13.27
C GLU F 92 37.97 13.20 -12.06
N GLU F 93 37.09 14.20 -12.18
CA GLU F 93 36.86 15.06 -11.04
C GLU F 93 35.44 14.99 -10.56
N PHE F 94 35.36 14.73 -9.28
CA PHE F 94 34.13 14.55 -8.57
C PHE F 94 34.33 14.88 -7.14
N ASN F 95 33.24 15.10 -6.45
CA ASN F 95 33.32 15.45 -5.08
C ASN F 95 32.17 14.92 -4.25
N MET F 96 32.22 15.31 -3.01
CA MET F 96 31.28 15.05 -1.97
C MET F 96 30.39 16.26 -1.85
N TRP F 97 29.42 16.19 -0.97
CA TRP F 97 28.52 17.30 -0.60
C TRP F 97 27.42 17.55 -1.65
N LYS F 98 27.82 17.57 -2.92
CA LYS F 98 26.95 17.77 -4.06
C LYS F 98 26.66 16.44 -4.75
N ASN F 99 27.05 15.36 -4.11
CA ASN F 99 26.89 14.01 -4.63
C ASN F 99 25.49 13.49 -4.34
N ASN F 100 24.66 13.38 -5.37
CA ASN F 100 23.24 13.04 -5.19
C ASN F 100 23.02 11.60 -4.80
N MET F 101 24.07 10.80 -4.79
CA MET F 101 23.97 9.41 -4.42
C MET F 101 23.67 9.34 -2.93
N VAL F 102 24.09 10.37 -2.18
CA VAL F 102 23.86 10.45 -0.75
C VAL F 102 22.40 10.72 -0.50
N GLU F 103 21.84 11.63 -1.28
CA GLU F 103 20.45 11.99 -1.11
C GLU F 103 19.57 10.79 -1.42
N GLN F 104 19.96 9.99 -2.41
CA GLN F 104 19.15 8.83 -2.71
C GLN F 104 19.20 7.86 -1.55
N MET F 105 20.37 7.68 -0.92
CA MET F 105 20.38 6.76 0.20
C MET F 105 19.51 7.26 1.34
N HIS F 106 19.56 8.56 1.64
CA HIS F 106 18.77 9.09 2.74
C HIS F 106 17.29 8.90 2.52
N GLU F 107 16.80 9.31 1.35
CA GLU F 107 15.37 9.21 1.11
C GLU F 107 14.92 7.77 1.01
N ASP F 108 15.76 6.91 0.45
CA ASP F 108 15.37 5.55 0.29
C ASP F 108 15.27 4.83 1.62
N ILE F 109 16.17 5.10 2.57
CA ILE F 109 15.98 4.37 3.81
C ILE F 109 14.77 4.89 4.60
N ILE F 110 14.41 6.17 4.46
CA ILE F 110 13.23 6.65 5.18
C ILE F 110 12.03 5.84 4.69
N SER F 111 11.97 5.61 3.40
CA SER F 111 10.89 4.84 2.80
C SER F 111 10.85 3.39 3.27
N LEU F 112 11.91 2.87 3.90
CA LEU F 112 11.83 1.52 4.38
C LEU F 112 11.27 1.59 5.77
N TRP F 113 11.73 2.56 6.55
CA TRP F 113 11.24 2.67 7.92
C TRP F 113 9.75 2.91 7.96
N ASP F 114 9.28 3.74 7.05
CA ASP F 114 7.87 4.08 6.98
C ASP F 114 7.00 2.92 6.55
N GLN F 115 7.57 1.85 6.00
CA GLN F 115 6.74 0.72 5.61
C GLN F 115 6.92 -0.41 6.61
N SER F 116 8.13 -0.55 7.14
CA SER F 116 8.43 -1.65 8.06
C SER F 116 7.65 -1.50 9.33
N LEU F 117 7.37 -0.26 9.72
CA LEU F 117 6.61 -0.05 10.93
C LEU F 117 5.11 0.11 10.72
N LYS F 118 4.60 -0.03 9.50
CA LYS F 118 3.16 0.11 9.37
C LYS F 118 2.40 -1.07 9.96
N PRO F 119 2.69 -2.33 9.66
CA PRO F 119 1.94 -3.47 10.15
C PRO F 119 2.34 -3.83 11.58
N CYS F 120 2.14 -2.90 12.52
CA CYS F 120 2.50 -3.00 13.94
C CYS F 120 1.39 -2.40 14.78
N VAL F 121 1.45 -2.64 16.07
CA VAL F 121 0.46 -2.16 16.99
C VAL F 121 0.55 -0.68 17.29
N LYS F 122 -0.59 0.00 17.20
CA LYS F 122 -0.69 1.42 17.54
C LYS F 122 -0.74 1.47 19.05
N LEU F 123 -0.07 2.42 19.66
CA LEU F 123 -0.14 2.48 21.10
C LEU F 123 -1.07 3.56 21.60
N THR F 124 -1.90 4.09 20.72
CA THR F 124 -2.89 5.10 21.10
C THR F 124 -3.71 4.70 22.34
N PRO F 125 -4.20 3.45 22.49
CA PRO F 125 -4.95 3.01 23.64
C PRO F 125 -4.16 3.10 24.95
N LEU F 126 -2.85 3.31 24.88
CA LEU F 126 -2.05 3.46 26.10
C LEU F 126 -1.80 4.94 26.51
N CYS F 127 -2.37 5.94 25.77
CA CYS F 127 -2.26 7.36 26.08
C CYS F 127 -3.29 7.70 27.15
N VAL F 128 -2.93 7.30 28.34
CA VAL F 128 -3.77 7.39 29.53
C VAL F 128 -3.01 8.07 30.61
N THR F 129 -3.68 8.49 31.67
CA THR F 129 -2.88 9.06 32.71
C THR F 129 -2.23 7.92 33.46
N LEU F 130 -1.11 8.18 34.07
CA LEU F 130 -0.39 7.17 34.82
C LEU F 130 -0.21 7.56 36.28
N GLN F 131 -0.28 6.57 37.17
CA GLN F 131 0.06 6.79 38.58
C GLN F 131 1.42 6.17 38.82
N CYS F 132 2.49 7.02 38.89
CA CYS F 132 3.87 6.54 38.95
C CYS F 132 4.50 6.81 40.32
N THR F 133 5.37 5.89 40.73
CA THR F 133 6.15 6.02 41.96
C THR F 133 7.59 5.73 41.62
N ASN F 134 8.48 5.95 42.56
CA ASN F 134 9.84 5.58 42.32
C ASN F 134 9.97 4.08 42.42
N VAL F 135 10.95 3.50 41.74
CA VAL F 135 11.18 2.05 41.90
C VAL F 135 12.16 2.11 43.01
N THR F 136 12.13 1.14 43.91
CA THR F 136 13.02 1.05 45.07
C THR F 136 13.65 -0.32 45.21
N ASN F 137 14.63 -0.66 44.37
CA ASN F 137 15.21 -2.03 44.36
C ASN F 137 16.74 -2.04 44.31
N ASN F 138 17.48 -1.61 45.34
CA ASN F 138 18.95 -1.59 45.28
C ASN F 138 19.47 -0.74 44.12
N ILE F 139 18.96 0.48 44.03
CA ILE F 139 19.33 1.40 42.98
C ILE F 139 20.52 2.24 43.35
N THR F 140 21.53 2.25 42.48
CA THR F 140 22.72 3.07 42.71
C THR F 140 22.35 4.54 42.63
N ASP F 141 23.07 5.42 43.32
CA ASP F 141 22.69 6.85 43.32
C ASP F 141 22.58 7.47 41.93
N ASP F 142 23.42 7.04 41.01
CA ASP F 142 23.44 7.58 39.66
C ASP F 142 22.16 7.28 38.86
N MET F 143 21.41 6.29 39.31
CA MET F 143 20.16 5.85 38.71
C MET F 143 18.98 6.25 39.56
N ARG F 144 19.20 7.09 40.56
CA ARG F 144 18.10 7.42 41.43
C ARG F 144 17.18 8.33 40.69
N GLY F 145 15.92 7.93 40.61
CA GLY F 145 14.91 8.70 39.90
C GLY F 145 14.92 8.42 38.39
N GLU F 146 15.80 7.53 37.93
CA GLU F 146 15.91 7.23 36.51
C GLU F 146 14.78 6.32 36.05
N LEU F 147 14.30 5.44 36.93
CA LEU F 147 13.23 4.54 36.56
C LEU F 147 11.95 4.95 37.26
N LYS F 148 10.83 4.73 36.61
CA LYS F 148 9.52 4.96 37.24
C LYS F 148 8.60 3.76 37.09
N ASN F 149 7.93 3.31 38.17
CA ASN F 149 6.95 2.22 38.06
C ASN F 149 5.68 2.94 37.83
N CYS F 150 5.00 2.64 36.78
CA CYS F 150 3.80 3.40 36.47
C CYS F 150 2.70 2.38 36.38
N SER F 151 1.48 2.74 36.70
CA SER F 151 0.37 1.80 36.76
C SER F 151 -0.73 2.37 35.92
N PHE F 152 -1.11 1.72 34.86
CA PHE F 152 -2.04 2.37 33.93
C PHE F 152 -3.23 1.51 33.59
N ASN F 153 -4.30 2.12 33.08
CA ASN F 153 -5.52 1.39 32.65
C ASN F 153 -5.38 1.07 31.16
N ALA F 154 -5.27 -0.21 30.81
CA ALA F 154 -5.04 -0.71 29.46
C ALA F 154 -6.33 -1.33 28.99
N THR F 155 -6.58 -1.28 27.71
CA THR F 155 -7.75 -1.95 27.15
C THR F 155 -7.39 -3.38 27.00
N THR F 156 -8.34 -4.22 26.66
CA THR F 156 -8.02 -5.62 26.51
C THR F 156 -8.74 -6.25 25.32
N GLU F 157 -8.80 -7.57 25.32
CA GLU F 157 -9.37 -8.32 24.21
C GLU F 157 -10.81 -7.92 24.01
N LEU F 158 -11.52 -7.67 25.10
CA LEU F 158 -12.89 -7.22 25.01
C LEU F 158 -12.89 -5.70 25.02
N ARG F 159 -13.84 -5.12 24.34
CA ARG F 159 -13.98 -3.68 24.34
C ARG F 159 -14.65 -3.15 25.59
N ASN F 160 -15.54 -3.92 26.23
CA ASN F 160 -16.22 -3.34 27.38
C ASN F 160 -15.53 -3.55 28.72
N LYS F 161 -14.41 -4.26 28.72
CA LYS F 161 -13.68 -4.47 29.97
C LYS F 161 -12.28 -3.96 29.86
N ARG F 162 -11.70 -3.64 31.00
CA ARG F 162 -10.35 -3.12 31.03
C ARG F 162 -9.51 -3.75 32.12
N GLN F 163 -8.17 -3.57 32.14
CA GLN F 163 -7.30 -4.25 33.14
C GLN F 163 -6.26 -3.25 33.61
N LYS F 164 -5.47 -3.53 34.65
CA LYS F 164 -4.52 -2.56 35.25
C LYS F 164 -3.15 -3.17 35.22
N VAL F 165 -2.23 -2.66 34.44
CA VAL F 165 -0.93 -3.33 34.35
C VAL F 165 0.03 -2.69 35.33
N TYR F 166 1.33 -2.97 35.36
CA TYR F 166 2.35 -2.35 36.24
C TYR F 166 3.69 -2.41 35.55
N SER F 167 4.00 -1.45 34.73
CA SER F 167 5.20 -1.54 33.90
C SER F 167 6.22 -0.54 34.34
N LEU F 168 7.53 -0.65 33.99
CA LEU F 168 8.60 0.33 34.34
C LEU F 168 8.96 1.09 33.10
N PHE F 169 9.04 2.40 33.09
CA PHE F 169 9.43 3.33 32.06
C PHE F 169 10.67 4.05 32.50
N TYR F 170 11.40 4.58 31.54
CA TYR F 170 12.55 5.36 31.91
C TYR F 170 12.05 6.76 32.11
N ARG F 171 12.68 7.52 32.95
CA ARG F 171 12.25 8.89 33.18
C ARG F 171 12.14 9.69 31.88
N LEU F 172 12.98 9.42 30.90
CA LEU F 172 12.98 10.18 29.64
C LEU F 172 11.78 9.86 28.72
N ASP F 173 11.01 8.82 29.05
CA ASP F 173 9.83 8.40 28.29
C ASP F 173 8.57 9.10 28.80
N ILE F 174 8.66 9.74 29.96
CA ILE F 174 7.51 10.31 30.62
C ILE F 174 7.55 11.80 30.92
N VAL F 175 6.42 12.45 30.68
CA VAL F 175 6.31 13.85 31.00
C VAL F 175 5.21 14.04 32.07
N PRO F 176 5.47 14.77 33.16
CA PRO F 176 4.52 15.13 34.22
C PRO F 176 3.45 16.09 33.75
N MET F 177 2.29 16.04 34.40
CA MET F 177 1.22 17.01 34.17
C MET F 177 0.81 17.71 35.45
N GLY F 178 0.49 19.01 35.34
CA GLY F 178 -0.11 19.76 36.44
C GLY F 178 0.83 20.04 37.60
N GLU F 179 2.11 19.84 37.35
CA GLU F 179 3.16 19.93 38.37
C GLU F 179 2.83 18.99 39.52
N ASN F 180 2.23 17.84 39.19
CA ASN F 180 1.87 16.84 40.16
C ASN F 180 3.07 15.94 40.37
N SER F 181 2.93 14.97 41.27
CA SER F 181 3.97 14.01 41.57
C SER F 181 3.42 12.66 41.22
N ALA F 182 2.12 12.64 40.96
CA ALA F 182 1.39 11.44 40.65
C ALA F 182 0.39 11.63 39.52
N ASN F 183 0.82 12.27 38.44
CA ASN F 183 -0.03 12.40 37.26
C ASN F 183 0.87 12.50 36.03
N TYR F 184 1.08 11.38 35.37
CA TYR F 184 2.04 11.32 34.26
C TYR F 184 1.46 10.78 32.95
N ARG F 185 2.10 11.12 31.84
CA ARG F 185 1.69 10.62 30.52
C ARG F 185 2.89 10.24 29.66
N LEU F 186 2.68 9.47 28.61
CA LEU F 186 3.80 9.14 27.73
C LEU F 186 4.21 10.41 26.96
N ILE F 187 5.51 10.58 26.76
CA ILE F 187 6.09 11.79 26.15
C ILE F 187 5.59 12.21 24.79
N ASP F 188 5.26 11.29 23.91
CA ASP F 188 4.78 11.72 22.59
C ASP F 188 3.27 11.64 22.32
N CYS F 189 2.40 11.48 23.35
CA CYS F 189 0.94 11.38 23.13
C CYS F 189 0.32 12.72 22.75
N ASN F 190 1.06 13.81 22.87
CA ASN F 190 0.50 15.10 22.45
C ASN F 190 0.93 15.50 21.02
N THR F 191 1.54 14.57 20.25
CA THR F 191 1.97 14.69 18.86
C THR F 191 1.55 13.41 18.19
N SER F 192 2.08 13.13 17.03
CA SER F 192 1.69 11.97 16.27
C SER F 192 1.75 10.70 17.09
N ALA F 193 0.77 9.84 16.88
CA ALA F 193 0.64 8.62 17.65
C ALA F 193 1.86 7.78 17.58
N ILE F 194 2.19 7.22 18.73
CA ILE F 194 3.34 6.36 18.85
C ILE F 194 2.93 5.02 18.29
N THR F 195 3.69 4.49 17.34
CA THR F 195 3.40 3.19 16.77
C THR F 195 4.60 2.32 16.84
N GLN F 196 4.51 1.14 17.44
CA GLN F 196 5.66 0.25 17.44
C GLN F 196 5.39 -1.04 18.15
N ALA F 197 5.73 -2.10 17.49
CA ALA F 197 5.75 -3.40 18.08
C ALA F 197 6.76 -4.19 17.24
N CYS F 198 6.32 -5.26 16.54
CA CYS F 198 7.08 -6.03 15.57
C CYS F 198 8.52 -6.42 16.07
N PRO F 199 8.66 -7.02 17.26
CA PRO F 199 9.94 -7.38 17.89
C PRO F 199 10.68 -8.43 17.08
N LYS F 200 9.96 -9.08 16.18
CA LYS F 200 10.45 -10.11 15.30
C LYS F 200 11.25 -9.55 14.11
N VAL F 201 11.17 -8.23 13.87
CA VAL F 201 11.84 -7.64 12.73
C VAL F 201 13.11 -6.95 13.21
N SER F 202 14.24 -7.39 12.67
CA SER F 202 15.54 -6.87 13.08
C SER F 202 15.87 -5.46 12.61
N PHE F 203 16.57 -4.70 13.47
CA PHE F 203 17.05 -3.37 13.11
C PHE F 203 18.54 -3.41 12.79
N GLU F 204 19.12 -4.61 12.80
CA GLU F 204 20.56 -4.77 12.56
C GLU F 204 20.93 -4.13 11.24
N PRO F 205 21.99 -3.31 11.17
CA PRO F 205 22.44 -2.62 9.99
C PRO F 205 23.18 -3.52 9.02
N ILE F 206 22.43 -4.44 8.44
CA ILE F 206 22.85 -5.39 7.44
C ILE F 206 23.22 -4.57 6.20
N PRO F 207 24.36 -4.79 5.54
CA PRO F 207 24.83 -3.98 4.42
C PRO F 207 24.00 -4.06 3.17
N ILE F 208 23.89 -2.91 2.52
CA ILE F 208 23.21 -2.74 1.25
C ILE F 208 24.19 -2.24 0.20
N HIS F 209 24.16 -2.83 -0.98
CA HIS F 209 25.03 -2.44 -2.08
C HIS F 209 24.22 -1.61 -3.07
N TYR F 210 24.82 -0.62 -3.73
CA TYR F 210 24.07 0.10 -4.76
C TYR F 210 24.55 -0.31 -6.15
N CYS F 211 23.61 -0.56 -7.10
CA CYS F 211 23.93 -0.96 -8.48
C CYS F 211 23.30 -0.02 -9.51
N ALA F 212 24.07 0.31 -10.53
CA ALA F 212 23.57 1.14 -11.61
C ALA F 212 22.81 0.30 -12.65
N PRO F 213 21.81 0.87 -13.35
CA PRO F 213 21.09 0.28 -14.47
C PRO F 213 21.95 0.18 -15.69
N ALA F 214 21.62 -0.73 -16.59
CA ALA F 214 22.43 -0.83 -17.80
C ALA F 214 22.41 0.51 -18.53
N GLY F 215 23.56 0.90 -19.04
CA GLY F 215 23.73 2.17 -19.74
C GLY F 215 24.41 3.17 -18.82
N PHE F 216 24.50 2.81 -17.54
CA PHE F 216 25.13 3.59 -16.48
C PHE F 216 26.23 2.81 -15.80
N ALA F 217 27.12 3.55 -15.17
CA ALA F 217 28.21 2.95 -14.43
C ALA F 217 28.56 3.81 -13.24
N ILE F 218 29.23 3.22 -12.25
CA ILE F 218 29.62 3.96 -11.09
C ILE F 218 31.14 4.09 -11.05
N LEU F 219 31.64 5.30 -10.98
CA LEU F 219 33.08 5.46 -10.93
C LEU F 219 33.47 5.29 -9.49
N LYS F 220 34.61 4.66 -9.26
CA LYS F 220 35.16 4.40 -7.91
C LYS F 220 36.59 4.96 -7.73
N CYS F 221 36.81 5.85 -6.72
CA CYS F 221 38.13 6.46 -6.47
C CYS F 221 39.03 5.51 -5.67
N LYS F 222 40.28 5.34 -6.12
CA LYS F 222 41.22 4.53 -5.35
C LYS F 222 42.37 5.33 -4.76
N ASP F 223 42.23 6.64 -4.69
CA ASP F 223 43.26 7.46 -4.08
C ASP F 223 43.21 7.19 -2.59
N LYS F 224 44.32 7.44 -1.92
CA LYS F 224 44.42 7.22 -0.49
C LYS F 224 44.16 8.50 0.28
N LYS F 225 44.35 9.63 -0.39
CA LYS F 225 44.17 10.94 0.23
C LYS F 225 43.02 11.71 -0.40
N PHE F 226 42.08 10.98 -1.00
CA PHE F 226 40.96 11.63 -1.65
C PHE F 226 40.15 12.51 -0.74
N ASN F 227 39.85 13.68 -1.26
CA ASN F 227 39.06 14.69 -0.62
C ASN F 227 38.16 15.25 -1.71
N GLY F 228 37.30 16.20 -1.41
CA GLY F 228 36.44 16.73 -2.47
C GLY F 228 37.08 17.93 -3.15
N THR F 229 38.29 18.26 -2.71
CA THR F 229 39.06 19.41 -3.15
C THR F 229 39.82 19.13 -4.45
N GLY F 230 39.09 18.83 -5.52
CA GLY F 230 39.72 18.58 -6.82
C GLY F 230 39.60 17.13 -7.33
N PRO F 231 40.32 16.78 -8.40
CA PRO F 231 40.28 15.52 -9.12
C PRO F 231 40.89 14.34 -8.38
N CYS F 232 40.43 13.12 -8.74
CA CYS F 232 40.95 11.83 -8.30
C CYS F 232 41.78 11.29 -9.48
N PRO F 233 43.11 11.24 -9.35
CA PRO F 233 44.06 10.87 -10.40
C PRO F 233 44.05 9.38 -10.72
N SER F 234 43.41 8.59 -9.88
CA SER F 234 43.42 7.17 -10.09
C SER F 234 42.04 6.60 -9.85
N VAL F 235 41.33 6.29 -10.93
CA VAL F 235 39.97 5.79 -10.77
C VAL F 235 39.69 4.53 -11.54
N SER F 236 38.68 3.82 -11.09
CA SER F 236 38.21 2.62 -11.74
C SER F 236 36.71 2.68 -11.79
N THR F 237 36.09 1.61 -12.22
CA THR F 237 34.65 1.59 -12.33
C THR F 237 34.11 0.33 -11.73
N VAL F 238 32.89 0.39 -11.26
CA VAL F 238 32.17 -0.79 -10.81
C VAL F 238 30.78 -0.76 -11.38
N GLN F 239 30.11 -1.89 -11.40
CA GLN F 239 28.67 -1.82 -11.70
C GLN F 239 27.86 -1.64 -10.38
N CYS F 240 28.37 -2.23 -9.26
CA CYS F 240 27.82 -2.25 -7.91
C CYS F 240 28.91 -1.82 -6.93
N THR F 241 28.51 -1.04 -5.93
CA THR F 241 29.40 -0.54 -4.87
C THR F 241 29.57 -1.64 -3.84
N HIS F 242 30.47 -1.42 -2.90
CA HIS F 242 30.66 -2.36 -1.82
C HIS F 242 29.46 -2.20 -0.92
N GLY F 243 29.32 -3.05 0.08
CA GLY F 243 28.17 -2.89 0.92
C GLY F 243 28.37 -1.81 1.95
N ILE F 244 27.33 -1.03 2.16
CA ILE F 244 27.31 -0.01 3.18
C ILE F 244 26.37 -0.37 4.28
N LYS F 245 26.87 -0.38 5.50
CA LYS F 245 26.00 -0.69 6.62
C LYS F 245 25.32 0.60 7.03
N PRO F 246 23.98 0.69 7.02
CA PRO F 246 23.23 1.87 7.35
C PRO F 246 23.17 2.03 8.85
N VAL F 247 24.32 2.26 9.45
CA VAL F 247 24.41 2.36 10.88
C VAL F 247 23.95 3.71 11.29
N VAL F 248 23.09 3.76 12.28
CA VAL F 248 22.57 5.02 12.75
C VAL F 248 23.36 5.52 13.92
N SER F 249 23.91 6.71 13.80
CA SER F 249 24.60 7.34 14.91
C SER F 249 24.68 8.83 14.69
N THR F 250 24.96 9.58 15.76
CA THR F 250 25.11 11.02 15.58
C THR F 250 26.46 11.69 15.86
N GLN F 251 27.34 11.10 16.66
CA GLN F 251 28.59 11.81 16.96
C GLN F 251 29.80 11.01 16.58
N LEU F 252 29.74 9.73 16.87
CA LEU F 252 30.82 8.86 16.50
C LEU F 252 30.21 7.96 15.45
N LEU F 253 30.88 7.89 14.31
CA LEU F 253 30.48 7.06 13.21
C LEU F 253 30.92 5.68 13.59
N LEU F 254 30.01 4.73 13.53
CA LEU F 254 30.34 3.38 13.92
C LEU F 254 30.29 2.40 12.75
N ASN F 255 31.15 1.34 12.80
CA ASN F 255 31.20 0.18 11.92
C ASN F 255 31.26 0.55 10.42
N GLY F 256 32.08 1.57 10.06
CA GLY F 256 32.24 2.04 8.68
C GLY F 256 33.55 1.63 8.06
N SER F 257 33.79 2.15 6.87
CA SER F 257 35.02 1.88 6.15
C SER F 257 36.12 2.76 6.70
N LEU F 258 37.19 2.12 7.14
CA LEU F 258 38.33 2.75 7.75
C LEU F 258 39.24 3.35 6.69
N ALA F 259 39.89 4.48 6.97
CA ALA F 259 40.82 5.05 5.98
C ALA F 259 41.97 4.07 5.80
N GLU F 260 42.45 3.93 4.56
CA GLU F 260 43.55 3.00 4.28
C GLU F 260 44.91 3.32 4.88
N GLU F 261 45.30 4.59 4.90
CA GLU F 261 46.65 4.93 5.37
C GLU F 261 46.75 5.96 6.48
N GLU F 262 46.06 7.08 6.32
CA GLU F 262 46.19 8.21 7.23
C GLU F 262 44.85 8.75 7.64
N VAL F 263 44.80 9.42 8.77
CA VAL F 263 43.58 10.06 9.19
C VAL F 263 43.34 11.16 8.21
N ILE F 264 42.13 11.25 7.71
CA ILE F 264 41.82 12.30 6.74
C ILE F 264 40.63 13.12 7.13
N ILE F 265 40.76 14.44 6.96
CA ILE F 265 39.69 15.33 7.31
C ILE F 265 39.06 15.93 6.08
N ARG F 266 37.74 15.79 5.97
CA ARG F 266 37.04 16.30 4.81
C ARG F 266 35.94 17.27 5.23
N SER F 267 35.74 18.32 4.45
CA SER F 267 34.67 19.27 4.71
C SER F 267 34.25 19.93 3.42
N GLU F 268 33.05 20.51 3.39
CA GLU F 268 32.63 21.26 2.20
C GLU F 268 33.42 22.58 2.00
N ASN F 269 33.65 23.30 3.12
CA ASN F 269 34.37 24.57 3.25
C ASN F 269 34.92 24.63 4.67
N ILE F 270 36.23 24.27 4.88
CA ILE F 270 36.84 24.13 6.23
C ILE F 270 36.85 25.45 7.02
N THR F 271 36.94 26.55 6.28
CA THR F 271 36.94 27.90 6.77
C THR F 271 35.58 28.28 7.37
N ASN F 272 34.50 27.78 6.80
CA ASN F 272 33.15 28.13 7.23
C ASN F 272 32.72 27.27 8.41
N ASN F 273 32.56 27.88 9.59
CA ASN F 273 32.25 27.13 10.80
C ASN F 273 30.83 26.58 10.82
N ALA F 274 30.03 26.91 9.82
CA ALA F 274 28.68 26.40 9.73
C ALA F 274 28.66 25.00 9.09
N LYS F 275 29.80 24.57 8.56
CA LYS F 275 29.88 23.27 7.92
C LYS F 275 30.38 22.23 8.87
N ASN F 276 30.00 20.97 8.65
CA ASN F 276 30.52 19.92 9.51
C ASN F 276 31.82 19.39 8.97
N ILE F 277 32.64 18.87 9.86
CA ILE F 277 33.89 18.25 9.52
C ILE F 277 33.79 16.75 9.72
N LEU F 278 34.04 15.98 8.67
CA LEU F 278 33.94 14.53 8.81
C LEU F 278 35.35 13.98 8.90
N VAL F 279 35.65 13.35 10.02
CA VAL F 279 37.00 12.85 10.21
C VAL F 279 37.02 11.36 10.15
N GLN F 280 37.78 10.82 9.21
CA GLN F 280 37.86 9.38 9.06
C GLN F 280 39.17 8.89 9.64
N LEU F 281 39.09 7.94 10.56
CA LEU F 281 40.27 7.41 11.22
C LEU F 281 40.90 6.32 10.38
N ASN F 282 42.21 6.12 10.56
CA ASN F 282 42.95 5.04 9.90
C ASN F 282 43.26 3.90 10.86
N THR F 283 42.64 3.95 12.01
CA THR F 283 42.77 2.93 13.03
C THR F 283 41.43 2.95 13.75
N PRO F 284 40.80 1.82 14.01
CA PRO F 284 39.54 1.74 14.69
C PRO F 284 39.76 1.94 16.16
N VAL F 285 38.74 2.41 16.85
CA VAL F 285 38.80 2.40 18.31
C VAL F 285 37.68 1.51 18.83
N GLN F 286 38.01 0.52 19.63
CA GLN F 286 36.94 -0.36 20.10
C GLN F 286 36.16 0.24 21.23
N ILE F 287 34.84 0.21 21.08
CA ILE F 287 33.94 0.71 22.12
C ILE F 287 32.98 -0.41 22.58
N ASN F 288 32.98 -0.67 23.88
CA ASN F 288 32.14 -1.73 24.47
C ASN F 288 30.94 -1.12 25.22
N CYS F 289 29.68 -1.34 24.76
CA CYS F 289 28.48 -0.74 25.35
C CYS F 289 27.55 -1.79 25.94
N THR F 290 26.94 -1.43 27.07
CA THR F 290 26.04 -2.34 27.73
C THR F 290 24.93 -1.71 28.58
N ARG F 291 23.87 -2.48 28.77
CA ARG F 291 22.78 -2.15 29.68
C ARG F 291 22.69 -3.30 30.70
N PRO F 292 23.46 -3.26 31.79
CA PRO F 292 23.68 -4.36 32.71
C PRO F 292 22.56 -4.60 33.71
N ASN F 293 21.36 -4.84 33.21
CA ASN F 293 20.17 -5.05 34.02
C ASN F 293 19.38 -6.22 33.42
N ASN F 294 19.15 -7.31 34.19
CA ASN F 294 18.50 -8.52 33.70
C ASN F 294 16.97 -8.35 33.71
N ASN F 295 16.47 -7.51 32.79
CA ASN F 295 15.07 -7.13 32.64
C ASN F 295 14.20 -8.28 32.14
N THR F 296 13.02 -8.40 32.72
CA THR F 296 12.05 -9.39 32.28
C THR F 296 11.01 -8.72 31.42
N VAL F 297 10.73 -9.32 30.27
CA VAL F 297 9.74 -8.77 29.39
C VAL F 297 8.37 -9.37 29.61
N LYS F 298 7.39 -8.50 29.76
CA LYS F 298 6.02 -8.90 29.95
C LYS F 298 5.20 -8.50 28.75
N SER F 299 4.10 -9.19 28.55
CA SER F 299 3.24 -8.90 27.42
C SER F 299 1.78 -8.97 27.77
N ILE F 300 1.04 -7.97 27.31
CA ILE F 300 -0.40 -7.92 27.49
C ILE F 300 -1.01 -7.70 26.15
N ARG F 301 -2.27 -8.03 26.02
CA ARG F 301 -2.91 -7.75 24.76
C ARG F 301 -3.79 -6.54 24.94
N ILE F 302 -3.65 -5.59 24.03
CA ILE F 302 -4.39 -4.34 24.05
C ILE F 302 -5.70 -4.49 23.37
N GLY F 303 -5.67 -5.15 22.23
CA GLY F 303 -6.89 -5.27 21.46
C GLY F 303 -6.87 -6.48 20.54
N PRO F 304 -7.60 -6.47 19.44
CA PRO F 304 -7.84 -7.60 18.59
C PRO F 304 -6.58 -8.04 17.89
N GLY F 305 -5.81 -8.87 18.56
CA GLY F 305 -4.55 -9.40 18.06
C GLY F 305 -3.44 -8.39 18.17
N GLN F 306 -3.66 -7.40 19.00
CA GLN F 306 -2.72 -6.32 19.15
C GLN F 306 -1.91 -6.44 20.44
N ALA F 307 -0.69 -6.97 20.33
CA ALA F 307 0.17 -7.22 21.49
C ALA F 307 1.02 -6.01 21.87
N PHE F 308 1.29 -5.87 23.16
CA PHE F 308 2.18 -4.84 23.67
C PHE F 308 3.22 -5.39 24.62
N TYR F 309 4.47 -4.99 24.40
CA TYR F 309 5.55 -5.48 25.23
C TYR F 309 6.11 -4.38 26.10
N TYR F 310 6.28 -4.63 27.42
CA TYR F 310 6.67 -3.59 28.41
C TYR F 310 7.59 -4.05 29.56
N THR F 311 8.78 -3.51 29.83
CA THR F 311 9.66 -3.94 30.87
C THR F 311 8.87 -4.17 32.14
N GLY F 312 8.93 -5.35 32.67
CA GLY F 312 7.98 -5.63 33.75
C GLY F 312 8.56 -6.02 35.04
N ASP F 313 9.85 -6.34 35.07
CA ASP F 313 10.54 -6.62 36.35
C ASP F 313 12.04 -6.70 36.14
N ILE F 314 12.82 -6.26 37.11
CA ILE F 314 14.27 -6.22 36.91
C ILE F 314 14.99 -7.18 37.87
N ILE F 315 15.53 -8.31 37.38
CA ILE F 315 16.28 -9.23 38.21
C ILE F 315 17.63 -8.63 38.57
N GLY F 316 17.95 -8.66 39.86
CA GLY F 316 19.21 -8.09 40.32
C GLY F 316 19.03 -6.64 40.69
N ASP F 317 20.13 -5.91 40.80
CA ASP F 317 20.10 -4.53 41.24
C ASP F 317 20.01 -3.59 40.05
N ILE F 318 19.99 -2.28 40.30
CA ILE F 318 19.90 -1.36 39.17
C ILE F 318 21.17 -0.57 38.98
N ARG F 319 21.72 -0.68 37.78
CA ARG F 319 22.95 -0.02 37.44
C ARG F 319 22.80 0.84 36.18
N GLN F 320 23.67 1.82 36.05
CA GLN F 320 23.60 2.71 34.91
C GLN F 320 24.21 2.09 33.66
N ALA F 321 23.54 2.32 32.53
CA ALA F 321 24.04 1.87 31.24
C ALA F 321 25.30 2.64 30.95
N HIS F 322 26.25 2.03 30.28
CA HIS F 322 27.49 2.73 30.01
C HIS F 322 28.25 2.19 28.80
N CYS F 323 29.22 3.00 28.30
CA CYS F 323 30.16 2.64 27.22
C CYS F 323 31.60 2.85 27.67
N ASN F 324 32.44 1.92 27.24
CA ASN F 324 33.87 1.93 27.54
C ASN F 324 34.72 2.11 26.28
N VAL F 325 35.54 3.19 26.27
CA VAL F 325 36.50 3.50 25.22
C VAL F 325 37.85 3.44 25.90
N SER F 326 38.75 2.60 25.43
CA SER F 326 40.03 2.49 26.12
C SER F 326 40.76 3.80 26.04
N LYS F 327 41.46 4.19 27.11
CA LYS F 327 42.22 5.44 27.04
C LYS F 327 43.39 5.24 26.10
N ALA F 328 43.94 4.03 26.15
CA ALA F 328 45.13 3.66 25.39
C ALA F 328 44.96 3.85 23.88
N THR F 329 43.75 3.66 23.38
CA THR F 329 43.49 3.76 21.95
C THR F 329 42.65 4.97 21.63
N TRP F 330 42.52 5.88 22.57
CA TRP F 330 41.77 7.11 22.35
C TRP F 330 42.67 8.33 22.47
N ASN F 331 43.48 8.44 23.56
CA ASN F 331 44.32 9.61 23.86
C ASN F 331 45.40 9.85 22.77
N GLU F 332 45.95 8.77 22.16
CA GLU F 332 46.94 8.89 21.08
C GLU F 332 46.25 8.98 19.73
N THR F 333 45.12 8.28 19.58
CA THR F 333 44.38 8.27 18.31
C THR F 333 43.87 9.64 17.99
N LEU F 334 43.37 10.33 18.99
CA LEU F 334 42.87 11.66 18.77
C LEU F 334 43.98 12.57 18.27
N GLY F 335 45.24 12.30 18.60
CA GLY F 335 46.36 13.14 18.22
C GLY F 335 46.59 13.12 16.72
N LYS F 336 46.02 12.14 16.04
CA LYS F 336 46.18 12.05 14.60
C LYS F 336 45.14 12.93 13.94
N VAL F 337 44.06 13.24 14.66
CA VAL F 337 43.04 14.10 14.13
C VAL F 337 43.65 15.46 14.22
N VAL F 338 44.32 15.69 15.34
CA VAL F 338 44.98 16.94 15.60
C VAL F 338 46.10 17.17 14.59
N LYS F 339 46.91 16.15 14.31
CA LYS F 339 47.96 16.32 13.32
C LYS F 339 47.38 16.78 11.98
N GLN F 340 46.24 16.21 11.56
CA GLN F 340 45.62 16.65 10.32
C GLN F 340 45.00 18.06 10.44
N LEU F 341 44.43 18.40 11.59
CA LEU F 341 43.85 19.73 11.73
C LEU F 341 44.93 20.77 11.56
N ARG F 342 46.13 20.48 12.03
CA ARG F 342 47.27 21.39 11.96
C ARG F 342 47.75 21.65 10.53
N LYS F 343 47.27 20.90 9.54
CA LYS F 343 47.64 21.19 8.18
C LYS F 343 46.56 22.04 7.50
N HIS F 344 45.30 21.89 7.96
CA HIS F 344 44.19 22.67 7.39
C HIS F 344 44.11 24.06 8.00
N PHE F 345 44.54 24.15 9.25
CA PHE F 345 44.54 25.36 10.03
C PHE F 345 46.00 25.72 10.21
N GLY F 346 46.31 26.82 10.86
CA GLY F 346 47.71 27.13 11.03
C GLY F 346 48.35 26.16 12.00
N ASN F 347 49.66 25.96 11.88
CA ASN F 347 50.34 25.10 12.81
C ASN F 347 50.67 25.96 14.00
N ASN F 348 51.27 25.40 15.04
CA ASN F 348 51.64 26.18 16.22
C ASN F 348 50.43 26.96 16.70
N THR F 349 49.30 26.29 16.66
CA THR F 349 48.01 26.82 17.02
C THR F 349 47.43 25.94 18.07
N ILE F 350 46.86 26.57 19.08
CA ILE F 350 46.27 25.86 20.18
C ILE F 350 44.84 25.52 19.82
N ILE F 351 44.48 24.27 20.07
CA ILE F 351 43.12 23.86 19.80
C ILE F 351 42.54 23.22 21.06
N ARG F 352 41.22 23.16 21.12
CA ARG F 352 40.54 22.54 22.25
C ARG F 352 39.44 21.61 21.82
N PHE F 353 39.28 20.50 22.53
CA PHE F 353 38.11 19.67 22.32
C PHE F 353 37.19 19.85 23.50
N ALA F 354 36.02 20.36 23.22
CA ALA F 354 35.03 20.67 24.21
C ALA F 354 33.87 19.72 24.06
N GLN F 355 33.02 19.67 25.07
CA GLN F 355 31.88 18.82 24.98
C GLN F 355 30.87 19.45 24.08
N SER F 356 29.76 18.77 23.86
CA SER F 356 28.76 19.25 22.95
C SER F 356 28.00 20.45 23.49
N SER F 357 27.33 21.17 22.59
CA SER F 357 26.60 22.39 22.91
C SER F 357 25.27 22.26 23.62
N GLY F 358 24.62 21.11 23.56
CA GLY F 358 23.33 20.96 24.23
C GLY F 358 22.16 21.16 23.28
N GLY F 359 20.97 21.34 23.85
CA GLY F 359 19.78 21.35 23.03
C GLY F 359 19.19 19.95 23.08
N ASP F 360 18.56 19.52 22.02
CA ASP F 360 17.85 18.24 22.03
C ASP F 360 18.82 17.12 22.40
N LEU F 361 18.36 16.13 23.16
CA LEU F 361 19.29 15.08 23.58
C LEU F 361 19.88 14.37 22.37
N GLU F 362 19.06 14.20 21.36
CA GLU F 362 19.43 13.50 20.14
C GLU F 362 20.62 14.12 19.39
N VAL F 363 20.93 15.39 19.65
CA VAL F 363 22.03 16.04 18.96
C VAL F 363 23.13 16.43 19.94
N THR F 364 23.00 16.02 21.20
CA THR F 364 23.95 16.38 22.24
C THR F 364 24.78 15.17 22.61
N THR F 365 24.16 14.01 22.56
CA THR F 365 24.78 12.75 22.93
C THR F 365 25.08 11.82 21.79
N HIS F 366 25.82 10.79 22.11
CA HIS F 366 26.14 9.79 21.14
C HIS F 366 24.99 8.87 20.99
N SER F 367 24.14 9.18 20.04
CA SER F 367 23.00 8.35 19.80
C SER F 367 23.43 7.16 18.96
N PHE F 368 22.96 5.97 19.31
CA PHE F 368 23.16 4.76 18.49
C PHE F 368 22.19 3.63 18.81
N ASN F 369 22.07 2.70 17.87
CA ASN F 369 21.27 1.48 18.08
C ASN F 369 22.14 0.28 18.49
N CYS F 370 21.88 -0.32 19.70
CA CYS F 370 22.62 -1.46 20.26
C CYS F 370 21.65 -2.60 20.57
N GLY F 371 21.60 -3.57 19.67
CA GLY F 371 20.73 -4.72 19.86
C GLY F 371 19.26 -4.43 19.64
N GLY F 372 18.91 -3.32 19.00
CA GLY F 372 17.53 -2.96 18.84
C GLY F 372 17.09 -1.92 19.88
N GLU F 373 17.91 -1.66 20.90
CA GLU F 373 17.55 -0.67 21.90
C GLU F 373 18.33 0.61 21.69
N PHE F 374 17.67 1.74 21.88
CA PHE F 374 18.31 3.01 21.61
C PHE F 374 19.01 3.62 22.80
N PHE F 375 20.28 3.97 22.59
CA PHE F 375 21.14 4.58 23.58
C PHE F 375 21.44 6.02 23.27
N TYR F 376 21.53 6.81 24.33
CA TYR F 376 21.92 8.21 24.28
C TYR F 376 23.04 8.45 25.28
N CYS F 377 24.30 8.21 24.85
CA CYS F 377 25.47 8.19 25.72
C CYS F 377 26.21 9.52 25.78
N ASN F 378 26.64 9.87 26.96
CA ASN F 378 27.38 11.11 27.13
C ASN F 378 28.79 10.93 26.53
N THR F 379 29.36 12.00 25.91
CA THR F 379 30.71 12.03 25.29
C THR F 379 31.69 12.94 26.03
N SER F 380 31.32 13.38 27.22
CA SER F 380 32.16 14.33 27.94
C SER F 380 33.53 13.85 28.31
N GLY F 381 33.71 12.55 28.47
CA GLY F 381 35.01 11.99 28.81
C GLY F 381 35.88 11.78 27.59
N LEU F 382 35.34 11.98 26.40
CA LEU F 382 36.10 11.77 25.19
C LEU F 382 36.62 13.07 24.62
N PHE F 383 35.87 14.15 24.82
CA PHE F 383 36.24 15.46 24.27
C PHE F 383 36.34 16.56 25.32
N ASN F 384 37.40 16.47 26.17
CA ASN F 384 37.69 17.42 27.26
C ASN F 384 39.09 18.06 27.15
N SER F 385 40.08 17.36 26.53
CA SER F 385 41.48 17.75 26.47
C SER F 385 41.79 18.86 25.49
N THR F 386 42.96 19.45 25.67
CA THR F 386 43.42 20.48 24.80
C THR F 386 44.76 20.08 24.23
N TRP F 387 45.13 20.71 23.14
CA TRP F 387 46.38 20.35 22.50
C TRP F 387 47.28 21.54 22.23
N ILE F 388 48.56 21.30 22.34
CA ILE F 388 49.60 22.28 22.08
C ILE F 388 50.54 21.68 21.05
N SER F 389 51.34 22.51 20.37
CA SER F 389 52.31 21.95 19.42
C SER F 389 53.59 21.36 20.04
N ASN F 390 53.96 21.78 21.27
CA ASN F 390 55.14 21.32 22.01
C ASN F 390 54.73 20.11 22.86
N ASN F 402 45.30 -1.45 30.86
CA ASN F 402 45.44 -0.01 30.91
C ASN F 402 44.11 0.58 31.39
N ASP F 403 44.06 1.93 31.55
CA ASP F 403 42.88 2.71 31.97
C ASP F 403 41.80 2.78 30.89
N SER F 404 40.55 2.80 31.33
CA SER F 404 39.43 2.94 30.42
C SER F 404 38.71 4.22 30.72
N ILE F 405 38.06 4.77 29.71
CA ILE F 405 37.24 5.94 29.90
C ILE F 405 35.82 5.43 29.94
N THR F 406 35.15 5.62 31.06
CA THR F 406 33.79 5.11 31.18
C THR F 406 32.86 6.27 31.04
N LEU F 407 31.87 6.15 30.18
CA LEU F 407 30.93 7.22 30.04
C LEU F 407 29.55 6.69 30.37
N PRO F 408 28.71 7.46 31.08
CA PRO F 408 27.36 7.10 31.45
C PRO F 408 26.48 7.18 30.23
N CYS F 409 25.44 6.33 30.17
CA CYS F 409 24.42 6.30 29.13
C CYS F 409 23.02 6.29 29.72
N ARG F 410 22.11 6.92 28.99
CA ARG F 410 20.71 6.85 29.33
C ARG F 410 19.99 6.20 28.18
N ILE F 411 18.86 5.61 28.49
CA ILE F 411 18.06 4.90 27.51
C ILE F 411 16.66 5.41 27.38
N LYS F 412 16.21 5.55 26.15
CA LYS F 412 14.84 5.97 25.88
C LYS F 412 14.19 4.85 25.13
N GLN F 413 12.90 4.66 25.32
CA GLN F 413 12.22 3.68 24.53
C GLN F 413 11.41 4.44 23.51
N ILE F 414 10.89 5.59 23.91
CA ILE F 414 10.06 6.33 22.97
C ILE F 414 10.91 7.36 22.32
N ILE F 415 11.11 7.20 21.03
CA ILE F 415 11.97 8.10 20.30
C ILE F 415 11.37 8.63 19.03
N ASN F 416 11.93 9.74 18.60
CA ASN F 416 11.65 10.31 17.31
C ASN F 416 12.86 9.86 16.51
N MET F 417 12.65 8.85 15.68
CA MET F 417 13.72 8.14 14.96
C MET F 417 14.48 8.98 13.94
N TRP F 418 13.86 10.05 13.49
CA TRP F 418 14.41 10.91 12.47
C TRP F 418 14.12 12.33 12.85
N GLN F 419 14.53 13.26 12.03
CA GLN F 419 14.40 14.68 12.29
C GLN F 419 12.97 15.18 12.14
N ARG F 420 12.11 14.33 11.63
CA ARG F 420 10.70 14.62 11.44
C ARG F 420 10.04 14.48 12.79
N ILE F 421 8.94 15.19 13.03
CA ILE F 421 8.24 15.03 14.29
C ILE F 421 6.81 14.56 14.13
N GLY F 422 6.49 13.99 12.98
CA GLY F 422 5.16 13.49 12.65
C GLY F 422 5.00 11.99 12.89
N GLN F 423 6.02 11.36 13.45
CA GLN F 423 6.06 9.94 13.71
C GLN F 423 6.70 9.73 15.07
N ALA F 424 6.40 8.64 15.72
CA ALA F 424 7.09 8.31 16.96
C ALA F 424 7.04 6.81 17.13
N MET F 425 8.03 6.24 17.80
CA MET F 425 8.03 4.80 18.06
C MET F 425 8.51 4.44 19.45
N TYR F 426 7.94 3.38 19.99
CA TYR F 426 8.30 2.78 21.27
C TYR F 426 9.11 1.54 21.08
N ALA F 427 10.42 1.66 21.16
CA ALA F 427 11.22 0.49 20.90
C ALA F 427 10.82 -0.55 21.92
N PRO F 428 10.71 -1.82 21.55
CA PRO F 428 10.31 -2.87 22.44
C PRO F 428 11.44 -3.09 23.41
N PRO F 429 11.18 -3.67 24.57
CA PRO F 429 12.14 -4.06 25.57
C PRO F 429 12.88 -5.27 25.09
N ILE F 430 14.07 -5.49 25.60
CA ILE F 430 14.82 -6.69 25.26
C ILE F 430 15.01 -7.55 26.49
N GLN F 431 14.69 -8.82 26.36
CA GLN F 431 14.84 -9.76 27.47
C GLN F 431 16.29 -9.99 27.81
N GLY F 432 16.62 -9.85 29.10
CA GLY F 432 17.96 -10.09 29.58
C GLY F 432 18.89 -8.90 29.40
N VAL F 433 20.18 -9.18 29.43
CA VAL F 433 21.22 -8.17 29.40
C VAL F 433 21.82 -8.05 28.02
N ILE F 434 21.89 -6.83 27.52
CA ILE F 434 22.44 -6.61 26.20
C ILE F 434 23.84 -6.04 26.23
N ARG F 435 24.68 -6.59 25.38
CA ARG F 435 26.04 -6.13 25.19
C ARG F 435 26.34 -6.10 23.69
N CYS F 436 26.99 -5.02 23.20
CA CYS F 436 27.42 -4.86 21.81
C CYS F 436 28.82 -4.25 21.80
N VAL F 437 29.59 -4.68 20.82
CA VAL F 437 30.92 -4.18 20.60
C VAL F 437 30.99 -3.64 19.21
N SER F 438 31.43 -2.41 19.09
CA SER F 438 31.50 -1.79 17.78
C SER F 438 32.81 -1.02 17.61
N ASN F 439 33.14 -0.67 16.35
CA ASN F 439 34.35 0.09 15.99
C ASN F 439 34.00 1.56 15.70
N ILE F 440 34.73 2.49 16.36
CA ILE F 440 34.63 3.93 16.07
C ILE F 440 35.48 4.10 14.83
N THR F 441 34.86 4.60 13.79
CA THR F 441 35.50 4.73 12.49
C THR F 441 35.80 6.17 12.22
N GLY F 442 35.02 7.04 12.82
CA GLY F 442 35.23 8.45 12.57
C GLY F 442 34.39 9.34 13.46
N LEU F 443 34.67 10.62 13.36
CA LEU F 443 34.01 11.60 14.20
C LEU F 443 33.24 12.60 13.38
N ILE F 444 32.14 13.13 13.91
CA ILE F 444 31.56 14.28 13.23
C ILE F 444 31.80 15.48 14.12
N LEU F 445 32.63 16.41 13.65
CA LEU F 445 32.98 17.55 14.46
C LEU F 445 32.43 18.85 13.95
N THR F 446 32.16 19.76 14.86
CA THR F 446 31.76 21.11 14.53
C THR F 446 32.81 22.07 15.08
N ARG F 447 33.32 22.94 14.23
CA ARG F 447 34.28 23.92 14.70
C ARG F 447 33.46 25.11 15.14
N ASP F 448 33.84 25.77 16.23
CA ASP F 448 33.09 26.93 16.66
C ASP F 448 33.56 28.14 15.85
N GLY F 449 32.98 29.30 16.08
CA GLY F 449 33.36 30.48 15.31
C GLY F 449 34.04 31.56 16.13
N GLY F 450 34.23 32.72 15.51
CA GLY F 450 34.86 33.86 16.14
C GLY F 450 36.37 33.74 15.98
N SER F 451 37.09 34.81 16.32
CA SER F 451 38.55 34.75 16.23
C SER F 451 39.20 35.74 17.19
N THR F 452 40.01 35.20 18.09
CA THR F 452 40.79 36.02 19.02
C THR F 452 42.24 35.69 18.81
N ASN F 453 42.99 36.67 18.31
CA ASN F 453 44.43 36.54 18.01
C ASN F 453 44.71 35.32 17.13
N SER F 454 43.78 35.02 16.22
CA SER F 454 43.85 33.87 15.32
C SER F 454 44.21 32.55 16.03
N THR F 455 43.72 32.32 17.25
CA THR F 455 44.05 31.09 17.95
C THR F 455 42.88 30.49 18.76
N THR F 456 43.17 29.42 19.48
CA THR F 456 42.23 28.65 20.30
C THR F 456 41.04 28.14 19.50
N GLU F 457 41.30 27.28 18.53
CA GLU F 457 40.21 26.76 17.72
C GLU F 457 39.54 25.65 18.51
N THR F 458 38.25 25.79 18.76
CA THR F 458 37.52 24.80 19.55
C THR F 458 36.63 23.94 18.68
N PHE F 459 36.73 22.64 18.90
CA PHE F 459 35.95 21.65 18.18
C PHE F 459 35.05 20.90 19.16
N ARG F 460 33.84 20.58 18.71
CA ARG F 460 32.91 19.81 19.54
C ARG F 460 32.24 18.70 18.74
N PRO F 461 31.91 17.56 19.32
CA PRO F 461 31.11 16.55 18.69
C PRO F 461 29.77 17.15 18.42
N GLY F 462 29.17 16.81 17.30
CA GLY F 462 27.84 17.34 17.05
C GLY F 462 27.35 17.10 15.64
N GLY F 463 26.17 17.61 15.35
CA GLY F 463 25.54 17.47 14.05
C GLY F 463 24.38 16.49 14.17
N GLY F 464 23.17 16.97 13.89
CA GLY F 464 21.98 16.13 14.01
C GLY F 464 21.49 15.52 12.71
N ASP F 465 22.20 15.81 11.63
CA ASP F 465 21.81 15.33 10.32
C ASP F 465 22.49 14.01 10.06
N MET F 466 21.75 13.08 9.48
CA MET F 466 22.30 11.78 9.17
C MET F 466 22.85 11.67 7.77
N ARG F 467 22.73 12.70 6.96
CA ARG F 467 23.28 12.62 5.62
C ARG F 467 24.78 12.40 5.73
N ASP F 468 25.38 12.97 6.76
CA ASP F 468 26.81 12.88 7.02
C ASP F 468 27.27 11.45 7.22
N ASN F 469 26.37 10.57 7.65
CA ASN F 469 26.74 9.20 7.92
C ASN F 469 26.87 8.40 6.65
N TRP F 470 26.43 8.97 5.53
CA TRP F 470 26.53 8.27 4.28
C TRP F 470 27.53 9.04 3.44
N ARG F 471 27.65 10.34 3.68
CA ARG F 471 28.64 11.09 2.93
C ARG F 471 30.00 10.53 3.25
N SER F 472 30.18 10.08 4.49
CA SER F 472 31.43 9.53 4.97
C SER F 472 31.83 8.21 4.30
N GLU F 473 30.90 7.52 3.61
CA GLU F 473 31.23 6.27 2.91
C GLU F 473 31.04 6.30 1.39
N LEU F 474 30.12 7.14 0.91
CA LEU F 474 29.80 7.25 -0.52
C LEU F 474 30.70 8.24 -1.22
N TYR F 475 31.68 8.77 -0.52
CA TYR F 475 32.64 9.74 -1.05
C TYR F 475 33.47 9.16 -2.16
N LYS F 476 33.56 7.84 -2.23
CA LYS F 476 34.34 7.22 -3.26
C LYS F 476 33.56 6.99 -4.53
N TYR F 477 32.24 7.27 -4.55
CA TYR F 477 31.49 6.94 -5.74
C TYR F 477 30.78 8.07 -6.46
N LYS F 478 30.78 7.99 -7.79
CA LYS F 478 30.05 8.90 -8.67
C LYS F 478 29.23 8.16 -9.71
N VAL F 479 28.06 8.68 -10.03
CA VAL F 479 27.26 8.04 -11.07
C VAL F 479 27.39 8.75 -12.41
N VAL F 480 27.72 7.97 -13.45
CA VAL F 480 27.84 8.52 -14.79
C VAL F 480 26.98 7.79 -15.76
N LYS F 481 26.64 8.48 -16.84
CA LYS F 481 25.87 7.92 -17.92
C LYS F 481 26.81 7.66 -19.07
N ILE F 482 26.60 6.58 -19.76
CA ILE F 482 27.42 6.27 -20.90
C ILE F 482 26.66 6.64 -22.15
N GLU F 483 27.31 7.40 -23.03
CA GLU F 483 26.73 7.78 -24.29
C GLU F 483 27.61 7.21 -25.38
N PRO F 484 27.35 5.96 -25.82
CA PRO F 484 28.17 5.17 -26.69
C PRO F 484 28.19 5.68 -28.12
N LEU F 485 27.33 6.63 -28.46
CA LEU F 485 27.30 7.08 -29.84
C LEU F 485 28.20 8.28 -30.01
N GLY F 486 29.33 8.09 -30.68
CA GLY F 486 30.31 9.17 -30.82
C GLY F 486 30.53 9.55 -32.28
N VAL F 487 30.90 10.81 -32.53
CA VAL F 487 31.04 11.29 -33.93
C VAL F 487 32.49 11.66 -34.09
N ALA F 488 33.09 11.40 -35.24
CA ALA F 488 34.54 11.62 -35.36
C ALA F 488 34.96 11.86 -36.80
N PRO F 489 36.07 12.55 -37.09
CA PRO F 489 36.53 12.68 -38.45
C PRO F 489 37.32 11.48 -38.97
N THR F 490 37.18 11.16 -40.27
CA THR F 490 37.88 10.02 -40.86
C THR F 490 38.00 10.18 -42.37
N ARG F 491 38.40 9.10 -43.03
CA ARG F 491 38.51 9.06 -44.48
C ARG F 491 37.64 7.88 -44.97
N CYS F 492 36.69 8.14 -45.90
CA CYS F 492 35.79 7.14 -46.49
C CYS F 492 34.97 7.80 -47.61
N LEU G 9 0.50 -22.93 -40.46
CA LEU G 9 -0.05 -23.65 -39.31
C LEU G 9 -0.36 -22.72 -38.11
N GLY G 10 0.53 -21.75 -37.81
CA GLY G 10 0.43 -20.83 -36.68
C GLY G 10 1.63 -21.00 -35.77
N PHE G 11 1.66 -20.25 -34.69
CA PHE G 11 2.79 -20.21 -33.80
C PHE G 11 3.12 -21.59 -33.26
N LEU G 12 4.38 -21.98 -33.42
CA LEU G 12 4.91 -23.27 -33.01
C LEU G 12 4.27 -24.44 -33.71
N GLY G 13 3.58 -24.21 -34.81
CA GLY G 13 2.94 -25.28 -35.56
C GLY G 13 3.95 -26.31 -36.06
N ALA G 14 5.16 -25.87 -36.34
CA ALA G 14 6.21 -26.74 -36.83
C ALA G 14 7.22 -27.09 -35.74
N ALA G 15 6.91 -26.83 -34.47
CA ALA G 15 7.90 -27.07 -33.42
C ALA G 15 8.36 -28.50 -33.36
N GLY G 16 7.46 -29.42 -33.61
CA GLY G 16 7.78 -30.83 -33.60
C GLY G 16 8.24 -31.36 -34.93
N SER G 17 8.44 -30.50 -35.92
CA SER G 17 8.79 -31.00 -37.23
C SER G 17 10.27 -30.93 -37.53
N THR G 18 10.60 -31.45 -38.69
CA THR G 18 11.94 -31.54 -39.23
C THR G 18 12.58 -30.16 -39.33
N MET G 19 13.84 -30.03 -38.93
CA MET G 19 14.51 -28.72 -38.97
C MET G 19 14.43 -28.06 -40.34
N GLY G 20 14.63 -28.86 -41.39
CA GLY G 20 14.61 -28.38 -42.77
C GLY G 20 13.22 -27.94 -43.22
N ALA G 21 12.18 -28.35 -42.50
CA ALA G 21 10.81 -27.98 -42.81
C ALA G 21 10.45 -26.74 -42.02
N ALA G 22 10.90 -26.71 -40.76
CA ALA G 22 10.62 -25.65 -39.80
C ALA G 22 11.28 -24.36 -40.22
N SER G 23 12.32 -24.44 -41.04
CA SER G 23 12.98 -23.26 -41.54
C SER G 23 12.04 -22.45 -42.44
N MET G 24 10.92 -23.05 -42.88
CA MET G 24 9.96 -22.39 -43.74
C MET G 24 8.92 -21.60 -42.95
N THR G 25 9.02 -21.68 -41.62
CA THR G 25 8.12 -20.97 -40.72
C THR G 25 8.89 -20.01 -39.81
N LEU G 26 10.10 -19.61 -40.16
CA LEU G 26 10.86 -18.73 -39.27
C LEU G 26 10.17 -17.38 -39.04
N THR G 27 9.38 -16.90 -40.00
CA THR G 27 8.71 -15.64 -39.73
C THR G 27 7.51 -15.83 -38.80
N VAL G 28 7.05 -17.06 -38.64
CA VAL G 28 5.86 -17.35 -37.84
C VAL G 28 6.15 -17.14 -36.35
N GLN G 29 7.30 -17.61 -35.88
CA GLN G 29 7.61 -17.46 -34.46
C GLN G 29 8.31 -16.15 -34.20
N ALA G 30 8.52 -15.39 -35.24
CA ALA G 30 9.15 -14.11 -35.08
C ALA G 30 8.07 -13.07 -34.89
N ARG G 31 7.05 -13.15 -35.74
CA ARG G 31 6.00 -12.16 -35.80
C ARG G 31 5.25 -11.90 -34.52
N ASN G 32 5.02 -12.92 -33.70
CA ASN G 32 4.31 -12.69 -32.46
C ASN G 32 5.16 -12.97 -31.23
N LEU G 33 6.48 -12.88 -31.36
CA LEU G 33 7.33 -13.08 -30.19
C LEU G 33 7.07 -11.97 -29.20
N LEU G 34 6.98 -10.74 -29.71
CA LEU G 34 6.68 -9.56 -28.92
C LEU G 34 5.33 -9.01 -29.37
N SER G 35 4.28 -9.11 -28.52
CA SER G 35 2.90 -8.71 -28.84
C SER G 35 2.73 -7.19 -28.64
N GLY G 61 -1.56 -4.68 -10.37
CA GLY G 61 -1.21 -4.23 -11.70
C GLY G 61 0.30 -4.35 -12.06
N ILE G 62 1.19 -4.39 -11.05
CA ILE G 62 2.65 -4.48 -11.24
C ILE G 62 3.04 -5.79 -11.87
N LYS G 63 2.41 -6.87 -11.47
CA LYS G 63 2.71 -8.17 -12.06
C LYS G 63 2.40 -8.21 -13.56
N GLN G 64 1.55 -7.27 -14.04
CA GLN G 64 1.25 -7.26 -15.45
C GLN G 64 2.29 -6.37 -16.13
N LEU G 65 2.65 -5.26 -15.48
CA LEU G 65 3.63 -4.34 -16.06
C LEU G 65 4.97 -5.04 -16.18
N GLN G 66 5.28 -5.91 -15.22
CA GLN G 66 6.50 -6.67 -15.25
C GLN G 66 6.55 -7.59 -16.45
N ALA G 67 5.41 -8.13 -16.88
CA ALA G 67 5.40 -9.02 -18.01
C ALA G 67 5.62 -8.23 -19.28
N ARG G 68 5.07 -7.03 -19.31
CA ARG G 68 5.20 -6.19 -20.48
C ARG G 68 6.66 -5.78 -20.66
N VAL G 69 7.32 -5.42 -19.55
CA VAL G 69 8.72 -5.02 -19.57
C VAL G 69 9.62 -6.20 -19.85
N LEU G 70 9.36 -7.35 -19.23
CA LEU G 70 10.20 -8.51 -19.46
C LEU G 70 10.16 -8.93 -20.91
N ALA G 71 8.99 -8.93 -21.55
CA ALA G 71 8.93 -9.33 -22.93
C ALA G 71 9.78 -8.40 -23.78
N VAL G 72 9.76 -7.11 -23.47
CA VAL G 72 10.58 -6.18 -24.22
C VAL G 72 12.05 -6.43 -24.00
N GLU G 73 12.49 -6.65 -22.76
CA GLU G 73 13.92 -6.90 -22.55
C GLU G 73 14.37 -8.17 -23.25
N HIS G 74 13.54 -9.21 -23.24
CA HIS G 74 13.92 -10.45 -23.88
C HIS G 74 14.09 -10.22 -25.37
N TYR G 75 13.12 -9.55 -25.98
CA TYR G 75 13.17 -9.27 -27.39
C TYR G 75 14.42 -8.49 -27.75
N LEU G 76 14.71 -7.44 -26.99
CA LEU G 76 15.86 -6.62 -27.30
C LEU G 76 17.17 -7.28 -27.04
N ARG G 77 17.25 -8.21 -26.10
CA ARG G 77 18.52 -8.82 -25.87
C ARG G 77 18.88 -9.63 -27.11
N ASP G 78 17.89 -10.31 -27.71
CA ASP G 78 18.19 -11.04 -28.93
C ASP G 78 18.48 -10.11 -30.09
N GLN G 79 17.79 -8.97 -30.19
CA GLN G 79 18.09 -8.09 -31.30
C GLN G 79 19.47 -7.49 -31.16
N GLN G 80 19.90 -7.21 -29.94
CA GLN G 80 21.22 -6.67 -29.70
C GLN G 80 22.27 -7.63 -30.21
N LEU G 81 22.07 -8.92 -29.91
CA LEU G 81 23.02 -9.94 -30.31
C LEU G 81 23.04 -10.15 -31.81
N LEU G 82 21.87 -10.11 -32.46
CA LEU G 82 21.83 -10.23 -33.90
C LEU G 82 22.54 -9.02 -34.50
N GLY G 83 22.41 -7.87 -33.86
CA GLY G 83 23.07 -6.67 -34.31
C GLY G 83 24.58 -6.89 -34.33
N ILE G 84 25.11 -7.39 -33.22
CA ILE G 84 26.54 -7.66 -33.11
C ILE G 84 27.01 -8.65 -34.14
N TRP G 85 26.23 -9.67 -34.42
CA TRP G 85 26.63 -10.66 -35.40
C TRP G 85 26.37 -10.29 -36.86
N GLY G 86 25.82 -9.11 -37.13
CA GLY G 86 25.51 -8.72 -38.51
C GLY G 86 24.21 -9.33 -39.11
N CYS G 87 23.25 -9.71 -38.23
CA CYS G 87 21.97 -10.34 -38.54
C CYS G 87 20.81 -9.39 -38.24
N SER G 88 21.08 -8.11 -38.16
CA SER G 88 19.98 -7.22 -37.90
C SER G 88 19.06 -7.27 -39.11
N GLY G 89 17.80 -7.61 -38.89
CA GLY G 89 16.84 -7.71 -39.97
C GLY G 89 16.95 -9.01 -40.80
N LYS G 90 17.58 -10.06 -40.29
CA LYS G 90 17.69 -11.27 -41.09
C LYS G 90 17.13 -12.49 -40.37
N LEU G 91 16.58 -13.42 -41.13
CA LEU G 91 16.10 -14.67 -40.54
C LEU G 91 17.21 -15.70 -40.54
N ILE G 92 18.02 -15.68 -41.60
CA ILE G 92 19.09 -16.64 -41.76
C ILE G 92 20.40 -15.91 -42.08
N CYS G 93 21.50 -16.18 -41.32
CA CYS G 93 22.83 -15.56 -41.60
C CYS G 93 23.93 -16.57 -41.80
N CYS G 94 24.70 -16.35 -42.85
CA CYS G 94 25.87 -17.17 -43.09
C CYS G 94 27.03 -16.41 -42.45
N THR G 95 27.71 -17.04 -41.52
CA THR G 95 28.80 -16.39 -40.81
C THR G 95 30.12 -16.78 -41.44
N ASN G 96 31.19 -16.19 -40.94
CA ASN G 96 32.53 -16.48 -41.41
C ASN G 96 33.24 -17.45 -40.47
N VAL G 97 32.50 -18.23 -39.68
CA VAL G 97 33.21 -19.08 -38.69
C VAL G 97 32.98 -20.57 -38.90
N PRO G 98 34.02 -21.43 -38.94
CA PRO G 98 33.86 -22.84 -39.25
C PRO G 98 33.09 -23.63 -38.21
N TRP G 99 32.71 -24.88 -38.54
CA TRP G 99 31.93 -25.73 -37.60
C TRP G 99 32.83 -26.85 -37.06
N ASN G 100 33.18 -26.79 -35.78
CA ASN G 100 34.09 -27.79 -35.18
C ASN G 100 33.36 -29.11 -34.95
N SER G 101 33.91 -30.22 -35.45
CA SER G 101 33.22 -31.53 -35.35
C SER G 101 32.85 -31.79 -33.89
N SER G 102 33.70 -31.36 -32.95
CA SER G 102 33.41 -31.51 -31.51
C SER G 102 31.90 -31.37 -31.24
N TRP G 103 31.22 -30.49 -31.99
CA TRP G 103 29.77 -30.26 -31.74
C TRP G 103 28.83 -31.35 -32.30
N SER G 104 29.06 -31.90 -33.50
CA SER G 104 28.20 -33.02 -34.01
C SER G 104 28.96 -33.96 -34.97
N ASN G 105 28.48 -35.20 -35.07
CA ASN G 105 28.95 -36.09 -36.16
C ASN G 105 27.95 -35.67 -37.23
N ARG G 106 28.41 -35.31 -38.42
CA ARG G 106 27.44 -34.67 -39.34
C ARG G 106 27.14 -35.34 -40.66
N ASN G 107 25.85 -35.50 -40.96
CA ASN G 107 25.41 -35.94 -42.31
C ASN G 107 24.37 -34.88 -42.59
N LEU G 108 24.49 -34.15 -43.68
CA LEU G 108 23.55 -33.02 -43.82
C LEU G 108 22.16 -33.62 -43.68
N SER G 109 21.97 -34.84 -44.18
CA SER G 109 20.65 -35.49 -43.98
C SER G 109 20.40 -35.64 -42.48
N GLU G 110 21.41 -36.03 -41.73
CA GLU G 110 21.13 -36.29 -40.31
C GLU G 110 20.66 -34.99 -39.65
N ILE G 111 21.33 -33.87 -39.88
CA ILE G 111 20.99 -32.64 -39.12
C ILE G 111 19.68 -32.08 -39.58
N TRP G 112 19.48 -31.98 -40.87
CA TRP G 112 18.37 -31.18 -41.34
C TRP G 112 17.12 -31.96 -41.72
N ASP G 113 17.29 -33.19 -42.20
CA ASP G 113 16.15 -33.99 -42.61
C ASP G 113 15.67 -35.00 -41.57
N ASN G 114 16.58 -35.43 -40.70
CA ASN G 114 16.27 -36.50 -39.73
C ASN G 114 16.19 -36.09 -38.26
N MET G 115 16.09 -34.80 -38.00
CA MET G 115 15.99 -34.32 -36.62
C MET G 115 15.15 -33.04 -36.54
N THR G 116 14.46 -32.84 -35.42
CA THR G 116 13.65 -31.64 -35.19
C THR G 116 14.47 -30.58 -34.46
N TRP G 117 13.98 -29.34 -34.42
CA TRP G 117 14.73 -28.31 -33.70
C TRP G 117 14.75 -28.51 -32.20
N LEU G 118 13.71 -29.13 -31.64
CA LEU G 118 13.74 -29.34 -30.20
C LEU G 118 14.86 -30.31 -29.90
N GLN G 119 15.00 -31.35 -30.72
CA GLN G 119 16.03 -32.34 -30.50
C GLN G 119 17.43 -31.80 -30.72
N TRP G 120 17.53 -30.90 -31.67
CA TRP G 120 18.89 -30.40 -31.99
C TRP G 120 19.31 -29.56 -30.83
N ASP G 121 18.46 -28.63 -30.51
CA ASP G 121 18.90 -27.72 -29.47
C ASP G 121 19.34 -28.49 -28.24
N LYS G 122 18.66 -29.59 -27.90
CA LYS G 122 19.11 -30.34 -26.75
C LYS G 122 20.48 -30.99 -27.03
N GLU G 123 20.75 -31.49 -28.22
CA GLU G 123 22.10 -32.11 -28.35
C GLU G 123 23.20 -31.06 -28.23
N ILE G 124 23.01 -29.88 -28.79
CA ILE G 124 24.13 -28.89 -28.84
C ILE G 124 24.03 -27.95 -27.67
N SER G 125 23.21 -28.27 -26.66
CA SER G 125 23.00 -27.33 -25.53
C SER G 125 24.29 -26.96 -24.81
N ASN G 126 25.15 -27.92 -24.51
CA ASN G 126 26.34 -27.57 -23.69
C ASN G 126 27.26 -26.63 -24.43
N TYR G 127 27.53 -26.91 -25.70
CA TYR G 127 28.56 -26.10 -26.42
C TYR G 127 28.08 -24.66 -26.60
N THR G 128 26.84 -24.45 -27.02
CA THR G 128 26.30 -23.10 -27.35
C THR G 128 27.23 -21.94 -26.99
N GLN G 129 27.16 -21.39 -25.78
CA GLN G 129 27.92 -20.26 -25.31
C GLN G 129 29.22 -20.08 -26.08
N ILE G 130 29.84 -21.18 -26.47
CA ILE G 130 31.16 -20.99 -27.12
C ILE G 130 30.87 -20.46 -28.52
N ILE G 131 29.82 -20.98 -29.15
CA ILE G 131 29.60 -20.58 -30.56
C ILE G 131 29.33 -19.08 -30.54
N TYR G 132 28.43 -18.65 -29.66
CA TYR G 132 28.09 -17.25 -29.64
C TYR G 132 29.30 -16.39 -29.36
N GLY G 133 30.14 -16.85 -28.43
CA GLY G 133 31.32 -16.13 -28.02
C GLY G 133 32.35 -15.98 -29.12
N LEU G 134 32.79 -17.07 -29.72
CA LEU G 134 33.82 -16.88 -30.73
C LEU G 134 33.25 -16.23 -31.95
N LEU G 135 31.96 -16.42 -32.23
CA LEU G 135 31.38 -15.80 -33.39
C LEU G 135 31.48 -14.28 -33.27
N GLU G 136 31.05 -13.70 -32.15
CA GLU G 136 31.14 -12.24 -32.06
C GLU G 136 32.59 -11.76 -32.08
N GLU G 137 33.53 -12.60 -31.63
CA GLU G 137 34.94 -12.28 -31.67
C GLU G 137 35.52 -12.38 -33.11
N SER G 138 34.94 -13.25 -33.94
CA SER G 138 35.40 -13.47 -35.31
C SER G 138 34.80 -12.46 -36.29
N GLN G 139 33.80 -11.73 -35.85
CA GLN G 139 33.07 -10.71 -36.60
C GLN G 139 33.42 -9.27 -36.21
N ASN G 140 32.82 -8.27 -36.86
CA ASN G 140 32.99 -6.87 -36.44
C ASN G 140 34.40 -6.36 -36.48
N GLN G 141 35.11 -6.52 -35.40
CA GLN G 141 36.48 -6.03 -35.31
C GLN G 141 37.39 -6.74 -36.32
N GLN G 142 36.93 -7.89 -36.82
CA GLN G 142 37.62 -8.65 -37.85
C GLN G 142 37.00 -8.46 -39.25
N GLU G 143 35.99 -7.60 -39.36
CA GLU G 143 35.25 -7.38 -40.60
C GLU G 143 35.17 -5.91 -41.03
N LYS G 144 34.76 -5.06 -40.11
CA LYS G 144 34.52 -3.66 -40.39
C LYS G 144 35.82 -2.90 -40.35
N ASN G 145 36.77 -3.35 -39.56
CA ASN G 145 38.05 -2.67 -39.57
C ASN G 145 38.71 -2.99 -40.90
N GLU G 146 38.45 -4.22 -41.37
CA GLU G 146 39.02 -4.66 -42.63
C GLU G 146 38.37 -3.88 -43.75
N GLN G 147 37.08 -3.59 -43.63
CA GLN G 147 36.36 -2.79 -44.61
C GLN G 147 36.94 -1.38 -44.69
N ASP G 148 37.24 -0.74 -43.55
CA ASP G 148 37.79 0.61 -43.59
C ASP G 148 39.15 0.67 -44.24
N LEU G 149 39.92 -0.40 -44.11
CA LEU G 149 41.26 -0.46 -44.70
C LEU G 149 41.19 -0.51 -46.22
N LEU G 150 40.02 -0.80 -46.76
CA LEU G 150 39.80 -0.86 -48.20
C LEU G 150 39.05 0.36 -48.79
N ALA G 151 38.80 1.43 -47.98
CA ALA G 151 38.07 2.66 -48.36
C ALA G 151 39.07 3.79 -48.73
N LEU H 9 41.27 -5.52 -21.84
CA LEU H 9 40.42 -4.48 -21.30
C LEU H 9 38.98 -5.01 -21.14
N GLY H 10 38.27 -4.52 -20.09
CA GLY H 10 36.87 -4.82 -19.78
C GLY H 10 35.99 -3.64 -20.18
N PHE H 11 34.79 -3.59 -19.63
CA PHE H 11 33.83 -2.54 -19.96
C PHE H 11 34.39 -1.23 -19.48
N LEU H 12 34.43 -0.24 -20.37
CA LEU H 12 34.99 1.09 -20.13
C LEU H 12 36.50 1.07 -19.90
N GLY H 13 37.16 -0.05 -20.17
CA GLY H 13 38.59 -0.13 -19.98
C GLY H 13 39.32 0.81 -20.91
N ALA H 14 38.74 1.07 -22.07
CA ALA H 14 39.35 1.91 -23.06
C ALA H 14 39.09 3.39 -22.84
N ALA H 15 38.39 3.77 -21.78
CA ALA H 15 38.06 5.18 -21.60
C ALA H 15 39.30 6.08 -21.55
N GLY H 16 40.40 5.60 -21.02
CA GLY H 16 41.62 6.41 -20.94
C GLY H 16 42.56 6.18 -22.12
N SER H 17 42.13 5.39 -23.09
CA SER H 17 42.97 5.02 -24.20
C SER H 17 42.82 5.91 -25.41
N THR H 18 43.85 5.87 -26.22
CA THR H 18 43.91 6.58 -27.48
C THR H 18 42.72 6.19 -28.34
N MET H 19 42.09 7.17 -28.99
CA MET H 19 40.91 6.92 -29.81
C MET H 19 41.13 5.78 -30.80
N GLY H 20 42.30 5.72 -31.45
CA GLY H 20 42.54 4.66 -32.40
C GLY H 20 42.38 3.28 -31.75
N ALA H 21 43.13 3.01 -30.69
CA ALA H 21 43.04 1.72 -30.01
C ALA H 21 41.65 1.48 -29.42
N ALA H 22 41.04 2.52 -28.92
CA ALA H 22 39.74 2.40 -28.28
C ALA H 22 38.67 2.01 -29.30
N SER H 23 38.83 2.42 -30.55
CA SER H 23 37.84 2.11 -31.57
C SER H 23 37.85 0.62 -31.91
N MET H 24 38.87 -0.12 -31.46
CA MET H 24 38.93 -1.53 -31.77
C MET H 24 38.23 -2.40 -30.71
N THR H 25 37.64 -1.77 -29.68
CA THR H 25 36.95 -2.50 -28.62
C THR H 25 35.50 -2.09 -28.58
N LEU H 26 34.92 -1.68 -29.71
CA LEU H 26 33.55 -1.17 -29.67
C LEU H 26 32.53 -2.19 -29.17
N THR H 27 32.79 -3.48 -29.39
CA THR H 27 31.87 -4.49 -28.94
C THR H 27 31.82 -4.63 -27.44
N VAL H 28 32.85 -4.21 -26.68
CA VAL H 28 32.73 -4.40 -25.25
C VAL H 28 31.70 -3.45 -24.69
N GLN H 29 31.61 -2.26 -25.26
CA GLN H 29 30.64 -1.33 -24.76
C GLN H 29 29.27 -1.66 -25.30
N ALA H 30 29.20 -2.00 -26.58
CA ALA H 30 27.92 -2.26 -27.24
C ALA H 30 27.17 -3.41 -26.59
N ARG H 31 27.93 -4.40 -26.13
CA ARG H 31 27.47 -5.61 -25.47
C ARG H 31 26.74 -5.38 -24.15
N ASN H 32 27.11 -4.35 -23.40
CA ASN H 32 26.63 -4.14 -22.04
C ASN H 32 25.63 -2.99 -21.83
N LEU H 33 24.93 -2.59 -22.88
CA LEU H 33 23.98 -1.48 -22.78
C LEU H 33 22.57 -1.94 -22.40
N LEU H 34 22.38 -3.24 -22.28
CA LEU H 34 21.10 -3.82 -21.86
C LEU H 34 21.32 -4.75 -20.67
N SER H 35 20.29 -4.85 -19.79
CA SER H 35 20.20 -5.67 -18.57
C SER H 35 20.88 -7.05 -18.70
N GLY H 61 10.87 -0.74 -3.97
CA GLY H 61 10.41 -1.90 -4.71
C GLY H 61 10.16 -1.58 -6.20
N ILE H 62 9.41 -0.48 -6.47
CA ILE H 62 9.04 0.00 -7.83
C ILE H 62 10.22 0.59 -8.58
N LYS H 63 11.15 1.20 -7.87
CA LYS H 63 12.24 1.89 -8.53
C LYS H 63 13.08 0.99 -9.42
N GLN H 64 13.16 -0.30 -9.12
CA GLN H 64 13.95 -1.18 -9.98
C GLN H 64 13.28 -1.37 -11.33
N LEU H 65 11.95 -1.20 -11.39
CA LEU H 65 11.24 -1.40 -12.64
C LEU H 65 11.42 -0.14 -13.44
N GLN H 66 11.42 0.99 -12.74
CA GLN H 66 11.61 2.26 -13.40
C GLN H 66 13.02 2.31 -14.00
N ALA H 67 14.00 1.77 -13.26
CA ALA H 67 15.39 1.71 -13.70
C ALA H 67 15.55 0.84 -14.93
N ARG H 68 14.83 -0.29 -14.99
CA ARG H 68 14.90 -1.14 -16.16
C ARG H 68 14.29 -0.47 -17.37
N VAL H 69 13.19 0.26 -17.18
CA VAL H 69 12.57 0.96 -18.29
C VAL H 69 13.50 2.02 -18.81
N LEU H 70 14.19 2.75 -17.93
CA LEU H 70 15.14 3.75 -18.38
C LEU H 70 16.24 3.12 -19.21
N ALA H 71 16.81 2.00 -18.76
CA ALA H 71 17.89 1.39 -19.53
C ALA H 71 17.41 1.04 -20.93
N VAL H 72 16.18 0.54 -21.04
CA VAL H 72 15.65 0.19 -22.35
C VAL H 72 15.41 1.37 -23.22
N GLU H 73 14.78 2.42 -22.70
CA GLU H 73 14.52 3.54 -23.56
C GLU H 73 15.80 4.20 -24.04
N HIS H 74 16.81 4.28 -23.17
CA HIS H 74 18.07 4.90 -23.54
C HIS H 74 18.69 4.11 -24.68
N TYR H 75 18.73 2.78 -24.55
CA TYR H 75 19.27 1.94 -25.60
C TYR H 75 18.55 2.17 -26.92
N LEU H 76 17.22 2.16 -26.89
CA LEU H 76 16.48 2.31 -28.11
C LEU H 76 16.64 3.64 -28.75
N ARG H 77 16.81 4.70 -27.98
CA ARG H 77 16.94 5.99 -28.60
C ARG H 77 18.22 6.02 -29.45
N ASP H 78 19.32 5.45 -28.95
CA ASP H 78 20.53 5.45 -29.78
C ASP H 78 20.37 4.53 -30.98
N GLN H 79 19.69 3.40 -30.82
CA GLN H 79 19.55 2.52 -31.96
C GLN H 79 18.69 3.15 -33.03
N GLN H 80 17.65 3.88 -32.62
CA GLN H 80 16.81 4.52 -33.60
C GLN H 80 17.58 5.50 -34.41
N LEU H 81 18.42 6.28 -33.74
CA LEU H 81 19.13 7.30 -34.45
C LEU H 81 20.11 6.68 -35.45
N LEU H 82 20.81 5.60 -35.07
CA LEU H 82 21.69 4.96 -36.01
C LEU H 82 20.91 4.38 -37.18
N GLY H 83 19.73 3.83 -36.91
CA GLY H 83 18.94 3.27 -37.98
C GLY H 83 18.54 4.35 -38.98
N ILE H 84 18.14 5.51 -38.49
CA ILE H 84 17.73 6.60 -39.37
C ILE H 84 18.87 7.02 -40.26
N TRP H 85 20.07 7.07 -39.71
CA TRP H 85 21.28 7.44 -40.43
C TRP H 85 21.78 6.36 -41.40
N GLY H 86 21.14 5.20 -41.41
CA GLY H 86 21.58 4.10 -42.28
C GLY H 86 22.70 3.20 -41.73
N CYS H 87 22.89 3.15 -40.39
CA CYS H 87 23.91 2.39 -39.70
C CYS H 87 23.26 1.30 -38.83
N SER H 88 22.08 0.83 -39.21
CA SER H 88 21.50 -0.21 -38.40
C SER H 88 22.40 -1.43 -38.51
N GLY H 89 22.81 -1.98 -37.38
CA GLY H 89 23.66 -3.16 -37.38
C GLY H 89 25.14 -2.85 -37.54
N LYS H 90 25.52 -1.59 -37.63
CA LYS H 90 26.92 -1.30 -37.83
C LYS H 90 27.54 -0.71 -36.58
N LEU H 91 28.78 -1.06 -36.31
CA LEU H 91 29.49 -0.41 -35.23
C LEU H 91 30.29 0.75 -35.80
N ILE H 92 30.68 0.61 -37.05
CA ILE H 92 31.44 1.65 -37.71
C ILE H 92 30.69 2.09 -38.98
N CYS H 93 30.37 3.39 -39.11
CA CYS H 93 29.66 4.03 -40.22
C CYS H 93 30.58 4.63 -41.30
N CYS H 94 29.95 4.97 -42.41
CA CYS H 94 30.56 5.68 -43.51
C CYS H 94 29.46 6.65 -43.97
N THR H 95 29.84 7.86 -44.27
CA THR H 95 28.90 8.91 -44.65
C THR H 95 29.14 9.53 -46.00
N ASN H 96 28.25 10.46 -46.34
CA ASN H 96 28.34 11.26 -47.53
C ASN H 96 28.41 12.74 -47.16
N VAL H 97 28.46 12.99 -45.84
CA VAL H 97 28.44 14.39 -45.31
C VAL H 97 29.85 14.81 -44.97
N PRO H 98 30.52 15.74 -45.68
CA PRO H 98 31.92 16.01 -45.41
C PRO H 98 32.14 16.70 -44.07
N TRP H 99 33.39 16.78 -43.61
CA TRP H 99 33.70 17.42 -42.30
C TRP H 99 34.04 18.88 -42.51
N ASN H 100 33.15 19.80 -42.17
CA ASN H 100 33.57 21.22 -42.28
C ASN H 100 34.56 21.49 -41.16
N SER H 101 35.60 22.29 -41.43
CA SER H 101 36.70 22.48 -40.45
C SER H 101 36.21 23.29 -39.26
N SER H 102 35.03 23.88 -39.40
CA SER H 102 34.55 24.75 -38.31
C SER H 102 34.48 23.89 -37.05
N TRP H 103 34.10 22.63 -37.19
CA TRP H 103 33.93 21.76 -36.00
C TRP H 103 35.25 21.50 -35.26
N SER H 104 36.40 21.34 -35.93
CA SER H 104 37.67 21.17 -35.18
C SER H 104 38.90 21.77 -35.89
N ASN H 105 40.02 22.03 -35.17
CA ASN H 105 41.23 22.48 -35.81
C ASN H 105 42.42 21.54 -35.67
N ARG H 106 42.20 20.22 -35.78
CA ARG H 106 43.32 19.28 -35.50
C ARG H 106 43.63 18.37 -36.69
N ASN H 107 44.80 17.72 -36.69
CA ASN H 107 45.21 16.88 -37.84
C ASN H 107 44.42 15.59 -37.82
N LEU H 108 44.20 14.99 -38.99
CA LEU H 108 43.45 13.71 -39.09
C LEU H 108 44.23 12.59 -38.37
N SER H 109 45.56 12.65 -38.38
CA SER H 109 46.30 11.60 -37.63
C SER H 109 46.18 11.79 -36.12
N GLU H 110 46.33 13.03 -35.62
CA GLU H 110 46.31 13.18 -34.15
C GLU H 110 44.94 12.81 -33.58
N ILE H 111 43.86 13.24 -34.23
CA ILE H 111 42.49 12.97 -33.71
C ILE H 111 42.30 11.47 -33.72
N TRP H 112 43.41 10.74 -33.76
CA TRP H 112 43.41 9.30 -33.64
C TRP H 112 44.61 8.73 -32.86
N ASP H 113 45.77 9.40 -32.91
CA ASP H 113 46.94 8.86 -32.20
C ASP H 113 47.24 9.44 -30.82
N ASN H 114 46.90 10.72 -30.54
CA ASN H 114 47.26 11.26 -29.23
C ASN H 114 46.07 11.37 -28.29
N MET H 115 44.92 11.78 -28.82
CA MET H 115 43.74 12.02 -28.02
C MET H 115 42.98 10.78 -27.64
N THR H 116 42.27 10.88 -26.51
CA THR H 116 41.37 9.83 -26.04
C THR H 116 39.94 10.29 -26.32
N TRP H 117 38.97 9.38 -26.21
CA TRP H 117 37.60 9.76 -26.54
C TRP H 117 36.93 10.71 -25.55
N LEU H 118 37.33 10.69 -24.29
CA LEU H 118 36.65 11.57 -23.34
C LEU H 118 36.94 13.03 -23.68
N GLN H 119 38.20 13.33 -23.98
CA GLN H 119 38.56 14.71 -24.28
C GLN H 119 38.13 15.09 -25.68
N TRP H 120 37.99 14.10 -26.55
CA TRP H 120 37.53 14.55 -27.88
C TRP H 120 36.12 15.02 -27.67
N ASP H 121 35.31 14.13 -27.15
CA ASP H 121 33.91 14.48 -27.11
C ASP H 121 33.77 15.87 -26.51
N LYS H 122 34.61 16.22 -25.54
CA LYS H 122 34.50 17.55 -24.99
C LYS H 122 34.87 18.62 -26.02
N GLU H 123 35.83 18.39 -26.91
CA GLU H 123 36.10 19.48 -27.89
C GLU H 123 34.94 19.71 -28.86
N ILE H 124 34.13 18.69 -29.16
CA ILE H 124 33.09 18.88 -30.23
C ILE H 124 31.68 18.94 -29.68
N SER H 125 31.56 18.91 -28.35
CA SER H 125 30.23 18.93 -27.67
C SER H 125 29.38 20.03 -28.30
N ASN H 126 29.83 21.28 -28.23
CA ASN H 126 29.06 22.31 -28.95
C ASN H 126 29.22 21.92 -30.40
N TYR H 127 28.16 22.01 -31.20
CA TYR H 127 28.15 21.58 -32.62
C TYR H 127 27.70 20.13 -32.76
N THR H 128 27.70 19.33 -31.67
CA THR H 128 27.17 17.96 -31.86
C THR H 128 25.70 17.98 -32.26
N GLN H 129 24.90 18.90 -31.77
CA GLN H 129 23.47 18.81 -32.13
C GLN H 129 23.26 19.32 -33.56
N ILE H 130 24.34 19.61 -34.30
CA ILE H 130 24.20 19.97 -35.74
C ILE H 130 24.70 18.81 -36.62
N ILE H 131 25.81 18.16 -36.25
CA ILE H 131 26.38 17.12 -37.13
C ILE H 131 25.22 16.19 -37.26
N TYR H 132 24.53 16.01 -36.16
CA TYR H 132 23.45 15.06 -36.32
C TYR H 132 22.45 15.56 -37.35
N GLY H 133 22.16 16.86 -37.30
CA GLY H 133 21.21 17.43 -38.23
C GLY H 133 21.66 17.27 -39.68
N LEU H 134 22.92 17.60 -40.01
CA LEU H 134 23.38 17.57 -41.42
C LEU H 134 23.53 16.12 -41.82
N LEU H 135 24.01 15.31 -40.89
CA LEU H 135 24.29 13.94 -41.21
C LEU H 135 22.99 13.27 -41.60
N GLU H 136 21.96 13.52 -40.83
CA GLU H 136 20.69 12.91 -41.11
C GLU H 136 20.09 13.45 -42.40
N GLU H 137 20.21 14.75 -42.66
CA GLU H 137 19.57 15.27 -43.86
C GLU H 137 20.23 14.77 -45.12
N SER H 138 21.55 14.64 -45.11
CA SER H 138 22.21 14.18 -46.32
C SER H 138 22.15 12.67 -46.50
N GLN H 139 21.84 11.91 -45.44
CA GLN H 139 21.78 10.46 -45.55
C GLN H 139 20.43 9.95 -46.02
N ASN H 140 19.79 9.07 -45.27
CA ASN H 140 18.66 8.34 -45.86
C ASN H 140 17.50 9.12 -46.46
N GLN H 141 17.04 10.22 -45.91
CA GLN H 141 15.91 10.83 -46.62
C GLN H 141 16.31 11.43 -47.98
N GLN H 142 17.61 11.64 -48.21
CA GLN H 142 18.04 12.16 -49.49
C GLN H 142 18.54 11.04 -50.40
N GLU H 143 19.35 10.13 -49.85
CA GLU H 143 19.91 9.06 -50.65
C GLU H 143 18.88 8.09 -51.11
N LYS H 144 17.84 7.87 -50.30
CA LYS H 144 16.82 6.93 -50.66
C LYS H 144 15.93 7.48 -51.75
N ASN H 145 15.79 8.80 -51.82
CA ASN H 145 14.97 9.36 -52.86
C ASN H 145 15.76 9.20 -54.14
N GLU H 146 17.06 9.45 -54.07
CA GLU H 146 17.90 9.33 -55.24
C GLU H 146 17.90 7.89 -55.71
N GLN H 147 17.90 6.94 -54.77
CA GLN H 147 17.91 5.55 -55.16
C GLN H 147 16.63 5.15 -55.91
N ASP H 148 15.46 5.60 -55.45
CA ASP H 148 14.24 5.23 -56.20
C ASP H 148 14.25 5.80 -57.59
N LEU H 149 14.84 6.97 -57.76
CA LEU H 149 14.89 7.64 -59.06
C LEU H 149 15.83 6.91 -60.03
N LEU H 150 16.63 5.98 -59.51
CA LEU H 150 17.54 5.18 -60.30
C LEU H 150 17.08 3.70 -60.49
N ALA H 151 15.83 3.34 -60.10
CA ALA H 151 15.26 1.99 -60.17
C ALA H 151 14.23 1.88 -61.33
#